data_8PF3
#
_entry.id   8PF3
#
_cell.length_a   100.703
_cell.length_b   63.742
_cell.length_c   170.096
_cell.angle_alpha   90.00
_cell.angle_beta   97.75
_cell.angle_gamma   90.00
#
_symmetry.space_group_name_H-M   'P 1 21 1'
#
loop_
_entity.id
_entity.type
_entity.pdbx_description
1 polymer 'Trypanothione reductase'
2 non-polymer 'FLAVIN-ADENINE DINUCLEOTIDE'
3 non-polymer 4-[(3,4-dichlorophenyl)methyl]-~{N}-(4-fluorophenyl)-~{N}-[[5-[2-(4-fluorophenyl)ethylcarbamoyl]furan-2-yl]methyl]-4-(3-phenylpropyl)-1,4$l^{4}-diazinane-1-carboxamide
4 non-polymer DI(HYDROXYETHYL)ETHER
5 non-polymer IMIDAZOLE
6 water water
#
_entity_poly.entity_id   1
_entity_poly.type   'polypeptide(L)'
_entity_poly.pdbx_seq_one_letter_code
;GSHMSKAFDLVVIGAGSGGLEAGWNAATLYGKRVAVVDVQTSHGPPFYAALGGTCVNVGCVPKKLMVTGAQYMDHLRESA
GFGWEFDGSSVKANWKKLIAAKNEAVLDINKSYEGMFNDTEGLDFFLGWGSLESKNVVVVRETADPKSAVKERLQADHIL
LATGSWPQMPAIPGIEHCISSNEAFYLPEPPRRVLTVGGGFISVEFAGIFNAYKPPGGKVTLCYRNNLILRGFDETIREE
VTKQLTANGIEIMTNENPAKVSLNTDGSKHVTFESGKTLDVDVVMMAIGRIPRTNDLQLGNVGVKLTPKGGVQVDEFSRT
NVPNIYAIGDITDRLMLTPVAINEGAALVDTVFGNKPRKTDHTRVASAVFSIPPIGTCGLIEEVAAKEFEKVAVYMSSFT
PLMHNISGSKYKKFVAKIVTNHSDGTVLGVHLLGDGAPEIIQAVGVCLRLNAKISDFYNTIGVHPTSAEELCSMRTPSYY
YVKGEKMEKLPDSNL
;
_entity_poly.pdbx_strand_id   A,B,C,D
#
# COMPACT_ATOMS: atom_id res chain seq x y z
N HIS A 3 -2.90 34.78 -44.20
N HIS A 3 -0.22 36.20 -43.73
CA HIS A 3 -1.57 34.87 -43.50
CA HIS A 3 -1.15 35.12 -43.30
C HIS A 3 -1.79 35.19 -42.01
C HIS A 3 -1.46 35.24 -41.80
N MET A 4 -3.02 35.04 -41.52
N MET A 4 -2.74 35.13 -41.43
CA MET A 4 -3.38 35.26 -40.09
CA MET A 4 -3.22 35.32 -40.03
C MET A 4 -3.57 33.91 -39.39
C MET A 4 -3.53 33.95 -39.40
N SER A 5 -3.24 33.85 -38.11
CA SER A 5 -3.59 32.72 -37.22
C SER A 5 -5.12 32.60 -37.22
N LYS A 6 -5.61 31.43 -36.87
CA LYS A 6 -7.06 31.15 -36.74
C LYS A 6 -7.34 30.85 -35.25
N ALA A 7 -8.53 31.18 -34.81
CA ALA A 7 -8.98 31.08 -33.41
C ALA A 7 -10.02 29.97 -33.28
N PHE A 8 -9.94 29.17 -32.22
CA PHE A 8 -10.90 28.07 -31.95
C PHE A 8 -11.28 28.06 -30.47
N ASP A 9 -12.46 27.54 -30.14
CA ASP A 9 -12.81 27.15 -28.76
C ASP A 9 -11.89 26.02 -28.29
N LEU A 10 -11.61 25.08 -29.18
CA LEU A 10 -10.90 23.81 -28.88
C LEU A 10 -9.96 23.48 -30.01
N VAL A 11 -8.71 23.25 -29.68
CA VAL A 11 -7.74 22.63 -30.61
C VAL A 11 -7.36 21.25 -30.08
N VAL A 12 -7.49 20.23 -30.91
CA VAL A 12 -7.19 18.82 -30.59
C VAL A 12 -5.90 18.45 -31.32
N ILE A 13 -4.86 18.02 -30.61
CA ILE A 13 -3.62 17.51 -31.27
C ILE A 13 -3.74 16.00 -31.32
N GLY A 14 -4.02 15.48 -32.50
CA GLY A 14 -4.18 14.05 -32.78
C GLY A 14 -5.60 13.75 -33.22
N ALA A 15 -5.76 13.37 -34.48
CA ALA A 15 -7.04 13.00 -35.12
C ALA A 15 -7.27 11.50 -35.03
N GLY A 16 -7.11 10.92 -33.83
CA GLY A 16 -7.39 9.49 -33.59
C GLY A 16 -8.67 9.27 -32.80
N SER A 17 -8.76 8.11 -32.13
CA SER A 17 -10.02 7.62 -31.56
C SER A 17 -10.55 8.67 -30.57
N GLY A 18 -9.72 9.11 -29.63
CA GLY A 18 -10.14 10.11 -28.64
C GLY A 18 -10.35 11.51 -29.23
N GLY A 19 -9.42 11.99 -30.03
CA GLY A 19 -9.45 13.38 -30.54
C GLY A 19 -10.59 13.60 -31.51
N LEU A 20 -10.84 12.63 -32.38
CA LEU A 20 -11.99 12.73 -33.32
C LEU A 20 -13.30 12.72 -32.54
N GLU A 21 -13.45 11.88 -31.52
CA GLU A 21 -14.72 11.85 -30.76
C GLU A 21 -14.92 13.23 -30.12
N ALA A 22 -13.88 13.76 -29.46
CA ALA A 22 -13.94 15.05 -28.75
C ALA A 22 -14.28 16.16 -29.76
N GLY A 23 -13.56 16.22 -30.88
CA GLY A 23 -13.76 17.28 -31.88
C GLY A 23 -15.16 17.28 -32.45
N TRP A 24 -15.64 16.12 -32.92
CA TRP A 24 -16.98 15.94 -33.52
C TRP A 24 -18.06 16.38 -32.52
N ASN A 25 -17.97 15.89 -31.29
CA ASN A 25 -18.97 16.15 -30.24
C ASN A 25 -19.01 17.65 -29.92
N ALA A 26 -17.84 18.28 -29.76
CA ALA A 26 -17.75 19.72 -29.40
C ALA A 26 -18.39 20.57 -30.51
N ALA A 27 -18.18 20.21 -31.76
CA ALA A 27 -18.67 21.02 -32.90
C ALA A 27 -20.17 20.75 -33.12
N THR A 28 -20.60 19.48 -33.16
CA THR A 28 -21.97 19.13 -33.63
C THR A 28 -22.97 19.13 -32.48
N LEU A 29 -22.57 18.80 -31.26
CA LEU A 29 -23.49 18.82 -30.09
C LEU A 29 -23.50 20.21 -29.46
N TYR A 30 -22.40 20.96 -29.44
CA TYR A 30 -22.36 22.21 -28.62
C TYR A 30 -21.99 23.44 -29.46
N GLY A 31 -21.95 23.33 -30.79
CA GLY A 31 -21.66 24.45 -31.74
C GLY A 31 -20.32 25.13 -31.46
N LYS A 32 -19.30 24.41 -31.02
CA LYS A 32 -17.98 25.03 -30.72
C LYS A 32 -17.17 25.04 -32.02
N ARG A 33 -16.24 25.97 -32.16
CA ARG A 33 -15.27 26.00 -33.29
C ARG A 33 -14.11 25.11 -32.89
N VAL A 34 -13.83 24.08 -33.68
CA VAL A 34 -12.85 23.02 -33.35
C VAL A 34 -11.79 22.95 -34.45
N ALA A 35 -10.52 22.82 -34.05
CA ALA A 35 -9.40 22.47 -34.95
C ALA A 35 -8.86 21.12 -34.50
N VAL A 36 -8.57 20.25 -35.44
CA VAL A 36 -7.90 18.96 -35.20
C VAL A 36 -6.67 18.91 -36.08
N VAL A 37 -5.54 18.55 -35.51
CA VAL A 37 -4.23 18.44 -36.21
C VAL A 37 -3.85 16.96 -36.29
N ASP A 38 -3.36 16.53 -37.43
CA ASP A 38 -2.65 15.22 -37.56
C ASP A 38 -1.61 15.34 -38.67
N VAL A 39 -0.68 14.43 -38.67
CA VAL A 39 0.58 14.48 -39.46
C VAL A 39 0.36 13.91 -40.85
N GLN A 40 -0.74 13.19 -41.11
CA GLN A 40 -0.93 12.47 -42.40
C GLN A 40 -2.41 12.26 -42.63
N THR A 41 -2.85 12.32 -43.88
CA THR A 41 -4.28 12.25 -44.27
C THR A 41 -4.64 10.79 -44.56
N SER A 42 -3.68 9.92 -44.85
CA SER A 42 -3.98 8.50 -45.13
C SER A 42 -2.88 7.62 -44.55
N HIS A 43 -3.20 6.35 -44.41
CA HIS A 43 -2.39 5.34 -43.67
C HIS A 43 -1.06 5.11 -44.36
N GLY A 44 -0.09 4.61 -43.61
CA GLY A 44 1.13 3.95 -44.11
C GLY A 44 2.39 4.78 -43.87
N PRO A 45 3.53 4.30 -44.37
CA PRO A 45 4.76 5.07 -44.24
C PRO A 45 4.56 6.46 -44.82
N PRO A 46 5.29 7.50 -44.38
CA PRO A 46 6.29 7.37 -43.32
C PRO A 46 5.79 7.40 -41.86
N PHE A 47 4.60 7.90 -41.56
CA PHE A 47 4.20 8.13 -40.14
C PHE A 47 3.18 7.10 -39.64
N TYR A 48 2.65 6.25 -40.54
CA TYR A 48 1.87 5.03 -40.27
C TYR A 48 0.48 5.41 -39.77
N ALA A 49 0.41 5.96 -38.56
CA ALA A 49 -0.84 6.56 -38.03
C ALA A 49 -1.13 7.82 -38.81
N ALA A 50 -2.40 8.18 -38.87
CA ALA A 50 -2.92 9.26 -39.70
C ALA A 50 -4.32 9.63 -39.20
N LEU A 51 -4.97 10.50 -39.94
CA LEU A 51 -6.41 10.77 -39.79
C LEU A 51 -7.15 9.45 -39.49
N GLY A 52 -7.80 9.39 -38.32
CA GLY A 52 -8.52 8.22 -37.82
C GLY A 52 -7.79 7.54 -36.69
N GLY A 53 -6.48 7.76 -36.57
CA GLY A 53 -5.70 7.28 -35.43
C GLY A 53 -5.04 5.94 -35.68
N THR A 54 -4.52 5.36 -34.61
CA THR A 54 -3.72 4.12 -34.63
C THR A 54 -4.67 2.99 -34.98
N CYS A 55 -5.87 3.05 -34.42
CA CYS A 55 -6.91 2.01 -34.53
C CYS A 55 -7.27 1.77 -36.00
N VAL A 56 -7.67 2.83 -36.71
CA VAL A 56 -8.04 2.79 -38.15
C VAL A 56 -6.84 2.38 -39.00
N ASN A 57 -5.64 2.88 -38.72
CA ASN A 57 -4.56 2.91 -39.73
C ASN A 57 -3.63 1.71 -39.57
N VAL A 58 -3.20 1.44 -38.34
CA VAL A 58 -2.15 0.44 -37.99
C VAL A 58 -2.48 -0.22 -36.64
N GLY A 59 -3.75 -0.56 -36.42
CA GLY A 59 -4.25 -1.10 -35.15
C GLY A 59 -5.45 -2.00 -35.34
N CYS A 60 -6.48 -1.80 -34.53
CA CYS A 60 -7.74 -2.62 -34.41
C CYS A 60 -8.23 -3.03 -35.81
N VAL A 61 -8.48 -2.07 -36.70
CA VAL A 61 -9.26 -2.33 -37.93
C VAL A 61 -8.46 -3.23 -38.87
N PRO A 62 -7.21 -2.87 -39.27
CA PRO A 62 -6.44 -3.76 -40.13
C PRO A 62 -6.04 -5.08 -39.47
N LYS A 63 -5.68 -5.12 -38.18
CA LYS A 63 -5.28 -6.40 -37.55
C LYS A 63 -6.46 -7.38 -37.58
N LYS A 64 -7.67 -6.90 -37.35
CA LYS A 64 -8.89 -7.73 -37.29
C LYS A 64 -9.15 -8.31 -38.69
N LEU A 65 -9.02 -7.50 -39.75
CA LEU A 65 -9.17 -8.00 -41.14
C LEU A 65 -8.11 -9.08 -41.39
N MET A 66 -6.91 -8.90 -40.87
CA MET A 66 -5.80 -9.83 -41.11
C MET A 66 -5.99 -11.11 -40.29
N VAL A 67 -6.51 -11.05 -39.06
CA VAL A 67 -6.83 -12.25 -38.24
C VAL A 67 -8.01 -12.98 -38.90
N THR A 68 -8.97 -12.25 -39.42
CA THR A 68 -10.10 -12.86 -40.17
C THR A 68 -9.52 -13.68 -41.33
N GLY A 69 -8.59 -13.12 -42.09
CA GLY A 69 -7.90 -13.84 -43.18
C GLY A 69 -7.19 -15.07 -42.68
N ALA A 70 -6.55 -14.99 -41.52
CA ALA A 70 -5.73 -16.09 -40.96
C ALA A 70 -6.62 -17.25 -40.47
N GLN A 71 -7.84 -16.96 -39.99
CA GLN A 71 -8.82 -17.96 -39.48
C GLN A 71 -9.17 -18.98 -40.57
N TYR A 72 -9.11 -18.61 -41.85
CA TYR A 72 -9.43 -19.47 -43.00
C TYR A 72 -8.47 -20.66 -43.04
N MET A 73 -7.27 -20.58 -42.43
CA MET A 73 -6.37 -21.76 -42.35
C MET A 73 -7.07 -22.82 -41.50
N ASP A 74 -7.62 -22.40 -40.36
CA ASP A 74 -8.42 -23.30 -39.50
C ASP A 74 -9.65 -23.75 -40.29
N HIS A 75 -10.42 -22.83 -40.90
CA HIS A 75 -11.71 -23.15 -41.55
C HIS A 75 -11.51 -24.21 -42.64
N LEU A 76 -10.54 -24.01 -43.55
CA LEU A 76 -10.21 -24.93 -44.67
C LEU A 76 -9.91 -26.33 -44.13
N ARG A 77 -9.04 -26.46 -43.13
CA ARG A 77 -8.71 -27.76 -42.51
C ARG A 77 -9.93 -28.35 -41.77
N GLU A 78 -10.67 -27.54 -40.99
CA GLU A 78 -11.78 -28.03 -40.12
C GLU A 78 -12.99 -28.47 -40.96
N SER A 79 -13.15 -27.93 -42.16
CA SER A 79 -14.22 -28.28 -43.13
C SER A 79 -14.26 -29.80 -43.42
N ALA A 80 -13.11 -30.49 -43.49
CA ALA A 80 -12.99 -31.92 -43.87
C ALA A 80 -13.86 -32.80 -42.96
N GLY A 81 -13.81 -32.61 -41.64
CA GLY A 81 -14.66 -33.34 -40.67
C GLY A 81 -16.15 -33.22 -40.95
N PHE A 82 -16.62 -32.19 -41.65
CA PHE A 82 -18.06 -31.98 -41.93
C PHE A 82 -18.37 -32.43 -43.35
N GLY A 83 -17.42 -33.08 -44.01
CA GLY A 83 -17.65 -33.73 -45.31
C GLY A 83 -17.17 -32.87 -46.47
N TRP A 84 -16.51 -31.74 -46.21
CA TRP A 84 -15.97 -30.93 -47.34
C TRP A 84 -14.71 -31.60 -47.89
N GLU A 85 -14.65 -31.70 -49.21
CA GLU A 85 -13.53 -32.31 -49.96
C GLU A 85 -13.08 -31.29 -50.99
N PHE A 86 -11.76 -31.16 -51.15
CA PHE A 86 -11.10 -30.33 -52.18
C PHE A 86 -9.62 -30.71 -52.19
N ASP A 87 -8.89 -30.20 -53.18
CA ASP A 87 -7.45 -30.52 -53.38
C ASP A 87 -6.64 -29.71 -52.35
N GLY A 88 -6.31 -30.33 -51.22
CA GLY A 88 -5.50 -29.75 -50.12
C GLY A 88 -4.14 -29.30 -50.60
N SER A 89 -3.59 -29.97 -51.61
CA SER A 89 -2.26 -29.67 -52.17
C SER A 89 -2.29 -28.33 -52.94
N SER A 90 -3.45 -27.92 -53.47
CA SER A 90 -3.61 -26.67 -54.25
C SER A 90 -3.70 -25.42 -53.34
N VAL A 91 -3.79 -25.56 -52.00
CA VAL A 91 -4.15 -24.44 -51.09
C VAL A 91 -2.95 -23.50 -50.94
N LYS A 92 -3.11 -22.22 -51.30
N LYS A 92 -3.12 -22.21 -51.25
CA LYS A 92 -2.06 -21.17 -51.09
CA LYS A 92 -2.05 -21.19 -51.08
C LYS A 92 -2.67 -19.97 -50.36
C LYS A 92 -2.64 -19.94 -50.39
N ALA A 93 -1.89 -19.38 -49.45
CA ALA A 93 -2.20 -18.11 -48.76
C ALA A 93 -1.40 -17.01 -49.45
N ASN A 94 -2.09 -16.10 -50.14
CA ASN A 94 -1.51 -14.95 -50.88
C ASN A 94 -1.58 -13.71 -49.97
N TRP A 95 -0.48 -13.45 -49.29
CA TRP A 95 -0.30 -12.27 -48.41
C TRP A 95 -0.52 -10.94 -49.15
N LYS A 96 -0.07 -10.81 -50.40
CA LYS A 96 -0.16 -9.54 -51.18
C LYS A 96 -1.64 -9.18 -51.41
N LYS A 97 -2.51 -10.15 -51.67
CA LYS A 97 -3.95 -9.85 -51.84
CA LYS A 97 -3.95 -9.88 -51.83
C LYS A 97 -4.54 -9.43 -50.48
N LEU A 98 -4.18 -10.09 -49.40
CA LEU A 98 -4.64 -9.71 -48.04
C LEU A 98 -4.25 -8.24 -47.80
N ILE A 99 -2.98 -7.91 -47.97
CA ILE A 99 -2.43 -6.56 -47.66
C ILE A 99 -3.09 -5.54 -48.57
N ALA A 100 -3.28 -5.84 -49.85
CA ALA A 100 -3.97 -4.92 -50.79
C ALA A 100 -5.44 -4.73 -50.38
N ALA A 101 -6.15 -5.78 -49.96
CA ALA A 101 -7.56 -5.67 -49.51
C ALA A 101 -7.63 -4.81 -48.23
N LYS A 102 -6.78 -5.05 -47.24
CA LYS A 102 -6.69 -4.25 -45.99
C LYS A 102 -6.45 -2.78 -46.35
N ASN A 103 -5.50 -2.50 -47.25
CA ASN A 103 -5.09 -1.12 -47.62
C ASN A 103 -6.28 -0.37 -48.22
N GLU A 104 -7.06 -1.01 -49.10
CA GLU A 104 -8.22 -0.31 -49.72
CA GLU A 104 -8.27 -0.40 -49.73
C GLU A 104 -9.29 -0.06 -48.65
N ALA A 105 -9.51 -1.01 -47.73
CA ALA A 105 -10.52 -0.81 -46.66
C ALA A 105 -10.08 0.37 -45.78
N VAL A 106 -8.80 0.45 -45.42
CA VAL A 106 -8.28 1.54 -44.54
C VAL A 106 -8.35 2.87 -45.29
N LEU A 107 -7.89 2.93 -46.54
CA LEU A 107 -7.94 4.17 -47.36
C LEU A 107 -9.39 4.65 -47.43
N ASP A 108 -10.37 3.76 -47.59
CA ASP A 108 -11.81 4.16 -47.67
CA ASP A 108 -11.81 4.13 -47.66
C ASP A 108 -12.23 4.87 -46.38
N ILE A 109 -11.73 4.45 -45.22
CA ILE A 109 -12.03 5.12 -43.92
C ILE A 109 -11.30 6.49 -43.87
N ASN A 110 -10.03 6.54 -44.27
CA ASN A 110 -9.24 7.81 -44.38
C ASN A 110 -10.06 8.80 -45.21
N LYS A 111 -10.55 8.34 -46.36
CA LYS A 111 -11.27 9.20 -47.33
C LYS A 111 -12.57 9.70 -46.71
N SER A 112 -13.29 8.87 -45.94
CA SER A 112 -14.58 9.32 -45.36
C SER A 112 -14.32 10.37 -44.26
N TYR A 113 -13.23 10.26 -43.47
CA TYR A 113 -12.90 11.23 -42.38
C TYR A 113 -12.53 12.57 -43.03
N GLU A 114 -11.68 12.53 -44.05
CA GLU A 114 -11.38 13.68 -44.94
C GLU A 114 -12.71 14.35 -45.33
N GLY A 115 -13.69 13.57 -45.75
CA GLY A 115 -14.99 14.11 -46.19
C GLY A 115 -15.72 14.81 -45.07
N MET A 116 -15.79 14.20 -43.88
CA MET A 116 -16.49 14.76 -42.69
C MET A 116 -15.92 16.16 -42.35
N PHE A 117 -14.62 16.35 -42.51
CA PHE A 117 -13.91 17.62 -42.20
C PHE A 117 -14.23 18.70 -43.25
N ASN A 118 -14.27 18.33 -44.52
CA ASN A 118 -14.55 19.26 -45.64
C ASN A 118 -16.03 19.70 -45.51
N ASP A 119 -16.85 19.00 -44.74
CA ASP A 119 -18.34 19.11 -44.78
C ASP A 119 -18.97 19.72 -43.53
N THR A 120 -18.33 19.63 -42.34
CA THR A 120 -18.97 19.94 -41.03
C THR A 120 -18.59 21.35 -40.56
N GLU A 121 -19.60 22.13 -40.18
CA GLU A 121 -19.52 23.51 -39.64
C GLU A 121 -18.64 23.53 -38.37
N GLY A 122 -17.58 24.34 -38.34
CA GLY A 122 -16.78 24.55 -37.13
C GLY A 122 -15.97 23.34 -36.72
N LEU A 123 -15.63 22.45 -37.66
CA LEU A 123 -14.73 21.29 -37.43
C LEU A 123 -13.71 21.23 -38.59
N ASP A 124 -12.50 21.75 -38.35
CA ASP A 124 -11.47 21.99 -39.39
C ASP A 124 -10.29 21.05 -39.12
N PHE A 125 -9.69 20.55 -40.19
CA PHE A 125 -8.50 19.68 -40.13
C PHE A 125 -7.29 20.47 -40.60
N PHE A 126 -6.19 20.37 -39.84
CA PHE A 126 -4.88 20.97 -40.17
C PHE A 126 -3.84 19.85 -40.24
N LEU A 127 -3.11 19.80 -41.34
CA LEU A 127 -2.06 18.79 -41.59
C LEU A 127 -0.73 19.30 -41.04
N GLY A 128 -0.10 18.53 -40.16
CA GLY A 128 1.27 18.83 -39.70
C GLY A 128 1.45 18.39 -38.28
N TRP A 129 2.51 18.86 -37.62
CA TRP A 129 2.92 18.44 -36.27
C TRP A 129 2.57 19.54 -35.28
N GLY A 130 1.62 19.24 -34.41
CA GLY A 130 1.12 20.17 -33.39
C GLY A 130 2.04 20.14 -32.20
N SER A 131 2.33 21.31 -31.63
CA SER A 131 3.06 21.46 -30.36
C SER A 131 2.53 22.68 -29.65
N LEU A 132 2.82 22.75 -28.35
CA LEU A 132 2.31 23.81 -27.46
C LEU A 132 3.35 24.95 -27.41
N GLU A 133 2.97 26.11 -27.89
CA GLU A 133 3.85 27.31 -27.83
C GLU A 133 3.55 28.01 -26.51
N SER A 134 2.26 28.17 -26.21
CA SER A 134 1.77 28.77 -24.95
C SER A 134 0.41 28.20 -24.63
N LYS A 135 -0.10 28.57 -23.45
CA LYS A 135 -1.38 28.15 -22.82
C LYS A 135 -2.50 28.18 -23.86
N ASN A 136 -2.45 29.10 -24.81
CA ASN A 136 -3.56 29.43 -25.72
C ASN A 136 -3.10 29.38 -27.18
N VAL A 137 -1.89 28.90 -27.50
CA VAL A 137 -1.45 28.84 -28.94
C VAL A 137 -0.89 27.46 -29.27
N VAL A 138 -1.48 26.79 -30.25
CA VAL A 138 -0.89 25.53 -30.78
C VAL A 138 -0.18 25.87 -32.09
N VAL A 139 1.05 25.42 -32.25
CA VAL A 139 1.81 25.71 -33.51
C VAL A 139 1.77 24.42 -34.32
N VAL A 140 1.51 24.53 -35.60
CA VAL A 140 1.57 23.38 -36.54
C VAL A 140 2.79 23.58 -37.44
N ARG A 141 3.73 22.64 -37.36
CA ARG A 141 5.02 22.65 -38.07
C ARG A 141 5.04 21.55 -39.13
N GLU A 142 5.98 21.68 -40.06
CA GLU A 142 6.15 20.76 -41.19
C GLU A 142 6.68 19.42 -40.67
N THR A 143 7.43 19.40 -39.57
CA THR A 143 7.94 18.10 -39.02
C THR A 143 7.94 18.16 -37.51
N ALA A 144 8.27 17.01 -36.92
CA ALA A 144 8.42 16.80 -35.47
C ALA A 144 9.55 17.67 -34.91
N ASP A 145 10.47 18.11 -35.76
CA ASP A 145 11.59 18.99 -35.33
C ASP A 145 11.01 20.35 -34.96
N PRO A 146 11.26 20.89 -33.74
CA PRO A 146 10.72 22.20 -33.36
C PRO A 146 11.32 23.38 -34.16
N LYS A 147 12.35 23.14 -34.98
CA LYS A 147 12.97 24.18 -35.85
C LYS A 147 12.35 24.16 -37.28
N SER A 148 11.52 23.15 -37.61
CA SER A 148 10.91 23.06 -38.96
C SER A 148 9.94 24.25 -39.13
N ALA A 149 9.50 24.50 -40.34
CA ALA A 149 8.74 25.71 -40.72
C ALA A 149 7.33 25.63 -40.11
N VAL A 150 6.81 26.79 -39.73
CA VAL A 150 5.45 26.96 -39.15
C VAL A 150 4.45 27.01 -40.31
N LYS A 151 3.49 26.09 -40.32
CA LYS A 151 2.39 26.05 -41.30
C LYS A 151 1.23 26.89 -40.74
N GLU A 152 0.93 26.81 -39.46
CA GLU A 152 -0.19 27.56 -38.88
C GLU A 152 0.11 27.83 -37.41
N ARG A 153 -0.57 28.84 -36.87
CA ARG A 153 -0.69 29.02 -35.41
C ARG A 153 -2.18 29.00 -35.12
N LEU A 154 -2.59 28.13 -34.20
CA LEU A 154 -4.01 27.97 -33.84
C LEU A 154 -4.24 28.53 -32.44
N GLN A 155 -4.99 29.62 -32.33
CA GLN A 155 -5.39 30.20 -31.02
CA GLN A 155 -5.39 30.19 -31.01
C GLN A 155 -6.49 29.30 -30.42
N ALA A 156 -6.34 28.88 -29.17
CA ALA A 156 -7.23 27.89 -28.52
C ALA A 156 -7.59 28.34 -27.11
N ASP A 157 -8.87 28.45 -26.77
CA ASP A 157 -9.33 28.62 -25.36
C ASP A 157 -9.05 27.33 -24.59
N HIS A 158 -9.19 26.17 -25.25
CA HIS A 158 -9.00 24.86 -24.62
C HIS A 158 -8.15 24.00 -25.54
N ILE A 159 -7.21 23.21 -25.00
CA ILE A 159 -6.29 22.37 -25.83
C ILE A 159 -6.42 20.92 -25.37
N LEU A 160 -6.69 20.02 -26.29
CA LEU A 160 -6.74 18.57 -26.00
C LEU A 160 -5.51 17.89 -26.59
N LEU A 161 -4.73 17.20 -25.75
CA LEU A 161 -3.60 16.34 -26.19
C LEU A 161 -4.15 14.91 -26.38
N ALA A 162 -4.07 14.37 -27.60
CA ALA A 162 -4.58 13.02 -27.95
C ALA A 162 -3.70 12.40 -29.03
N THR A 163 -2.40 12.40 -28.79
CA THR A 163 -1.35 11.99 -29.75
C THR A 163 -1.03 10.50 -29.62
N GLY A 164 -1.73 9.79 -28.73
CA GLY A 164 -1.64 8.31 -28.61
C GLY A 164 -0.28 7.82 -28.20
N SER A 165 0.13 6.65 -28.68
CA SER A 165 1.39 5.98 -28.28
C SER A 165 2.18 5.55 -29.53
N TRP A 166 3.32 4.89 -29.28
CA TRP A 166 4.29 4.49 -30.31
C TRP A 166 4.99 3.21 -29.88
N PRO A 167 5.42 2.30 -30.80
CA PRO A 167 6.11 1.08 -30.39
C PRO A 167 7.38 1.43 -29.60
N GLN A 168 7.63 0.68 -28.54
CA GLN A 168 8.91 0.72 -27.79
C GLN A 168 9.89 -0.26 -28.43
N MET A 169 11.10 0.22 -28.73
CA MET A 169 12.24 -0.58 -29.23
C MET A 169 13.32 -0.68 -28.14
N PRO A 170 13.71 -1.88 -27.68
CA PRO A 170 14.77 -2.02 -26.68
C PRO A 170 16.10 -1.59 -27.29
N ALA A 171 17.02 -1.08 -26.47
CA ALA A 171 18.36 -0.64 -26.88
C ALA A 171 19.26 -1.87 -26.87
N ILE A 172 19.17 -2.70 -27.91
CA ILE A 172 20.05 -3.87 -28.11
C ILE A 172 20.88 -3.62 -29.36
N PRO A 173 22.10 -4.17 -29.42
CA PRO A 173 22.87 -4.21 -30.67
C PRO A 173 22.08 -4.92 -31.78
N GLY A 174 22.01 -4.25 -32.93
CA GLY A 174 21.28 -4.73 -34.12
C GLY A 174 19.79 -4.42 -34.07
N ILE A 175 19.35 -3.50 -33.20
CA ILE A 175 17.91 -3.09 -33.11
C ILE A 175 17.45 -2.61 -34.50
N GLU A 176 18.32 -1.99 -35.28
CA GLU A 176 18.00 -1.44 -36.62
C GLU A 176 17.66 -2.58 -37.61
N HIS A 177 17.94 -3.85 -37.31
CA HIS A 177 17.52 -4.99 -38.18
C HIS A 177 16.10 -5.45 -37.81
N CYS A 178 15.46 -4.86 -36.80
CA CYS A 178 14.13 -5.29 -36.25
C CYS A 178 13.05 -4.30 -36.67
N ILE A 179 11.80 -4.75 -36.69
CA ILE A 179 10.64 -3.88 -37.05
C ILE A 179 9.69 -3.87 -35.85
N SER A 180 8.61 -3.09 -35.95
CA SER A 180 7.50 -2.99 -34.98
C SER A 180 6.23 -3.47 -35.70
N SER A 181 5.08 -3.41 -35.05
CA SER A 181 3.76 -3.71 -35.68
C SER A 181 3.58 -2.82 -36.91
N ASN A 182 4.07 -1.57 -36.88
CA ASN A 182 3.83 -0.57 -37.94
C ASN A 182 4.33 -1.15 -39.26
N GLU A 183 5.57 -1.63 -39.31
CA GLU A 183 6.16 -2.15 -40.57
C GLU A 183 5.45 -3.47 -40.96
N ALA A 184 4.99 -4.23 -39.98
CA ALA A 184 4.42 -5.59 -40.20
C ALA A 184 3.20 -5.47 -41.13
N PHE A 185 2.48 -4.35 -41.03
CA PHE A 185 1.28 -4.08 -41.84
C PHE A 185 1.65 -3.92 -43.32
N TYR A 186 2.93 -3.71 -43.65
CA TYR A 186 3.33 -3.36 -45.04
C TYR A 186 4.43 -4.29 -45.57
N LEU A 187 4.76 -5.37 -44.89
CA LEU A 187 5.76 -6.33 -45.41
C LEU A 187 5.34 -6.72 -46.81
N PRO A 188 6.20 -6.53 -47.85
CA PRO A 188 5.81 -6.90 -49.22
C PRO A 188 5.51 -8.39 -49.40
N GLU A 189 6.20 -9.23 -48.63
CA GLU A 189 6.09 -10.71 -48.63
C GLU A 189 5.85 -11.17 -47.20
N PRO A 190 5.09 -12.26 -46.98
CA PRO A 190 4.97 -12.85 -45.65
C PRO A 190 6.28 -13.54 -45.30
N PRO A 191 6.84 -13.38 -44.08
CA PRO A 191 8.12 -14.01 -43.74
C PRO A 191 8.03 -15.53 -43.61
N ARG A 192 9.03 -16.23 -44.15
CA ARG A 192 9.17 -17.69 -43.97
C ARG A 192 9.38 -17.96 -42.48
N ARG A 193 10.30 -17.23 -41.86
CA ARG A 193 10.67 -17.41 -40.43
C ARG A 193 10.56 -16.05 -39.77
N VAL A 194 9.79 -15.99 -38.69
CA VAL A 194 9.55 -14.72 -37.96
C VAL A 194 9.65 -15.04 -36.49
N LEU A 195 10.38 -14.21 -35.76
CA LEU A 195 10.37 -14.08 -34.29
C LEU A 195 9.49 -12.88 -33.90
N THR A 196 8.42 -13.07 -33.10
CA THR A 196 7.63 -11.97 -32.50
C THR A 196 8.05 -11.91 -31.04
N VAL A 197 8.58 -10.76 -30.63
CA VAL A 197 9.18 -10.58 -29.29
C VAL A 197 8.14 -9.85 -28.45
N GLY A 198 7.68 -10.49 -27.37
CA GLY A 198 6.73 -9.94 -26.41
C GLY A 198 5.63 -10.93 -26.13
N GLY A 199 5.04 -10.81 -24.95
CA GLY A 199 4.00 -11.73 -24.46
C GLY A 199 2.61 -11.09 -24.48
N GLY A 200 2.47 -9.88 -25.03
CA GLY A 200 1.24 -9.09 -25.04
C GLY A 200 0.37 -9.46 -26.23
N PHE A 201 -0.81 -8.85 -26.31
CA PHE A 201 -1.85 -9.21 -27.32
C PHE A 201 -1.29 -8.98 -28.74
N ILE A 202 -0.43 -7.97 -28.92
CA ILE A 202 0.06 -7.56 -30.28
C ILE A 202 0.96 -8.66 -30.84
N SER A 203 1.92 -9.14 -30.04
CA SER A 203 2.82 -10.27 -30.38
C SER A 203 2.01 -11.55 -30.67
N VAL A 204 1.07 -11.87 -29.79
CA VAL A 204 0.19 -13.07 -29.94
C VAL A 204 -0.62 -12.94 -31.22
N GLU A 205 -1.23 -11.79 -31.45
CA GLU A 205 -2.15 -11.60 -32.62
C GLU A 205 -1.37 -11.77 -33.91
N PHE A 206 -0.18 -11.15 -33.99
CA PHE A 206 0.69 -11.19 -35.20
C PHE A 206 1.21 -12.62 -35.40
N ALA A 207 1.52 -13.32 -34.32
CA ALA A 207 2.04 -14.71 -34.38
C ALA A 207 1.01 -15.57 -35.14
N GLY A 208 -0.26 -15.39 -34.82
CA GLY A 208 -1.39 -16.08 -35.48
C GLY A 208 -1.47 -15.70 -36.96
N ILE A 209 -1.31 -14.42 -37.27
CA ILE A 209 -1.41 -13.92 -38.67
C ILE A 209 -0.24 -14.49 -39.49
N PHE A 210 0.98 -14.38 -38.96
CA PHE A 210 2.16 -14.84 -39.73
C PHE A 210 2.05 -16.36 -39.91
N ASN A 211 1.50 -17.06 -38.92
CA ASN A 211 1.44 -18.55 -38.92
C ASN A 211 0.51 -19.04 -40.05
N ALA A 212 -0.55 -18.32 -40.35
CA ALA A 212 -1.50 -18.73 -41.41
C ALA A 212 -0.92 -18.44 -42.80
N TYR A 213 -0.16 -17.35 -42.95
CA TYR A 213 0.25 -16.80 -44.27
C TYR A 213 1.69 -17.19 -44.60
N LYS A 214 2.37 -17.94 -43.74
CA LYS A 214 3.81 -18.28 -43.94
C LYS A 214 3.91 -19.23 -45.14
N PRO A 215 4.99 -19.08 -45.94
CA PRO A 215 5.26 -20.01 -47.03
C PRO A 215 5.52 -21.42 -46.51
N PRO A 216 5.47 -22.42 -47.42
CA PRO A 216 5.55 -23.85 -47.06
C PRO A 216 6.57 -24.29 -46.00
N GLY A 217 7.84 -23.88 -46.09
CA GLY A 217 8.85 -24.35 -45.11
C GLY A 217 8.82 -23.55 -43.81
N GLY A 218 7.77 -22.75 -43.57
CA GLY A 218 7.84 -21.60 -42.66
C GLY A 218 7.73 -22.00 -41.21
N LYS A 219 8.11 -21.10 -40.30
CA LYS A 219 8.01 -21.30 -38.84
C LYS A 219 7.87 -19.94 -38.13
N VAL A 220 6.85 -19.82 -37.27
CA VAL A 220 6.66 -18.62 -36.39
C VAL A 220 7.17 -18.96 -34.99
N THR A 221 8.03 -18.10 -34.43
CA THR A 221 8.47 -18.18 -33.03
C THR A 221 8.03 -16.92 -32.31
N LEU A 222 7.42 -17.10 -31.14
CA LEU A 222 7.10 -16.00 -30.19
C LEU A 222 8.03 -16.18 -29.00
N CYS A 223 8.70 -15.12 -28.55
CA CYS A 223 9.53 -15.18 -27.32
C CYS A 223 9.01 -14.15 -26.32
N TYR A 224 9.15 -14.48 -25.04
CA TYR A 224 8.72 -13.64 -23.90
C TYR A 224 9.70 -13.83 -22.75
N ARG A 225 10.01 -12.73 -22.04
CA ARG A 225 11.11 -12.71 -21.04
CA ARG A 225 11.13 -12.76 -21.06
C ARG A 225 10.68 -13.44 -19.76
N ASN A 226 9.37 -13.56 -19.52
CA ASN A 226 8.84 -14.18 -18.27
C ASN A 226 8.26 -15.55 -18.57
N ASN A 227 7.64 -16.18 -17.57
CA ASN A 227 7.33 -17.63 -17.60
C ASN A 227 6.11 -17.85 -18.49
N LEU A 228 5.21 -16.86 -18.62
CA LEU A 228 3.85 -17.12 -19.15
C LEU A 228 3.33 -15.87 -19.85
N ILE A 229 2.93 -16.01 -21.11
CA ILE A 229 2.48 -14.87 -21.96
C ILE A 229 1.17 -14.27 -21.38
N LEU A 230 0.80 -13.10 -21.89
CA LEU A 230 -0.50 -12.41 -21.64
C LEU A 230 -0.71 -12.11 -20.15
N ARG A 231 0.29 -11.53 -19.47
CA ARG A 231 0.12 -10.95 -18.12
CA ARG A 231 0.11 -10.95 -18.12
C ARG A 231 -1.13 -10.05 -18.13
N GLY A 232 -1.90 -10.08 -17.05
CA GLY A 232 -3.10 -9.25 -16.83
C GLY A 232 -4.36 -10.04 -17.15
N PHE A 233 -4.26 -11.08 -17.98
CA PHE A 233 -5.39 -11.95 -18.37
C PHE A 233 -5.48 -13.12 -17.37
N ASP A 234 -6.62 -13.80 -17.38
CA ASP A 234 -6.91 -14.92 -16.47
C ASP A 234 -5.85 -16.00 -16.69
N GLU A 235 -5.30 -16.56 -15.62
CA GLU A 235 -4.15 -17.49 -15.67
C GLU A 235 -4.57 -18.77 -16.42
N THR A 236 -5.78 -19.29 -16.20
CA THR A 236 -6.27 -20.49 -16.92
C THR A 236 -6.23 -20.19 -18.42
N ILE A 237 -6.74 -19.01 -18.81
CA ILE A 237 -6.76 -18.56 -20.22
C ILE A 237 -5.32 -18.40 -20.70
N ARG A 238 -4.45 -17.80 -19.91
CA ARG A 238 -3.03 -17.59 -20.34
C ARG A 238 -2.42 -18.95 -20.71
N GLU A 239 -2.62 -19.95 -19.87
CA GLU A 239 -2.08 -21.32 -20.03
C GLU A 239 -2.75 -21.99 -21.24
N GLU A 240 -4.06 -21.81 -21.42
CA GLU A 240 -4.76 -22.51 -22.55
C GLU A 240 -4.34 -21.91 -23.89
N VAL A 241 -4.21 -20.59 -23.97
CA VAL A 241 -3.84 -19.92 -25.26
C VAL A 241 -2.44 -20.40 -25.64
N THR A 242 -1.54 -20.55 -24.68
CA THR A 242 -0.15 -21.07 -24.90
C THR A 242 -0.22 -22.44 -25.59
N LYS A 243 -1.02 -23.37 -25.07
CA LYS A 243 -1.22 -24.73 -25.64
C LYS A 243 -1.83 -24.65 -27.05
N GLN A 244 -2.73 -23.71 -27.29
CA GLN A 244 -3.49 -23.68 -28.57
C GLN A 244 -2.64 -23.02 -29.66
N LEU A 245 -1.74 -22.10 -29.30
CA LEU A 245 -0.74 -21.54 -30.24
C LEU A 245 0.23 -22.67 -30.62
N THR A 246 0.73 -23.40 -29.63
CA THR A 246 1.67 -24.54 -29.82
C THR A 246 0.97 -25.59 -30.68
N ALA A 247 -0.26 -25.95 -30.34
CA ALA A 247 -1.00 -26.99 -31.09
C ALA A 247 -1.09 -26.57 -32.55
N ASN A 248 -1.04 -25.27 -32.85
CA ASN A 248 -1.23 -24.80 -34.25
C ASN A 248 0.14 -24.54 -34.91
N GLY A 249 1.25 -24.95 -34.29
CA GLY A 249 2.59 -24.95 -34.90
C GLY A 249 3.39 -23.68 -34.58
N ILE A 250 2.95 -22.85 -33.63
CA ILE A 250 3.78 -21.69 -33.19
C ILE A 250 4.68 -22.16 -32.04
N GLU A 251 5.99 -21.93 -32.14
CA GLU A 251 6.97 -22.21 -31.06
C GLU A 251 6.92 -21.04 -30.07
N ILE A 252 6.59 -21.32 -28.81
CA ILE A 252 6.61 -20.33 -27.71
C ILE A 252 7.88 -20.52 -26.87
N MET A 253 8.80 -19.56 -26.94
CA MET A 253 10.03 -19.46 -26.11
C MET A 253 9.77 -18.50 -24.94
N THR A 254 9.36 -19.04 -23.82
CA THR A 254 9.25 -18.29 -22.55
C THR A 254 10.61 -18.26 -21.87
N ASN A 255 10.79 -17.30 -20.98
CA ASN A 255 12.04 -17.06 -20.20
C ASN A 255 13.18 -16.80 -21.18
N GLU A 256 12.91 -16.11 -22.30
CA GLU A 256 13.90 -15.81 -23.37
C GLU A 256 13.71 -14.36 -23.84
N ASN A 257 14.83 -13.71 -24.10
CA ASN A 257 14.87 -12.29 -24.52
C ASN A 257 16.05 -12.07 -25.46
N PRO A 258 15.87 -11.40 -26.62
CA PRO A 258 16.99 -11.08 -27.50
C PRO A 258 18.03 -10.19 -26.80
N ALA A 259 19.31 -10.55 -26.89
CA ALA A 259 20.48 -9.74 -26.45
C ALA A 259 21.02 -8.94 -27.64
N LYS A 260 20.99 -9.53 -28.83
CA LYS A 260 21.48 -8.82 -30.03
C LYS A 260 20.99 -9.51 -31.30
N VAL A 261 21.02 -8.76 -32.39
CA VAL A 261 20.69 -9.22 -33.76
C VAL A 261 21.83 -8.81 -34.70
N SER A 262 22.28 -9.72 -35.55
CA SER A 262 23.27 -9.44 -36.61
C SER A 262 22.72 -10.03 -37.90
N LEU A 263 23.34 -9.70 -39.02
CA LEU A 263 22.94 -10.25 -40.34
C LEU A 263 23.85 -11.42 -40.61
N ASN A 264 23.29 -12.57 -40.98
CA ASN A 264 24.03 -13.65 -41.64
C ASN A 264 24.46 -13.10 -43.00
N THR A 265 25.38 -13.81 -43.67
CA THR A 265 25.98 -13.40 -44.97
C THR A 265 24.90 -13.47 -46.04
N ASP A 266 23.93 -14.38 -45.90
CA ASP A 266 22.75 -14.49 -46.78
C ASP A 266 21.70 -13.38 -46.49
N GLY A 267 21.91 -12.49 -45.50
CA GLY A 267 21.02 -11.36 -45.20
C GLY A 267 19.90 -11.67 -44.22
N SER A 268 19.74 -12.94 -43.82
CA SER A 268 18.78 -13.34 -42.76
C SER A 268 19.27 -12.81 -41.40
N LYS A 269 18.39 -12.70 -40.42
CA LYS A 269 18.71 -12.18 -39.07
C LYS A 269 19.14 -13.34 -38.18
N HIS A 270 20.29 -13.18 -37.54
CA HIS A 270 20.82 -14.07 -36.48
C HIS A 270 20.54 -13.41 -35.15
N VAL A 271 19.66 -14.01 -34.34
CA VAL A 271 19.28 -13.52 -32.99
C VAL A 271 20.05 -14.34 -31.95
N THR A 272 20.72 -13.65 -31.06
CA THR A 272 21.32 -14.22 -29.84
C THR A 272 20.50 -13.76 -28.64
N PHE A 273 19.91 -14.70 -27.92
CA PHE A 273 19.20 -14.44 -26.66
C PHE A 273 20.23 -14.31 -25.54
N GLU A 274 19.84 -13.69 -24.42
CA GLU A 274 20.58 -13.63 -23.15
C GLU A 274 21.08 -15.04 -22.79
N SER A 275 20.22 -16.06 -22.93
CA SER A 275 20.52 -17.46 -22.55
C SER A 275 21.75 -17.96 -23.29
N GLY A 276 22.03 -17.40 -24.47
CA GLY A 276 23.07 -17.88 -25.41
C GLY A 276 22.47 -18.77 -26.48
N LYS A 277 21.18 -19.07 -26.38
CA LYS A 277 20.48 -19.72 -27.50
C LYS A 277 20.50 -18.76 -28.69
N THR A 278 20.41 -19.31 -29.90
CA THR A 278 20.42 -18.57 -31.17
C THR A 278 19.24 -19.00 -32.03
N LEU A 279 18.77 -18.11 -32.88
CA LEU A 279 17.69 -18.39 -33.86
C LEU A 279 17.93 -17.57 -35.10
N ASP A 280 17.80 -18.20 -36.27
CA ASP A 280 17.84 -17.47 -37.56
C ASP A 280 16.40 -17.22 -38.02
N VAL A 281 16.09 -15.97 -38.37
CA VAL A 281 14.76 -15.62 -38.94
C VAL A 281 14.95 -14.60 -40.07
N ASP A 282 13.88 -14.39 -40.84
CA ASP A 282 13.79 -13.41 -41.94
C ASP A 282 13.29 -12.07 -41.40
N VAL A 283 12.55 -12.06 -40.29
CA VAL A 283 11.97 -10.83 -39.64
C VAL A 283 11.98 -11.01 -38.13
N VAL A 284 12.37 -9.95 -37.44
CA VAL A 284 12.26 -9.82 -35.96
C VAL A 284 11.26 -8.69 -35.67
N MET A 285 10.08 -9.01 -35.17
CA MET A 285 9.04 -8.01 -34.84
C MET A 285 9.05 -7.79 -33.33
N MET A 286 9.46 -6.60 -32.89
CA MET A 286 9.41 -6.19 -31.47
C MET A 286 7.98 -5.71 -31.17
N ALA A 287 7.37 -6.30 -30.16
CA ALA A 287 6.04 -5.93 -29.64
C ALA A 287 6.12 -6.05 -28.12
N ILE A 288 7.11 -5.38 -27.53
CA ILE A 288 7.39 -5.45 -26.07
C ILE A 288 6.62 -4.35 -25.32
N GLY A 289 5.97 -3.44 -26.04
CA GLY A 289 5.17 -2.39 -25.39
C GLY A 289 5.02 -1.15 -26.25
N ARG A 290 4.20 -0.21 -25.78
CA ARG A 290 3.94 1.06 -26.50
C ARG A 290 4.06 2.18 -25.48
N ILE A 291 4.68 3.28 -25.86
CA ILE A 291 4.96 4.41 -24.93
C ILE A 291 4.21 5.67 -25.38
N PRO A 292 3.78 6.49 -24.39
CA PRO A 292 3.06 7.72 -24.70
C PRO A 292 3.89 8.62 -25.62
N ARG A 293 3.23 9.25 -26.58
CA ARG A 293 3.85 10.11 -27.61
C ARG A 293 3.80 11.57 -27.14
N THR A 294 4.67 11.92 -26.22
CA THR A 294 4.74 13.24 -25.53
C THR A 294 5.94 14.05 -26.04
N ASN A 295 6.91 13.39 -26.66
CA ASN A 295 8.23 13.99 -27.02
C ASN A 295 8.07 15.24 -27.88
N ASP A 296 7.15 15.23 -28.84
CA ASP A 296 7.12 16.22 -29.94
C ASP A 296 6.22 17.40 -29.56
N LEU A 297 5.54 17.36 -28.41
CA LEU A 297 4.49 18.36 -28.06
C LEU A 297 5.10 19.61 -27.40
N GLN A 298 6.39 19.53 -27.06
CA GLN A 298 7.16 20.62 -26.38
C GLN A 298 6.39 21.02 -25.14
N LEU A 299 6.00 20.05 -24.32
CA LEU A 299 5.14 20.30 -23.13
C LEU A 299 5.88 21.21 -22.13
N GLY A 300 7.22 21.29 -22.20
CA GLY A 300 8.07 22.18 -21.40
C GLY A 300 7.67 23.64 -21.55
N ASN A 301 7.13 24.02 -22.72
CA ASN A 301 6.76 25.42 -23.00
C ASN A 301 5.68 25.91 -22.04
N VAL A 302 4.83 25.04 -21.50
CA VAL A 302 3.62 25.43 -20.72
C VAL A 302 3.67 24.73 -19.36
N GLY A 303 4.65 23.86 -19.13
CA GLY A 303 4.88 23.13 -17.87
C GLY A 303 3.85 22.04 -17.62
N VAL A 304 3.32 21.37 -18.65
CA VAL A 304 2.37 20.23 -18.47
C VAL A 304 3.16 19.09 -17.85
N LYS A 305 2.68 18.52 -16.74
CA LYS A 305 3.44 17.52 -15.95
C LYS A 305 3.17 16.12 -16.53
N LEU A 306 4.25 15.34 -16.58
CA LEU A 306 4.30 13.93 -17.00
C LEU A 306 4.38 13.09 -15.74
N THR A 307 3.86 11.86 -15.75
CA THR A 307 4.00 10.89 -14.65
C THR A 307 5.42 10.33 -14.71
N PRO A 308 5.91 9.73 -13.59
CA PRO A 308 7.18 9.00 -13.60
C PRO A 308 7.33 8.11 -14.83
N LYS A 309 6.26 7.40 -15.22
CA LYS A 309 6.28 6.40 -16.33
C LYS A 309 6.32 7.09 -17.71
N GLY A 310 5.92 8.36 -17.83
CA GLY A 310 6.07 9.15 -19.08
C GLY A 310 4.75 9.66 -19.66
N GLY A 311 3.62 9.27 -19.06
CA GLY A 311 2.27 9.64 -19.53
C GLY A 311 1.95 11.06 -19.12
N VAL A 312 1.03 11.73 -19.82
CA VAL A 312 0.51 13.04 -19.31
C VAL A 312 -0.36 12.73 -18.09
N GLN A 313 0.01 13.33 -16.96
CA GLN A 313 -0.76 13.22 -15.71
C GLN A 313 -2.09 13.94 -15.89
N VAL A 314 -3.16 13.28 -15.51
CA VAL A 314 -4.54 13.84 -15.56
C VAL A 314 -5.24 13.46 -14.26
N ASP A 315 -6.27 14.22 -13.90
CA ASP A 315 -7.25 13.87 -12.84
C ASP A 315 -8.33 13.03 -13.52
N GLU A 316 -9.41 12.74 -12.82
CA GLU A 316 -10.51 11.85 -13.28
C GLU A 316 -11.27 12.52 -14.42
N PHE A 317 -11.15 13.85 -14.57
CA PHE A 317 -11.84 14.64 -15.62
C PHE A 317 -10.87 14.97 -16.76
N SER A 318 -9.74 14.26 -16.85
CA SER A 318 -8.78 14.37 -17.98
C SER A 318 -8.05 15.72 -17.94
N ARG A 319 -8.03 16.43 -16.79
CA ARG A 319 -7.39 17.76 -16.66
C ARG A 319 -5.92 17.59 -16.27
N THR A 320 -5.01 18.23 -17.02
CA THR A 320 -3.58 18.41 -16.66
C THR A 320 -3.49 19.45 -15.52
N ASN A 321 -2.27 19.77 -15.10
CA ASN A 321 -2.00 20.80 -14.05
C ASN A 321 -2.14 22.22 -14.63
N VAL A 322 -2.23 22.36 -15.95
CA VAL A 322 -2.51 23.64 -16.65
C VAL A 322 -4.02 23.68 -16.92
N PRO A 323 -4.81 24.58 -16.28
CA PRO A 323 -6.26 24.42 -16.21
C PRO A 323 -7.06 24.17 -17.50
N ASN A 324 -6.62 24.73 -18.65
CA ASN A 324 -7.40 24.65 -19.93
C ASN A 324 -6.77 23.63 -20.91
N ILE A 325 -5.86 22.79 -20.43
CA ILE A 325 -5.13 21.76 -21.23
C ILE A 325 -5.50 20.38 -20.72
N TYR A 326 -6.01 19.51 -21.61
CA TYR A 326 -6.53 18.15 -21.25
C TYR A 326 -5.74 17.10 -22.03
N ALA A 327 -5.74 15.88 -21.52
CA ALA A 327 -5.15 14.69 -22.19
C ALA A 327 -6.12 13.51 -22.02
N ILE A 328 -6.36 12.78 -23.12
CA ILE A 328 -7.18 11.54 -23.13
C ILE A 328 -6.42 10.49 -23.95
N GLY A 329 -6.79 9.22 -23.76
CA GLY A 329 -6.32 8.12 -24.63
C GLY A 329 -4.95 7.63 -24.20
N ASP A 330 -4.20 7.03 -25.12
CA ASP A 330 -2.92 6.34 -24.83
C ASP A 330 -1.87 7.30 -24.28
N ILE A 331 -1.99 8.60 -24.53
CA ILE A 331 -0.98 9.59 -24.03
C ILE A 331 -1.02 9.61 -22.50
N THR A 332 -2.13 9.22 -21.90
CA THR A 332 -2.25 9.18 -20.42
C THR A 332 -1.71 7.86 -19.84
N ASP A 333 -1.27 6.91 -20.69
CA ASP A 333 -0.51 5.71 -20.29
C ASP A 333 -1.25 4.86 -19.25
N ARG A 334 -2.55 4.61 -19.43
CA ARG A 334 -3.39 3.79 -18.52
CA ARG A 334 -3.37 3.79 -18.52
C ARG A 334 -3.92 2.58 -19.30
N LEU A 335 -5.23 2.53 -19.59
CA LEU A 335 -5.85 1.48 -20.44
C LEU A 335 -5.69 1.92 -21.89
N MET A 336 -4.93 1.18 -22.67
CA MET A 336 -4.72 1.54 -24.08
C MET A 336 -5.74 0.82 -24.97
N LEU A 337 -6.98 1.30 -24.99
CA LEU A 337 -8.10 0.79 -25.84
C LEU A 337 -8.79 1.96 -26.55
N THR A 338 -9.21 1.73 -27.80
CA THR A 338 -9.95 2.72 -28.62
C THR A 338 -11.18 3.18 -27.85
N PRO A 339 -12.09 2.27 -27.41
CA PRO A 339 -13.33 2.70 -26.78
C PRO A 339 -13.16 3.47 -25.46
N VAL A 340 -12.05 3.25 -24.78
CA VAL A 340 -11.76 4.02 -23.54
C VAL A 340 -11.39 5.44 -23.97
N ALA A 341 -10.57 5.58 -25.03
CA ALA A 341 -10.18 6.90 -25.54
C ALA A 341 -11.44 7.65 -25.98
N ILE A 342 -12.32 6.98 -26.73
CA ILE A 342 -13.60 7.57 -27.22
C ILE A 342 -14.45 8.04 -26.02
N ASN A 343 -14.61 7.20 -25.01
CA ASN A 343 -15.45 7.52 -23.83
C ASN A 343 -14.85 8.73 -23.10
N GLU A 344 -13.52 8.80 -22.96
CA GLU A 344 -12.86 9.93 -22.26
C GLU A 344 -13.13 11.24 -23.03
N GLY A 345 -12.98 11.20 -24.35
CA GLY A 345 -13.23 12.34 -25.26
C GLY A 345 -14.65 12.85 -25.10
N ALA A 346 -15.64 11.97 -25.16
CA ALA A 346 -17.06 12.33 -25.05
C ALA A 346 -17.33 12.91 -23.65
N ALA A 347 -16.76 12.32 -22.60
CA ALA A 347 -16.94 12.82 -21.22
C ALA A 347 -16.34 14.22 -21.10
N LEU A 348 -15.13 14.42 -21.61
CA LEU A 348 -14.41 15.71 -21.47
C LEU A 348 -15.30 16.84 -22.03
N VAL A 349 -15.79 16.65 -23.24
CA VAL A 349 -16.52 17.67 -24.02
C VAL A 349 -17.85 17.96 -23.31
N ASP A 350 -18.53 16.92 -22.83
CA ASP A 350 -19.79 17.11 -22.07
C ASP A 350 -19.50 17.94 -20.82
N THR A 351 -18.33 17.76 -20.21
CA THR A 351 -17.93 18.45 -18.95
C THR A 351 -17.55 19.90 -19.26
N VAL A 352 -16.71 20.15 -20.26
CA VAL A 352 -16.13 21.48 -20.54
C VAL A 352 -17.18 22.36 -21.23
N PHE A 353 -17.92 21.82 -22.20
CA PHE A 353 -18.84 22.59 -23.06
C PHE A 353 -20.31 22.24 -22.79
N GLY A 354 -20.60 21.10 -22.17
CA GLY A 354 -21.97 20.57 -22.12
C GLY A 354 -22.70 20.96 -20.84
N ASN A 355 -21.97 21.46 -19.82
CA ASN A 355 -22.50 21.76 -18.47
C ASN A 355 -23.23 20.52 -17.92
N LYS A 356 -22.57 19.35 -17.95
CA LYS A 356 -23.07 18.08 -17.35
C LYS A 356 -21.85 17.21 -17.00
N PRO A 357 -21.14 17.53 -15.89
CA PRO A 357 -19.86 16.89 -15.60
C PRO A 357 -19.98 15.36 -15.66
N ARG A 358 -18.95 14.68 -16.12
CA ARG A 358 -18.94 13.19 -16.24
C ARG A 358 -17.51 12.70 -16.29
N LYS A 359 -17.17 11.71 -15.48
CA LYS A 359 -15.86 11.02 -15.54
C LYS A 359 -16.08 9.65 -16.18
N THR A 360 -15.14 9.23 -17.02
CA THR A 360 -15.00 7.86 -17.57
C THR A 360 -14.75 6.89 -16.42
N ASP A 361 -15.51 5.80 -16.44
CA ASP A 361 -15.30 4.63 -15.54
C ASP A 361 -14.30 3.71 -16.24
N HIS A 362 -13.12 3.55 -15.63
CA HIS A 362 -11.98 2.71 -16.12
C HIS A 362 -12.09 1.27 -15.59
N THR A 363 -13.12 0.99 -14.78
CA THR A 363 -13.34 -0.35 -14.19
C THR A 363 -14.35 -1.06 -15.08
N ARG A 364 -14.34 -2.39 -15.06
CA ARG A 364 -15.38 -3.20 -15.72
C ARG A 364 -15.41 -2.88 -17.22
N VAL A 365 -14.25 -2.62 -17.82
CA VAL A 365 -14.12 -2.39 -19.29
C VAL A 365 -13.96 -3.75 -19.96
N ALA A 366 -14.84 -4.06 -20.90
CA ALA A 366 -14.79 -5.24 -21.78
C ALA A 366 -13.68 -5.05 -22.81
N SER A 367 -12.90 -6.09 -23.10
CA SER A 367 -11.81 -6.05 -24.10
C SER A 367 -11.58 -7.46 -24.65
N ALA A 368 -10.87 -7.59 -25.77
CA ALA A 368 -10.70 -8.86 -26.48
C ALA A 368 -9.24 -9.06 -26.87
N VAL A 369 -8.83 -10.31 -27.08
CA VAL A 369 -7.59 -10.62 -27.82
C VAL A 369 -7.97 -11.51 -29.00
N PHE A 370 -7.59 -11.09 -30.21
CA PHE A 370 -7.95 -11.79 -31.47
C PHE A 370 -6.86 -12.80 -31.81
N SER A 371 -6.53 -13.58 -30.79
CA SER A 371 -5.75 -14.84 -30.89
C SER A 371 -6.68 -15.81 -31.60
N ILE A 372 -6.14 -16.90 -32.11
CA ILE A 372 -7.00 -18.01 -32.63
C ILE A 372 -6.82 -19.16 -31.66
N PRO A 373 -7.88 -19.49 -30.87
CA PRO A 373 -9.16 -18.78 -30.86
C PRO A 373 -9.13 -17.57 -29.92
N PRO A 374 -10.09 -16.63 -30.00
CA PRO A 374 -9.98 -15.36 -29.27
C PRO A 374 -10.26 -15.38 -27.77
N ILE A 375 -9.86 -14.31 -27.08
CA ILE A 375 -10.21 -14.03 -25.66
C ILE A 375 -11.25 -12.91 -25.61
N GLY A 376 -12.22 -13.02 -24.72
CA GLY A 376 -13.08 -11.91 -24.30
C GLY A 376 -13.06 -11.81 -22.80
N THR A 377 -12.83 -10.64 -22.27
CA THR A 377 -12.71 -10.43 -20.80
C THR A 377 -13.35 -9.11 -20.37
N CYS A 378 -13.89 -9.08 -19.16
CA CYS A 378 -14.43 -7.87 -18.52
C CYS A 378 -14.26 -8.00 -17.00
N GLY A 379 -13.59 -7.04 -16.36
CA GLY A 379 -13.50 -6.96 -14.89
C GLY A 379 -12.27 -7.67 -14.37
N LEU A 380 -12.32 -8.11 -13.10
CA LEU A 380 -11.10 -8.50 -12.35
C LEU A 380 -10.76 -9.97 -12.60
N ILE A 381 -9.47 -10.27 -12.75
CA ILE A 381 -8.96 -11.66 -12.64
C ILE A 381 -8.97 -12.04 -11.16
N GLU A 382 -9.02 -13.33 -10.86
CA GLU A 382 -9.32 -13.81 -9.48
C GLU A 382 -8.22 -13.40 -8.48
N GLU A 383 -6.94 -13.41 -8.89
CA GLU A 383 -5.79 -13.08 -8.01
C GLU A 383 -5.86 -11.60 -7.60
N VAL A 384 -6.43 -10.72 -8.45
CA VAL A 384 -6.63 -9.29 -8.09
C VAL A 384 -7.85 -9.20 -7.16
N ALA A 385 -8.98 -9.78 -7.54
CA ALA A 385 -10.19 -9.88 -6.70
C ALA A 385 -9.78 -10.33 -5.30
N ALA A 386 -8.94 -11.35 -5.20
CA ALA A 386 -8.54 -12.02 -3.94
C ALA A 386 -7.76 -11.06 -3.03
N LYS A 387 -7.19 -9.98 -3.54
CA LYS A 387 -6.44 -8.99 -2.71
C LYS A 387 -7.39 -7.92 -2.16
N GLU A 388 -8.60 -7.75 -2.70
CA GLU A 388 -9.54 -6.66 -2.29
C GLU A 388 -10.80 -7.22 -1.62
N PHE A 389 -11.07 -8.53 -1.72
CA PHE A 389 -12.29 -9.18 -1.15
C PHE A 389 -11.89 -10.39 -0.30
N GLU A 390 -12.47 -10.45 0.89
CA GLU A 390 -12.20 -11.47 1.93
C GLU A 390 -12.58 -12.85 1.38
N LYS A 391 -13.72 -12.95 0.68
CA LYS A 391 -14.23 -14.23 0.11
C LYS A 391 -14.54 -14.05 -1.39
N VAL A 392 -13.83 -14.79 -2.24
CA VAL A 392 -13.99 -14.78 -3.72
C VAL A 392 -14.31 -16.20 -4.14
N ALA A 393 -15.38 -16.37 -4.92
CA ALA A 393 -15.74 -17.62 -5.60
C ALA A 393 -15.38 -17.53 -7.09
N VAL A 394 -14.94 -18.65 -7.65
CA VAL A 394 -14.62 -18.82 -9.09
C VAL A 394 -15.51 -19.93 -9.61
N TYR A 395 -16.34 -19.62 -10.59
CA TYR A 395 -17.12 -20.59 -11.40
C TYR A 395 -16.38 -20.81 -12.72
N MET A 396 -16.05 -22.05 -13.04
CA MET A 396 -15.23 -22.45 -14.22
C MET A 396 -15.94 -23.59 -14.97
N SER A 397 -16.14 -23.41 -16.28
CA SER A 397 -16.47 -24.48 -17.25
C SER A 397 -15.41 -24.46 -18.35
N SER A 398 -14.83 -25.62 -18.67
CA SER A 398 -13.77 -25.78 -19.70
C SER A 398 -13.92 -27.11 -20.43
N PHE A 399 -14.24 -27.09 -21.71
CA PHE A 399 -14.54 -28.33 -22.48
C PHE A 399 -14.17 -28.06 -23.95
N THR A 400 -13.85 -29.13 -24.67
CA THR A 400 -13.76 -29.13 -26.15
C THR A 400 -15.18 -29.05 -26.68
N PRO A 401 -15.57 -27.98 -27.41
CA PRO A 401 -16.90 -27.93 -27.99
C PRO A 401 -17.10 -29.11 -28.96
N LEU A 402 -18.31 -29.62 -29.02
CA LEU A 402 -18.72 -30.76 -29.88
C LEU A 402 -18.25 -30.56 -31.33
N MET A 403 -18.39 -29.35 -31.89
CA MET A 403 -18.04 -29.11 -33.31
C MET A 403 -16.54 -29.36 -33.50
N HIS A 404 -15.73 -29.25 -32.44
CA HIS A 404 -14.27 -29.39 -32.52
C HIS A 404 -13.85 -30.84 -32.27
N ASN A 405 -14.81 -31.71 -31.92
CA ASN A 405 -14.60 -33.19 -31.91
C ASN A 405 -14.78 -33.69 -33.34
N ILE A 406 -15.70 -33.09 -34.11
CA ILE A 406 -15.90 -33.41 -35.55
C ILE A 406 -14.78 -32.76 -36.37
N SER A 407 -14.40 -31.50 -36.10
CA SER A 407 -13.46 -30.71 -36.94
C SER A 407 -12.06 -31.32 -36.86
N GLY A 408 -11.73 -31.92 -35.72
CA GLY A 408 -10.41 -32.50 -35.43
C GLY A 408 -9.53 -31.52 -34.65
N SER A 409 -10.00 -30.33 -34.32
CA SER A 409 -9.26 -29.37 -33.48
C SER A 409 -9.62 -29.61 -32.01
N LYS A 410 -9.36 -30.82 -31.51
CA LYS A 410 -9.73 -31.23 -30.13
C LYS A 410 -9.02 -30.32 -29.13
N TYR A 411 -7.85 -29.78 -29.48
CA TYR A 411 -7.08 -28.83 -28.62
C TYR A 411 -7.90 -27.56 -28.35
N LYS A 412 -8.96 -27.26 -29.12
CA LYS A 412 -9.67 -25.96 -28.94
C LYS A 412 -10.61 -26.00 -27.74
N LYS A 413 -10.06 -25.92 -26.54
CA LYS A 413 -10.86 -25.88 -25.28
C LYS A 413 -11.52 -24.50 -25.14
N PHE A 414 -12.84 -24.46 -24.97
CA PHE A 414 -13.63 -23.27 -24.57
C PHE A 414 -13.47 -23.12 -23.05
N VAL A 415 -13.05 -21.95 -22.59
CA VAL A 415 -12.98 -21.63 -21.15
C VAL A 415 -13.99 -20.51 -20.87
N ALA A 416 -14.84 -20.69 -19.87
CA ALA A 416 -15.71 -19.62 -19.31
C ALA A 416 -15.53 -19.60 -17.79
N LYS A 417 -15.14 -18.45 -17.26
CA LYS A 417 -14.89 -18.22 -15.82
C LYS A 417 -15.64 -16.98 -15.35
N ILE A 418 -16.31 -17.09 -14.21
CA ILE A 418 -16.95 -15.94 -13.53
C ILE A 418 -16.29 -15.82 -12.16
N VAL A 419 -15.79 -14.65 -11.81
CA VAL A 419 -15.19 -14.36 -10.48
C VAL A 419 -16.22 -13.52 -9.70
N THR A 420 -16.51 -13.89 -8.45
CA THR A 420 -17.49 -13.16 -7.61
C THR A 420 -16.89 -12.79 -6.24
N ASN A 421 -17.50 -11.79 -5.66
CA ASN A 421 -17.50 -11.52 -4.20
C ASN A 421 -18.53 -12.49 -3.61
N HIS A 422 -18.08 -13.57 -2.96
CA HIS A 422 -18.99 -14.63 -2.44
C HIS A 422 -19.86 -14.08 -1.29
N SER A 423 -19.41 -13.04 -0.61
CA SER A 423 -20.18 -12.34 0.46
C SER A 423 -21.52 -11.84 -0.07
N ASP A 424 -21.63 -11.35 -1.32
CA ASP A 424 -22.91 -10.80 -1.84
C ASP A 424 -23.24 -11.28 -3.27
N GLY A 425 -22.39 -12.11 -3.92
CA GLY A 425 -22.64 -12.67 -5.26
C GLY A 425 -22.36 -11.71 -6.43
N THR A 426 -21.86 -10.50 -6.19
CA THR A 426 -21.55 -9.52 -7.25
C THR A 426 -20.51 -10.12 -8.20
N VAL A 427 -20.78 -10.06 -9.48
CA VAL A 427 -19.79 -10.48 -10.52
C VAL A 427 -18.71 -9.41 -10.66
N LEU A 428 -17.47 -9.80 -10.34
CA LEU A 428 -16.28 -8.93 -10.39
C LEU A 428 -15.61 -9.04 -11.75
N GLY A 429 -15.76 -10.18 -12.42
CA GLY A 429 -14.98 -10.51 -13.63
C GLY A 429 -15.52 -11.72 -14.36
N VAL A 430 -15.47 -11.67 -15.68
CA VAL A 430 -15.86 -12.77 -16.62
C VAL A 430 -14.74 -12.88 -17.65
N HIS A 431 -14.26 -14.10 -17.85
CA HIS A 431 -13.10 -14.39 -18.70
C HIS A 431 -13.47 -15.56 -19.63
N LEU A 432 -13.35 -15.33 -20.93
CA LEU A 432 -13.76 -16.32 -21.97
C LEU A 432 -12.60 -16.56 -22.91
N LEU A 433 -12.45 -17.80 -23.32
CA LEU A 433 -11.52 -18.20 -24.40
C LEU A 433 -12.32 -19.10 -25.34
N GLY A 434 -12.37 -18.74 -26.62
CA GLY A 434 -13.00 -19.56 -27.67
C GLY A 434 -13.78 -18.74 -28.68
N ASP A 435 -14.21 -19.40 -29.75
CA ASP A 435 -14.93 -18.79 -30.90
C ASP A 435 -16.08 -17.96 -30.31
N GLY A 436 -16.21 -16.70 -30.74
CA GLY A 436 -17.29 -15.79 -30.30
C GLY A 436 -17.00 -15.05 -29.01
N ALA A 437 -15.91 -15.36 -28.31
CA ALA A 437 -15.65 -14.76 -26.97
C ALA A 437 -15.70 -13.23 -27.06
N PRO A 438 -15.09 -12.55 -28.06
CA PRO A 438 -15.23 -11.10 -28.14
C PRO A 438 -16.68 -10.61 -28.32
N GLU A 439 -17.50 -11.37 -29.04
CA GLU A 439 -18.92 -10.99 -29.28
C GLU A 439 -19.73 -11.20 -28.00
N ILE A 440 -19.44 -12.28 -27.28
CA ILE A 440 -20.18 -12.67 -26.05
C ILE A 440 -19.97 -11.61 -24.98
N ILE A 441 -18.75 -11.08 -24.88
CA ILE A 441 -18.33 -10.29 -23.69
C ILE A 441 -18.93 -8.87 -23.72
N GLN A 442 -19.40 -8.35 -24.85
CA GLN A 442 -19.89 -6.94 -24.92
C GLN A 442 -21.05 -6.73 -23.94
N ALA A 443 -22.09 -7.56 -24.04
CA ALA A 443 -23.30 -7.41 -23.21
C ALA A 443 -22.97 -7.74 -21.74
N VAL A 444 -21.97 -8.60 -21.50
CA VAL A 444 -21.47 -8.89 -20.14
C VAL A 444 -20.97 -7.56 -19.54
N GLY A 445 -20.36 -6.71 -20.35
CA GLY A 445 -19.96 -5.36 -19.92
C GLY A 445 -21.14 -4.53 -19.39
N VAL A 446 -22.30 -4.63 -20.03
CA VAL A 446 -23.52 -3.91 -19.55
C VAL A 446 -23.94 -4.52 -18.21
N CYS A 447 -23.93 -5.85 -18.13
CA CYS A 447 -24.32 -6.59 -16.91
C CYS A 447 -23.48 -6.10 -15.73
N LEU A 448 -22.15 -6.03 -15.89
CA LEU A 448 -21.29 -5.61 -14.77
C LEU A 448 -21.56 -4.13 -14.45
N ARG A 449 -21.91 -3.29 -15.42
CA ARG A 449 -22.17 -1.86 -15.12
C ARG A 449 -23.52 -1.74 -14.41
N LEU A 450 -24.36 -2.77 -14.49
CA LEU A 450 -25.65 -2.85 -13.76
C LEU A 450 -25.49 -3.71 -12.50
N ASN A 451 -24.26 -3.97 -12.06
CA ASN A 451 -23.96 -4.64 -10.77
C ASN A 451 -24.59 -6.05 -10.71
N ALA A 452 -24.56 -6.81 -11.80
CA ALA A 452 -25.08 -8.19 -11.88
C ALA A 452 -24.44 -9.06 -10.79
N LYS A 453 -25.23 -9.97 -10.25
CA LYS A 453 -24.78 -11.03 -9.31
C LYS A 453 -24.82 -12.36 -10.05
N ILE A 454 -24.10 -13.38 -9.58
CA ILE A 454 -24.06 -14.69 -10.29
C ILE A 454 -25.48 -15.21 -10.45
N SER A 455 -26.37 -14.99 -9.47
CA SER A 455 -27.79 -15.45 -9.55
C SER A 455 -28.54 -14.73 -10.69
N ASP A 456 -28.17 -13.48 -11.02
CA ASP A 456 -28.75 -12.78 -12.20
C ASP A 456 -28.40 -13.56 -13.47
N PHE A 457 -27.17 -14.07 -13.57
CA PHE A 457 -26.75 -14.96 -14.69
C PHE A 457 -27.49 -16.30 -14.65
N TYR A 458 -27.49 -17.02 -13.52
CA TYR A 458 -27.95 -18.45 -13.50
C TYR A 458 -29.47 -18.51 -13.66
N ASN A 459 -30.22 -17.49 -13.28
CA ASN A 459 -31.70 -17.43 -13.41
C ASN A 459 -32.11 -16.99 -14.81
N THR A 460 -31.18 -16.45 -15.59
CA THR A 460 -31.41 -16.14 -17.02
C THR A 460 -31.46 -17.46 -17.80
N ILE A 461 -32.43 -17.59 -18.69
CA ILE A 461 -32.66 -18.79 -19.52
C ILE A 461 -31.64 -18.79 -20.68
N GLY A 462 -30.91 -19.91 -20.83
CA GLY A 462 -29.88 -20.08 -21.87
C GLY A 462 -30.46 -19.94 -23.26
N VAL A 463 -29.63 -19.52 -24.24
CA VAL A 463 -29.87 -19.69 -25.70
C VAL A 463 -29.08 -20.94 -26.11
N HIS A 464 -29.75 -21.89 -26.74
CA HIS A 464 -29.18 -23.24 -26.92
C HIS A 464 -29.30 -23.62 -28.39
N PRO A 465 -28.27 -24.19 -29.04
CA PRO A 465 -26.96 -24.44 -28.45
C PRO A 465 -25.94 -23.32 -28.72
N THR A 466 -25.28 -22.82 -27.68
CA THR A 466 -24.25 -21.75 -27.77
C THR A 466 -23.18 -22.03 -26.74
N SER A 467 -22.00 -21.43 -26.93
CA SER A 467 -20.96 -21.37 -25.89
C SER A 467 -21.43 -20.43 -24.77
N ALA A 468 -22.10 -19.35 -25.12
CA ALA A 468 -22.51 -18.26 -24.20
C ALA A 468 -23.34 -18.81 -23.04
N GLU A 469 -24.19 -19.81 -23.31
CA GLU A 469 -25.12 -20.36 -22.28
C GLU A 469 -24.37 -20.96 -21.08
N GLU A 470 -23.08 -21.30 -21.22
CA GLU A 470 -22.24 -21.73 -20.07
C GLU A 470 -22.28 -20.66 -18.96
N LEU A 471 -22.39 -19.38 -19.31
CA LEU A 471 -22.41 -18.25 -18.34
C LEU A 471 -23.69 -18.28 -17.51
N CYS A 472 -24.76 -18.93 -18.01
CA CYS A 472 -26.09 -18.96 -17.36
C CYS A 472 -26.40 -20.32 -16.73
N SER A 473 -25.39 -21.17 -16.54
CA SER A 473 -25.48 -22.59 -16.13
C SER A 473 -24.53 -22.90 -14.95
N MET A 474 -23.89 -21.89 -14.35
CA MET A 474 -22.90 -22.09 -13.26
C MET A 474 -23.49 -21.49 -11.99
N ARG A 475 -23.84 -22.36 -11.04
CA ARG A 475 -24.44 -22.03 -9.71
C ARG A 475 -23.54 -22.45 -8.54
N THR A 476 -22.64 -23.42 -8.69
CA THR A 476 -21.76 -23.89 -7.58
C THR A 476 -20.30 -23.57 -7.89
N PRO A 477 -19.60 -22.77 -7.04
CA PRO A 477 -18.19 -22.49 -7.28
C PRO A 477 -17.35 -23.75 -7.52
N SER A 478 -16.37 -23.65 -8.41
CA SER A 478 -15.33 -24.71 -8.55
C SER A 478 -14.34 -24.60 -7.39
N TYR A 479 -14.04 -23.37 -6.96
CA TYR A 479 -13.17 -23.09 -5.80
C TYR A 479 -13.40 -21.67 -5.27
N TYR A 480 -12.66 -21.32 -4.23
CA TYR A 480 -12.77 -20.05 -3.48
C TYR A 480 -11.38 -19.49 -3.30
N TYR A 481 -11.30 -18.20 -3.04
CA TYR A 481 -10.16 -17.57 -2.33
C TYR A 481 -10.70 -17.00 -1.02
N VAL A 482 -10.04 -17.32 0.11
CA VAL A 482 -10.40 -16.80 1.47
C VAL A 482 -9.18 -16.11 2.06
N LYS A 483 -9.28 -14.79 2.29
CA LYS A 483 -8.17 -13.89 2.64
C LYS A 483 -6.94 -14.29 1.79
N GLY A 484 -7.11 -14.29 0.47
CA GLY A 484 -6.00 -14.44 -0.49
C GLY A 484 -5.62 -15.88 -0.77
N GLU A 485 -6.19 -16.87 -0.07
CA GLU A 485 -5.72 -18.29 -0.12
C GLU A 485 -6.72 -19.16 -0.91
N LYS A 486 -6.21 -19.92 -1.88
CA LYS A 486 -6.99 -20.78 -2.81
C LYS A 486 -7.43 -22.04 -2.06
N MET A 487 -8.72 -22.40 -2.10
CA MET A 487 -9.22 -23.69 -1.54
C MET A 487 -10.50 -24.14 -2.25
N GLU A 488 -10.65 -25.45 -2.42
CA GLU A 488 -11.76 -26.13 -3.13
C GLU A 488 -13.09 -25.86 -2.42
N LYS A 489 -13.08 -25.83 -1.08
CA LYS A 489 -14.29 -25.62 -0.23
C LYS A 489 -14.06 -24.50 0.80
N LEU A 490 -15.15 -23.89 1.27
CA LEU A 490 -15.18 -22.98 2.44
C LEU A 490 -15.00 -23.81 3.72
N PRO A 491 -14.16 -23.38 4.69
CA PRO A 491 -13.83 -24.18 5.87
C PRO A 491 -14.88 -25.23 6.30
N HIS B 3 -44.41 -60.26 -6.86
CA HIS B 3 -44.90 -58.85 -6.91
C HIS B 3 -43.76 -57.92 -7.34
N MET B 4 -43.45 -57.90 -8.65
CA MET B 4 -42.28 -57.20 -9.25
C MET B 4 -42.49 -55.68 -9.22
N SER B 5 -43.68 -55.20 -9.61
CA SER B 5 -44.13 -53.78 -9.55
CA SER B 5 -44.09 -53.77 -9.58
C SER B 5 -43.33 -53.00 -8.49
N LYS B 6 -42.91 -51.76 -8.79
CA LYS B 6 -41.93 -50.96 -7.98
C LYS B 6 -42.52 -49.59 -7.62
N ALA B 7 -42.05 -48.96 -6.54
CA ALA B 7 -42.65 -47.73 -5.93
C ALA B 7 -41.71 -46.53 -6.03
N PHE B 8 -42.21 -45.37 -6.49
CA PHE B 8 -41.40 -44.15 -6.77
C PHE B 8 -42.10 -42.89 -6.25
N ASP B 9 -41.30 -41.91 -5.82
CA ASP B 9 -41.76 -40.54 -5.48
C ASP B 9 -42.21 -39.83 -6.77
N LEU B 10 -41.41 -39.96 -7.83
CA LEU B 10 -41.65 -39.26 -9.12
C LEU B 10 -41.51 -40.24 -10.27
N VAL B 11 -42.54 -40.34 -11.11
CA VAL B 11 -42.39 -40.99 -12.44
C VAL B 11 -42.51 -39.90 -13.49
N VAL B 12 -41.47 -39.78 -14.31
CA VAL B 12 -41.34 -38.84 -15.47
C VAL B 12 -41.59 -39.66 -16.73
N ILE B 13 -42.61 -39.30 -17.50
CA ILE B 13 -42.80 -39.88 -18.87
C ILE B 13 -42.18 -38.91 -19.89
N GLY B 14 -41.06 -39.33 -20.48
CA GLY B 14 -40.22 -38.55 -21.41
C GLY B 14 -38.87 -38.21 -20.80
N ALA B 15 -37.82 -38.83 -21.33
CA ALA B 15 -36.42 -38.62 -20.91
C ALA B 15 -35.81 -37.52 -21.79
N GLY B 16 -36.46 -36.36 -21.85
CA GLY B 16 -36.04 -35.24 -22.70
C GLY B 16 -35.46 -34.12 -21.88
N SER B 17 -35.36 -32.94 -22.47
CA SER B 17 -34.79 -31.73 -21.83
C SER B 17 -35.44 -31.53 -20.46
N GLY B 18 -36.77 -31.45 -20.43
CA GLY B 18 -37.50 -31.14 -19.20
C GLY B 18 -37.51 -32.32 -18.24
N GLY B 19 -37.73 -33.53 -18.77
CA GLY B 19 -37.89 -34.76 -17.98
C GLY B 19 -36.62 -35.08 -17.21
N LEU B 20 -35.49 -35.08 -17.89
CA LEU B 20 -34.17 -35.36 -17.28
C LEU B 20 -33.79 -34.25 -16.28
N GLU B 21 -34.04 -32.98 -16.56
CA GLU B 21 -33.69 -31.94 -15.56
C GLU B 21 -34.46 -32.27 -14.27
N ALA B 22 -35.76 -32.52 -14.40
CA ALA B 22 -36.69 -32.76 -13.28
C ALA B 22 -36.21 -33.98 -12.50
N GLY B 23 -35.95 -35.09 -13.21
CA GLY B 23 -35.57 -36.38 -12.63
C GLY B 23 -34.26 -36.24 -11.87
N TRP B 24 -33.22 -35.76 -12.53
CA TRP B 24 -31.88 -35.54 -11.94
C TRP B 24 -32.03 -34.70 -10.67
N ASN B 25 -32.70 -33.56 -10.72
CA ASN B 25 -32.77 -32.65 -9.56
C ASN B 25 -33.51 -33.38 -8.43
N ALA B 26 -34.62 -34.04 -8.73
CA ALA B 26 -35.43 -34.74 -7.70
C ALA B 26 -34.55 -35.76 -6.93
N ALA B 27 -33.75 -36.57 -7.63
CA ALA B 27 -32.89 -37.64 -7.05
C ALA B 27 -31.66 -37.06 -6.33
N THR B 28 -30.88 -36.18 -6.98
CA THR B 28 -29.55 -35.73 -6.48
C THR B 28 -29.70 -34.53 -5.55
N LEU B 29 -30.73 -33.71 -5.72
CA LEU B 29 -30.92 -32.52 -4.84
C LEU B 29 -31.82 -32.89 -3.67
N TYR B 30 -32.89 -33.65 -3.88
CA TYR B 30 -33.94 -33.85 -2.86
C TYR B 30 -33.98 -35.31 -2.42
N GLY B 31 -33.00 -36.12 -2.81
CA GLY B 31 -32.85 -37.53 -2.40
C GLY B 31 -34.10 -38.36 -2.63
N LYS B 32 -34.85 -38.10 -3.71
CA LYS B 32 -36.12 -38.82 -4.02
C LYS B 32 -35.85 -40.04 -4.91
N ARG B 33 -36.80 -40.98 -4.91
CA ARG B 33 -36.85 -42.17 -5.79
C ARG B 33 -37.56 -41.77 -7.09
N VAL B 34 -36.86 -41.88 -8.20
CA VAL B 34 -37.31 -41.32 -9.50
C VAL B 34 -37.22 -42.42 -10.56
N ALA B 35 -38.31 -42.60 -11.30
CA ALA B 35 -38.36 -43.45 -12.52
C ALA B 35 -38.60 -42.52 -13.71
N VAL B 36 -37.80 -42.70 -14.76
CA VAL B 36 -37.95 -42.00 -16.06
C VAL B 36 -38.20 -43.04 -17.14
N VAL B 37 -39.22 -42.79 -17.97
CA VAL B 37 -39.63 -43.65 -19.13
C VAL B 37 -39.32 -42.94 -20.46
N ASP B 38 -38.62 -43.64 -21.36
CA ASP B 38 -38.56 -43.26 -22.79
C ASP B 38 -38.69 -44.52 -23.66
N VAL B 39 -38.98 -44.32 -24.94
CA VAL B 39 -39.36 -45.36 -25.95
C VAL B 39 -38.12 -45.90 -26.64
N GLN B 40 -36.96 -45.26 -26.46
CA GLN B 40 -35.70 -45.68 -27.15
C GLN B 40 -34.50 -45.21 -26.33
N THR B 41 -33.41 -45.99 -26.35
CA THR B 41 -32.14 -45.73 -25.62
C THR B 41 -31.21 -44.86 -26.44
N SER B 42 -31.33 -44.89 -27.77
CA SER B 42 -30.48 -44.10 -28.71
C SER B 42 -31.31 -43.56 -29.90
N HIS B 43 -30.71 -42.68 -30.70
CA HIS B 43 -31.37 -41.82 -31.70
C HIS B 43 -31.82 -42.63 -32.90
N GLY B 44 -32.82 -42.11 -33.63
CA GLY B 44 -33.02 -42.44 -35.05
C GLY B 44 -34.21 -43.36 -35.24
N PRO B 45 -34.46 -43.86 -36.46
CA PRO B 45 -35.59 -44.72 -36.72
C PRO B 45 -35.57 -45.88 -35.74
N PRO B 46 -36.72 -46.41 -35.30
CA PRO B 46 -38.04 -45.91 -35.74
C PRO B 46 -38.73 -44.77 -34.98
N PHE B 47 -38.34 -44.38 -33.77
CA PHE B 47 -39.10 -43.38 -32.98
C PHE B 47 -38.39 -42.03 -32.91
N TYR B 48 -37.17 -41.93 -33.47
CA TYR B 48 -36.40 -40.69 -33.73
C TYR B 48 -35.93 -40.07 -32.40
N ALA B 49 -36.81 -39.43 -31.64
CA ALA B 49 -36.49 -39.05 -30.24
C ALA B 49 -36.20 -40.32 -29.43
N ALA B 50 -35.46 -40.13 -28.35
CA ALA B 50 -34.97 -41.19 -27.46
C ALA B 50 -34.44 -40.54 -26.18
N LEU B 51 -33.81 -41.35 -25.35
CA LEU B 51 -33.01 -40.89 -24.19
C LEU B 51 -32.27 -39.61 -24.62
N GLY B 52 -32.53 -38.50 -23.93
CA GLY B 52 -31.95 -37.18 -24.24
C GLY B 52 -32.99 -36.21 -24.77
N GLY B 53 -34.06 -36.71 -25.38
CA GLY B 53 -35.16 -35.90 -25.93
C GLY B 53 -34.93 -35.45 -27.36
N THR B 54 -35.78 -34.58 -27.86
CA THR B 54 -35.80 -34.14 -29.28
C THR B 54 -34.53 -33.32 -29.56
N CYS B 55 -34.13 -32.50 -28.60
CA CYS B 55 -32.97 -31.59 -28.73
C CYS B 55 -31.72 -32.43 -29.04
N VAL B 56 -31.42 -33.40 -28.20
CA VAL B 56 -30.20 -34.25 -28.31
C VAL B 56 -30.27 -35.05 -29.61
N ASN B 57 -31.43 -35.65 -29.93
CA ASN B 57 -31.52 -36.73 -30.96
C ASN B 57 -31.88 -36.19 -32.35
N VAL B 58 -32.90 -35.34 -32.48
CA VAL B 58 -33.40 -34.87 -33.80
C VAL B 58 -33.79 -33.39 -33.69
N GLY B 59 -32.97 -32.60 -33.01
CA GLY B 59 -33.22 -31.17 -32.88
C GLY B 59 -31.94 -30.36 -32.78
N CYS B 60 -31.88 -29.51 -31.77
CA CYS B 60 -30.86 -28.44 -31.56
C CYS B 60 -29.47 -28.97 -31.90
N VAL B 61 -29.09 -30.11 -31.34
CA VAL B 61 -27.69 -30.57 -31.36
C VAL B 61 -27.33 -31.04 -32.76
N PRO B 62 -27.98 -32.05 -33.35
CA PRO B 62 -27.61 -32.45 -34.69
C PRO B 62 -27.79 -31.29 -35.68
N LYS B 63 -28.82 -30.46 -35.58
CA LYS B 63 -29.05 -29.39 -36.58
C LYS B 63 -27.95 -28.32 -36.49
N LYS B 64 -27.49 -27.96 -35.29
CA LYS B 64 -26.37 -27.01 -35.16
C LYS B 64 -25.13 -27.61 -35.84
N LEU B 65 -24.79 -28.87 -35.58
CA LEU B 65 -23.63 -29.50 -36.26
C LEU B 65 -23.83 -29.49 -37.77
N MET B 66 -25.05 -29.67 -38.26
CA MET B 66 -25.30 -29.67 -39.73
C MET B 66 -25.28 -28.24 -40.28
N VAL B 67 -25.74 -27.25 -39.52
CA VAL B 67 -25.58 -25.83 -39.94
C VAL B 67 -24.10 -25.47 -39.96
N THR B 68 -23.32 -25.91 -38.98
CA THR B 68 -21.85 -25.64 -38.95
C THR B 68 -21.26 -26.17 -40.27
N GLY B 69 -21.66 -27.37 -40.68
CA GLY B 69 -21.23 -27.96 -41.95
C GLY B 69 -21.61 -27.06 -43.10
N ALA B 70 -22.85 -26.63 -43.17
CA ALA B 70 -23.35 -25.80 -44.29
C ALA B 70 -22.58 -24.49 -44.40
N GLN B 71 -22.19 -23.92 -43.25
N GLN B 71 -22.16 -23.91 -43.27
CA GLN B 71 -21.47 -22.62 -43.15
CA GLN B 71 -21.50 -22.58 -43.23
C GLN B 71 -20.20 -22.69 -44.02
C GLN B 71 -20.09 -22.66 -43.85
N TYR B 72 -19.55 -23.87 -44.09
CA TYR B 72 -18.25 -24.03 -44.80
C TYR B 72 -18.41 -23.71 -46.28
N MET B 73 -19.61 -23.81 -46.85
CA MET B 73 -19.82 -23.40 -48.25
C MET B 73 -19.47 -21.90 -48.36
N ASP B 74 -19.99 -21.08 -47.46
CA ASP B 74 -19.66 -19.63 -47.42
C ASP B 74 -18.18 -19.43 -47.09
N HIS B 75 -17.63 -20.12 -46.10
CA HIS B 75 -16.21 -19.87 -45.70
C HIS B 75 -15.28 -20.13 -46.88
N LEU B 76 -15.51 -21.22 -47.64
CA LEU B 76 -14.59 -21.60 -48.73
C LEU B 76 -14.64 -20.48 -49.79
N ARG B 77 -15.83 -20.01 -50.17
CA ARG B 77 -15.98 -18.94 -51.18
C ARG B 77 -15.35 -17.63 -50.66
N GLU B 78 -15.70 -17.24 -49.44
CA GLU B 78 -15.29 -15.94 -48.81
C GLU B 78 -13.76 -15.88 -48.60
N SER B 79 -13.07 -17.03 -48.46
CA SER B 79 -11.63 -17.12 -48.17
C SER B 79 -10.84 -16.40 -49.27
N ALA B 80 -11.35 -16.43 -50.49
CA ALA B 80 -10.66 -15.91 -51.70
C ALA B 80 -10.33 -14.42 -51.51
N GLY B 81 -11.28 -13.67 -50.95
CA GLY B 81 -11.12 -12.22 -50.73
C GLY B 81 -9.95 -11.90 -49.79
N PHE B 82 -9.56 -12.85 -48.93
CA PHE B 82 -8.50 -12.69 -47.90
C PHE B 82 -7.23 -13.37 -48.41
N GLY B 83 -7.21 -13.72 -49.70
CA GLY B 83 -5.99 -14.16 -50.40
C GLY B 83 -5.87 -15.66 -50.48
N TRP B 84 -6.86 -16.41 -49.98
CA TRP B 84 -6.82 -17.90 -50.07
C TRP B 84 -7.13 -18.35 -51.50
N GLU B 85 -6.25 -19.19 -52.02
CA GLU B 85 -6.28 -19.69 -53.42
C GLU B 85 -6.30 -21.21 -53.32
N PHE B 86 -7.22 -21.86 -54.02
CA PHE B 86 -7.25 -23.34 -54.18
C PHE B 86 -8.16 -23.64 -55.37
N ASP B 87 -8.19 -24.90 -55.79
CA ASP B 87 -8.94 -25.33 -56.99
C ASP B 87 -10.42 -25.43 -56.61
N GLY B 88 -11.18 -24.38 -56.86
CA GLY B 88 -12.65 -24.31 -56.67
C GLY B 88 -13.34 -25.52 -57.27
N SER B 89 -12.91 -25.93 -58.47
CA SER B 89 -13.52 -27.05 -59.24
C SER B 89 -13.48 -28.34 -58.43
N SER B 90 -12.50 -28.54 -57.54
CA SER B 90 -12.33 -29.82 -56.82
C SER B 90 -13.26 -29.88 -55.61
N VAL B 91 -13.99 -28.81 -55.28
CA VAL B 91 -14.75 -28.69 -54.00
C VAL B 91 -16.01 -29.54 -54.10
N LYS B 92 -16.20 -30.51 -53.20
CA LYS B 92 -17.47 -31.27 -53.12
CA LYS B 92 -17.46 -31.29 -53.11
C LYS B 92 -17.86 -31.43 -51.65
N ALA B 93 -19.17 -31.39 -51.38
CA ALA B 93 -19.80 -31.53 -50.06
C ALA B 93 -20.31 -32.96 -49.92
N ASN B 94 -19.72 -33.72 -49.00
CA ASN B 94 -20.05 -35.13 -48.73
C ASN B 94 -21.07 -35.23 -47.57
N TRP B 95 -22.36 -35.26 -47.90
CA TRP B 95 -23.49 -35.45 -46.96
C TRP B 95 -23.31 -36.70 -46.09
N LYS B 96 -22.96 -37.86 -46.67
CA LYS B 96 -22.88 -39.14 -45.90
C LYS B 96 -21.89 -38.97 -44.77
N LYS B 97 -20.78 -38.30 -45.03
CA LYS B 97 -19.72 -38.07 -44.02
C LYS B 97 -20.30 -37.15 -42.93
N LEU B 98 -21.12 -36.17 -43.29
CA LEU B 98 -21.71 -35.23 -42.30
C LEU B 98 -22.68 -36.02 -41.39
N ILE B 99 -23.54 -36.82 -41.99
CA ILE B 99 -24.58 -37.63 -41.28
C ILE B 99 -23.85 -38.61 -40.36
N ALA B 100 -22.81 -39.29 -40.87
CA ALA B 100 -22.10 -40.29 -40.04
C ALA B 100 -21.42 -39.57 -38.87
N ALA B 101 -20.88 -38.37 -39.08
CA ALA B 101 -20.18 -37.62 -38.00
C ALA B 101 -21.22 -37.13 -36.99
N LYS B 102 -22.40 -36.71 -37.46
CA LYS B 102 -23.52 -36.28 -36.58
C LYS B 102 -23.98 -37.48 -35.74
N ASN B 103 -24.20 -38.64 -36.38
CA ASN B 103 -24.67 -39.91 -35.75
C ASN B 103 -23.78 -40.35 -34.58
N GLU B 104 -22.46 -40.25 -34.75
CA GLU B 104 -21.46 -40.64 -33.71
C GLU B 104 -21.53 -39.64 -32.55
N ALA B 105 -21.62 -38.34 -32.84
CA ALA B 105 -21.75 -37.28 -31.81
C ALA B 105 -23.01 -37.56 -30.98
N VAL B 106 -24.13 -37.83 -31.64
CA VAL B 106 -25.41 -38.00 -30.93
C VAL B 106 -25.35 -39.30 -30.14
N LEU B 107 -24.84 -40.39 -30.73
CA LEU B 107 -24.82 -41.72 -30.05
C LEU B 107 -23.94 -41.63 -28.79
N ASP B 108 -22.83 -40.90 -28.86
CA ASP B 108 -21.96 -40.59 -27.68
C ASP B 108 -22.80 -39.93 -26.58
N ILE B 109 -23.69 -39.00 -26.93
CA ILE B 109 -24.53 -38.30 -25.91
C ILE B 109 -25.52 -39.31 -25.32
N ASN B 110 -26.11 -40.17 -26.15
CA ASN B 110 -27.07 -41.22 -25.70
C ASN B 110 -26.38 -42.13 -24.64
N LYS B 111 -25.20 -42.66 -24.97
CA LYS B 111 -24.39 -43.51 -24.05
C LYS B 111 -24.03 -42.78 -22.74
N SER B 112 -23.62 -41.52 -22.82
CA SER B 112 -23.31 -40.70 -21.62
C SER B 112 -24.56 -40.61 -20.71
N TYR B 113 -25.76 -40.46 -21.26
CA TYR B 113 -27.03 -40.40 -20.48
C TYR B 113 -27.33 -41.78 -19.87
N GLU B 114 -26.97 -42.85 -20.57
CA GLU B 114 -27.11 -44.25 -20.09
C GLU B 114 -26.25 -44.40 -18.82
N GLY B 115 -24.95 -44.07 -18.94
CA GLY B 115 -23.97 -43.98 -17.83
C GLY B 115 -24.50 -43.16 -16.66
N MET B 116 -25.15 -42.03 -16.91
CA MET B 116 -25.69 -41.12 -15.87
C MET B 116 -26.74 -41.87 -15.01
N PHE B 117 -27.69 -42.56 -15.64
CA PHE B 117 -28.70 -43.40 -14.94
C PHE B 117 -28.00 -44.48 -14.08
N ASN B 118 -27.01 -45.18 -14.65
CA ASN B 118 -26.27 -46.29 -13.98
C ASN B 118 -25.53 -45.78 -12.74
N ASP B 119 -24.95 -44.57 -12.79
CA ASP B 119 -24.07 -43.98 -11.75
C ASP B 119 -24.87 -43.16 -10.72
N THR B 120 -26.17 -42.95 -10.90
CA THR B 120 -26.93 -42.00 -10.04
C THR B 120 -27.95 -42.79 -9.21
N GLU B 121 -27.86 -42.69 -7.89
CA GLU B 121 -28.79 -43.34 -6.93
C GLU B 121 -30.15 -42.66 -7.03
N GLY B 122 -31.22 -43.46 -6.96
CA GLY B 122 -32.63 -43.01 -6.94
C GLY B 122 -33.10 -42.52 -8.30
N LEU B 123 -32.34 -42.81 -9.36
CA LEU B 123 -32.68 -42.42 -10.75
C LEU B 123 -32.66 -43.67 -11.63
N ASP B 124 -33.85 -44.17 -11.99
CA ASP B 124 -34.00 -45.42 -12.79
C ASP B 124 -34.65 -45.11 -14.14
N PHE B 125 -34.07 -45.69 -15.19
CA PHE B 125 -34.55 -45.62 -16.58
C PHE B 125 -35.38 -46.86 -16.87
N PHE B 126 -36.59 -46.69 -17.43
CA PHE B 126 -37.45 -47.76 -18.00
C PHE B 126 -37.72 -47.50 -19.48
N LEU B 127 -37.42 -48.50 -20.31
CA LEU B 127 -37.65 -48.54 -21.77
C LEU B 127 -39.12 -48.91 -22.07
N GLY B 128 -39.83 -48.09 -22.84
CA GLY B 128 -41.20 -48.42 -23.29
C GLY B 128 -42.10 -47.22 -23.32
N TRP B 129 -43.40 -47.47 -23.53
CA TRP B 129 -44.41 -46.43 -23.79
C TRP B 129 -45.21 -46.22 -22.51
N GLY B 130 -45.09 -45.04 -21.91
CA GLY B 130 -45.74 -44.70 -20.64
C GLY B 130 -47.11 -44.13 -20.88
N SER B 131 -48.09 -44.50 -20.06
CA SER B 131 -49.44 -43.88 -20.05
C SER B 131 -50.00 -43.93 -18.63
N LEU B 132 -51.07 -43.18 -18.41
CA LEU B 132 -51.70 -43.00 -17.08
C LEU B 132 -52.82 -44.05 -16.96
N GLU B 133 -52.70 -44.94 -15.98
CA GLU B 133 -53.73 -45.97 -15.65
C GLU B 133 -54.66 -45.42 -14.57
N SER B 134 -54.08 -44.72 -13.59
CA SER B 134 -54.81 -43.99 -12.51
C SER B 134 -53.93 -42.86 -11.99
N LYS B 135 -54.55 -41.97 -11.21
CA LYS B 135 -53.95 -40.81 -10.49
C LYS B 135 -52.49 -41.09 -10.07
N ASN B 136 -52.16 -42.35 -9.73
CA ASN B 136 -50.91 -42.72 -9.05
C ASN B 136 -50.28 -43.98 -9.66
N VAL B 137 -50.65 -44.38 -10.87
CA VAL B 137 -50.00 -45.54 -11.56
C VAL B 137 -49.64 -45.11 -12.99
N VAL B 138 -48.36 -45.28 -13.34
CA VAL B 138 -47.86 -45.15 -14.74
C VAL B 138 -47.62 -46.58 -15.22
N VAL B 139 -48.27 -46.95 -16.31
CA VAL B 139 -48.06 -48.26 -16.99
C VAL B 139 -47.08 -48.01 -18.15
N VAL B 140 -46.12 -48.90 -18.29
CA VAL B 140 -45.13 -48.91 -19.40
C VAL B 140 -45.41 -50.14 -20.25
N ARG B 141 -45.79 -49.94 -21.52
CA ARG B 141 -46.10 -51.06 -22.44
C ARG B 141 -45.01 -51.16 -23.52
N GLU B 142 -45.06 -52.23 -24.33
CA GLU B 142 -44.04 -52.60 -25.36
C GLU B 142 -44.09 -51.63 -26.55
N THR B 143 -45.27 -51.10 -26.86
CA THR B 143 -45.54 -50.21 -28.02
C THR B 143 -46.59 -49.18 -27.63
N ALA B 144 -46.86 -48.23 -28.54
CA ALA B 144 -47.81 -47.11 -28.33
C ALA B 144 -49.24 -47.65 -28.21
N ASP B 145 -49.46 -48.89 -28.63
CA ASP B 145 -50.79 -49.58 -28.61
C ASP B 145 -51.19 -49.83 -27.15
N PRO B 146 -52.34 -49.30 -26.68
CA PRO B 146 -52.76 -49.52 -25.29
C PRO B 146 -53.03 -51.00 -24.93
N LYS B 147 -52.95 -51.92 -25.89
CA LYS B 147 -53.28 -53.38 -25.74
C LYS B 147 -52.00 -54.22 -25.77
N SER B 148 -50.85 -53.60 -26.02
CA SER B 148 -49.53 -54.27 -26.05
C SER B 148 -49.14 -54.74 -24.64
N ALA B 149 -48.18 -55.67 -24.58
CA ALA B 149 -47.70 -56.31 -23.34
C ALA B 149 -47.23 -55.24 -22.32
N VAL B 150 -47.83 -55.23 -21.13
CA VAL B 150 -47.36 -54.47 -19.95
C VAL B 150 -45.94 -54.97 -19.59
N LYS B 151 -45.01 -54.05 -19.32
CA LYS B 151 -43.61 -54.35 -18.92
C LYS B 151 -43.38 -54.01 -17.45
N GLU B 152 -43.98 -52.90 -17.00
CA GLU B 152 -43.88 -52.40 -15.60
C GLU B 152 -45.17 -51.64 -15.30
N ARG B 153 -45.50 -51.55 -14.01
CA ARG B 153 -46.55 -50.67 -13.47
C ARG B 153 -45.92 -49.91 -12.30
N LEU B 154 -45.80 -48.59 -12.44
CA LEU B 154 -45.04 -47.74 -11.52
C LEU B 154 -46.04 -47.00 -10.64
N GLN B 155 -46.10 -47.34 -9.34
CA GLN B 155 -46.87 -46.57 -8.34
CA GLN B 155 -46.87 -46.57 -8.34
C GLN B 155 -46.08 -45.28 -8.08
N ALA B 156 -46.74 -44.13 -8.17
CA ALA B 156 -46.04 -42.84 -8.07
C ALA B 156 -46.85 -41.85 -7.23
N ASP B 157 -46.18 -41.19 -6.29
CA ASP B 157 -46.78 -40.08 -5.50
C ASP B 157 -46.98 -38.92 -6.49
N HIS B 158 -46.02 -38.68 -7.39
CA HIS B 158 -46.05 -37.56 -8.37
C HIS B 158 -45.79 -38.07 -9.80
N ILE B 159 -46.53 -37.54 -10.79
CA ILE B 159 -46.39 -37.90 -12.23
C ILE B 159 -46.04 -36.63 -13.00
N LEU B 160 -44.94 -36.67 -13.75
CA LEU B 160 -44.49 -35.56 -14.64
C LEU B 160 -44.76 -35.99 -16.08
N LEU B 161 -45.66 -35.29 -16.76
CA LEU B 161 -45.85 -35.46 -18.22
C LEU B 161 -44.81 -34.60 -18.94
N ALA B 162 -43.93 -35.18 -19.74
CA ALA B 162 -42.86 -34.44 -20.44
C ALA B 162 -42.53 -35.16 -21.76
N THR B 163 -43.54 -35.45 -22.57
CA THR B 163 -43.43 -36.27 -23.80
C THR B 163 -43.09 -35.40 -25.02
N GLY B 164 -43.02 -34.09 -24.87
CA GLY B 164 -42.61 -33.15 -25.95
C GLY B 164 -43.66 -33.01 -27.05
N SER B 165 -43.21 -32.75 -28.28
CA SER B 165 -44.07 -32.44 -29.44
C SER B 165 -43.70 -33.34 -30.62
N TRP B 166 -44.41 -33.20 -31.73
CA TRP B 166 -44.27 -34.07 -32.92
C TRP B 166 -44.58 -33.21 -34.15
N PRO B 167 -43.98 -33.49 -35.33
CA PRO B 167 -44.27 -32.70 -36.53
C PRO B 167 -45.77 -32.83 -36.85
N GLN B 168 -46.40 -31.67 -37.10
CA GLN B 168 -47.77 -31.50 -37.63
C GLN B 168 -47.73 -31.77 -39.13
N MET B 169 -48.56 -32.69 -39.62
CA MET B 169 -48.61 -33.02 -41.06
C MET B 169 -50.00 -32.62 -41.53
N PRO B 170 -50.16 -31.72 -42.55
CA PRO B 170 -51.49 -31.30 -42.97
C PRO B 170 -52.25 -32.45 -43.65
N ALA B 171 -53.56 -32.48 -43.50
CA ALA B 171 -54.48 -33.48 -44.09
C ALA B 171 -54.67 -33.15 -45.57
N ILE B 172 -53.67 -33.41 -46.42
CA ILE B 172 -53.77 -33.20 -47.88
C ILE B 172 -53.53 -34.55 -48.55
N PRO B 173 -54.15 -34.80 -49.72
CA PRO B 173 -53.85 -36.00 -50.49
C PRO B 173 -52.35 -36.09 -50.80
N GLY B 174 -51.77 -37.26 -50.53
CA GLY B 174 -50.35 -37.58 -50.77
C GLY B 174 -49.42 -37.10 -49.66
N ILE B 175 -49.97 -36.75 -48.49
CA ILE B 175 -49.15 -36.30 -47.32
C ILE B 175 -48.13 -37.39 -46.97
N GLU B 176 -48.46 -38.66 -47.22
CA GLU B 176 -47.59 -39.82 -46.93
C GLU B 176 -46.36 -39.82 -47.85
N HIS B 177 -46.34 -39.05 -48.94
CA HIS B 177 -45.11 -38.96 -49.77
C HIS B 177 -44.19 -37.85 -49.26
N CYS B 178 -44.57 -37.18 -48.16
CA CYS B 178 -43.84 -36.05 -47.55
C CYS B 178 -43.04 -36.57 -46.36
N ILE B 179 -41.99 -35.86 -45.93
CA ILE B 179 -41.23 -36.19 -44.70
C ILE B 179 -41.33 -35.01 -43.74
N SER B 180 -40.79 -35.19 -42.54
CA SER B 180 -40.64 -34.17 -41.48
C SER B 180 -39.15 -34.01 -41.19
N SER B 181 -38.82 -33.18 -40.20
CA SER B 181 -37.42 -32.93 -39.78
C SER B 181 -36.83 -34.27 -39.32
N ASN B 182 -37.65 -35.13 -38.72
CA ASN B 182 -37.17 -36.43 -38.17
C ASN B 182 -36.43 -37.19 -39.24
N GLU B 183 -37.03 -37.35 -40.42
CA GLU B 183 -36.48 -38.17 -41.53
C GLU B 183 -35.32 -37.45 -42.24
N ALA B 184 -35.39 -36.13 -42.28
CA ALA B 184 -34.34 -35.25 -42.86
C ALA B 184 -32.97 -35.57 -42.24
N PHE B 185 -32.94 -35.93 -40.97
CA PHE B 185 -31.67 -36.19 -40.25
C PHE B 185 -31.05 -37.52 -40.72
N TYR B 186 -31.77 -38.34 -41.47
CA TYR B 186 -31.31 -39.70 -41.86
C TYR B 186 -31.35 -39.92 -43.38
N LEU B 187 -31.65 -38.90 -44.18
CA LEU B 187 -31.64 -39.06 -45.66
C LEU B 187 -30.32 -39.70 -46.07
N PRO B 188 -30.36 -40.82 -46.84
CA PRO B 188 -29.13 -41.47 -47.31
C PRO B 188 -28.32 -40.54 -48.20
N GLU B 189 -29.01 -39.75 -49.03
CA GLU B 189 -28.34 -38.86 -50.01
CA GLU B 189 -28.40 -38.88 -50.07
C GLU B 189 -28.90 -37.45 -49.86
N PRO B 190 -28.08 -36.41 -50.10
CA PRO B 190 -28.57 -35.04 -49.99
C PRO B 190 -29.53 -34.89 -51.15
N PRO B 191 -30.74 -34.37 -50.95
CA PRO B 191 -31.69 -34.24 -52.04
C PRO B 191 -31.23 -33.17 -53.03
N ARG B 192 -31.45 -33.44 -54.32
CA ARG B 192 -31.05 -32.55 -55.43
C ARG B 192 -32.03 -31.37 -55.55
N ARG B 193 -33.33 -31.66 -55.53
CA ARG B 193 -34.42 -30.65 -55.46
C ARG B 193 -35.21 -30.92 -54.19
N VAL B 194 -35.39 -29.93 -53.33
CA VAL B 194 -36.17 -30.12 -52.08
C VAL B 194 -37.05 -28.91 -51.87
N LEU B 195 -38.26 -29.18 -51.40
CA LEU B 195 -39.25 -28.19 -50.95
C LEU B 195 -39.33 -28.33 -49.44
N THR B 196 -38.95 -27.28 -48.72
CA THR B 196 -39.23 -27.13 -47.27
C THR B 196 -40.50 -26.30 -47.15
N VAL B 197 -41.50 -26.84 -46.45
CA VAL B 197 -42.85 -26.25 -46.30
C VAL B 197 -42.94 -25.65 -44.91
N GLY B 198 -43.08 -24.34 -44.82
CA GLY B 198 -43.22 -23.61 -43.55
C GLY B 198 -42.32 -22.39 -43.50
N GLY B 199 -42.77 -21.37 -42.76
CA GLY B 199 -42.06 -20.08 -42.61
C GLY B 199 -41.24 -20.03 -41.33
N GLY B 200 -41.30 -21.07 -40.49
CA GLY B 200 -40.68 -21.08 -39.16
C GLY B 200 -39.22 -21.48 -39.22
N PHE B 201 -38.58 -21.51 -38.05
CA PHE B 201 -37.11 -21.67 -37.89
C PHE B 201 -36.67 -23.03 -38.45
N ILE B 202 -37.45 -24.10 -38.28
CA ILE B 202 -37.02 -25.45 -38.76
C ILE B 202 -36.93 -25.45 -40.29
N SER B 203 -37.95 -24.93 -41.00
CA SER B 203 -37.95 -24.84 -42.48
C SER B 203 -36.75 -24.00 -42.95
N VAL B 204 -36.48 -22.90 -42.26
CA VAL B 204 -35.40 -21.95 -42.66
C VAL B 204 -34.04 -22.60 -42.44
N GLU B 205 -33.84 -23.28 -41.32
CA GLU B 205 -32.52 -23.87 -41.00
C GLU B 205 -32.20 -24.97 -42.02
N PHE B 206 -33.15 -25.85 -42.27
CA PHE B 206 -33.00 -27.01 -43.18
C PHE B 206 -32.75 -26.52 -44.60
N ALA B 207 -33.44 -25.46 -45.03
CA ALA B 207 -33.23 -24.87 -46.36
C ALA B 207 -31.75 -24.52 -46.48
N GLY B 208 -31.16 -23.90 -45.46
CA GLY B 208 -29.72 -23.59 -45.48
C GLY B 208 -28.88 -24.86 -45.57
N ILE B 209 -29.18 -25.87 -44.75
CA ILE B 209 -28.42 -27.15 -44.72
C ILE B 209 -28.49 -27.80 -46.11
N PHE B 210 -29.68 -27.93 -46.68
CA PHE B 210 -29.85 -28.63 -47.98
C PHE B 210 -29.16 -27.84 -49.10
N ASN B 211 -29.20 -26.51 -48.99
CA ASN B 211 -28.58 -25.61 -49.97
C ASN B 211 -27.06 -25.79 -50.05
N ALA B 212 -26.38 -26.07 -48.94
CA ALA B 212 -24.91 -26.25 -48.94
C ALA B 212 -24.55 -27.63 -49.49
N TYR B 213 -25.37 -28.65 -49.20
CA TYR B 213 -24.97 -30.05 -49.45
C TYR B 213 -25.63 -30.56 -50.74
N LYS B 214 -26.41 -29.74 -51.45
CA LYS B 214 -27.12 -30.16 -52.68
C LYS B 214 -26.11 -30.57 -53.76
N PRO B 215 -26.38 -31.66 -54.51
CA PRO B 215 -25.48 -32.04 -55.60
C PRO B 215 -25.52 -30.99 -56.70
N PRO B 216 -24.60 -31.08 -57.70
CA PRO B 216 -24.53 -30.11 -58.77
C PRO B 216 -25.86 -30.01 -59.52
N GLY B 217 -26.30 -28.79 -59.84
CA GLY B 217 -27.56 -28.49 -60.55
C GLY B 217 -28.79 -28.46 -59.66
N GLY B 218 -28.63 -28.67 -58.35
CA GLY B 218 -29.75 -28.75 -57.38
C GLY B 218 -30.35 -27.40 -57.04
N LYS B 219 -31.47 -27.40 -56.32
CA LYS B 219 -32.27 -26.21 -56.00
C LYS B 219 -33.11 -26.47 -54.75
N VAL B 220 -32.97 -25.59 -53.76
CA VAL B 220 -33.79 -25.57 -52.54
C VAL B 220 -34.89 -24.53 -52.75
N THR B 221 -36.15 -24.95 -52.53
CA THR B 221 -37.34 -24.07 -52.51
C THR B 221 -37.94 -24.10 -51.11
N LEU B 222 -38.22 -22.95 -50.55
CA LEU B 222 -38.97 -22.83 -49.30
C LEU B 222 -40.28 -22.15 -49.63
N CYS B 223 -41.42 -22.72 -49.23
CA CYS B 223 -42.75 -22.14 -49.46
C CYS B 223 -43.42 -21.87 -48.12
N TYR B 224 -44.20 -20.80 -48.06
CA TYR B 224 -44.88 -20.35 -46.83
C TYR B 224 -46.23 -19.80 -47.24
N ARG B 225 -47.29 -20.14 -46.51
CA ARG B 225 -48.68 -19.87 -46.93
C ARG B 225 -48.96 -18.37 -46.84
N ASN B 226 -48.22 -17.61 -46.02
CA ASN B 226 -48.47 -16.15 -45.88
C ASN B 226 -47.33 -15.38 -46.55
N ASN B 227 -47.28 -14.07 -46.36
CA ASN B 227 -46.56 -13.11 -47.22
C ASN B 227 -45.08 -13.03 -46.84
N LEU B 228 -44.73 -13.33 -45.59
CA LEU B 228 -43.37 -13.06 -45.07
C LEU B 228 -43.00 -14.13 -44.04
N ILE B 229 -41.86 -14.77 -44.21
CA ILE B 229 -41.47 -15.90 -43.32
C ILE B 229 -41.14 -15.39 -41.91
N LEU B 230 -41.04 -16.36 -40.99
CA LEU B 230 -40.55 -16.17 -39.60
C LEU B 230 -41.45 -15.17 -38.87
N ARG B 231 -42.76 -15.41 -38.94
CA ARG B 231 -43.78 -14.76 -38.07
C ARG B 231 -43.28 -14.83 -36.63
N GLY B 232 -43.33 -13.69 -35.92
CA GLY B 232 -43.01 -13.57 -34.47
C GLY B 232 -41.61 -13.01 -34.26
N PHE B 233 -40.84 -12.91 -35.34
CA PHE B 233 -39.52 -12.25 -35.32
C PHE B 233 -39.70 -10.79 -35.78
N ASP B 234 -38.74 -9.95 -35.42
CA ASP B 234 -38.62 -8.55 -35.89
C ASP B 234 -38.84 -8.50 -37.40
N GLU B 235 -39.61 -7.50 -37.86
CA GLU B 235 -40.02 -7.34 -39.27
C GLU B 235 -38.80 -7.04 -40.15
N THR B 236 -37.90 -6.15 -39.72
CA THR B 236 -36.69 -5.82 -40.52
C THR B 236 -35.89 -7.12 -40.74
N ILE B 237 -35.78 -7.96 -39.71
CA ILE B 237 -34.92 -9.17 -39.78
C ILE B 237 -35.61 -10.19 -40.69
N ARG B 238 -36.94 -10.26 -40.66
CA ARG B 238 -37.72 -11.17 -41.55
C ARG B 238 -37.44 -10.81 -43.01
N GLU B 239 -37.40 -9.52 -43.34
CA GLU B 239 -37.21 -9.05 -44.73
C GLU B 239 -35.77 -9.32 -45.13
N GLU B 240 -34.82 -9.07 -44.24
CA GLU B 240 -33.38 -9.22 -44.57
C GLU B 240 -33.02 -10.70 -44.69
N VAL B 241 -33.50 -11.58 -43.82
CA VAL B 241 -33.12 -13.02 -43.91
CA VAL B 241 -33.17 -13.03 -43.89
C VAL B 241 -33.68 -13.58 -45.23
N THR B 242 -34.90 -13.15 -45.60
CA THR B 242 -35.53 -13.50 -46.90
C THR B 242 -34.57 -13.13 -48.05
N LYS B 243 -34.04 -11.91 -47.99
CA LYS B 243 -33.12 -11.33 -49.02
C LYS B 243 -31.82 -12.15 -49.05
N GLN B 244 -31.28 -12.50 -47.88
CA GLN B 244 -29.97 -13.18 -47.73
C GLN B 244 -30.12 -14.65 -48.13
N LEU B 245 -31.25 -15.31 -47.82
CA LEU B 245 -31.51 -16.69 -48.33
C LEU B 245 -31.56 -16.64 -49.86
N THR B 246 -32.24 -15.65 -50.45
CA THR B 246 -32.36 -15.52 -51.94
C THR B 246 -30.96 -15.30 -52.53
N ALA B 247 -30.13 -14.47 -51.89
CA ALA B 247 -28.77 -14.18 -52.36
C ALA B 247 -27.96 -15.47 -52.39
N ASN B 248 -28.27 -16.43 -51.52
CA ASN B 248 -27.48 -17.67 -51.42
C ASN B 248 -28.12 -18.75 -52.28
N GLY B 249 -29.18 -18.44 -53.03
CA GLY B 249 -29.71 -19.33 -54.08
C GLY B 249 -30.94 -20.12 -53.66
N ILE B 250 -31.57 -19.79 -52.53
CA ILE B 250 -32.82 -20.44 -52.07
C ILE B 250 -33.98 -19.63 -52.66
N GLU B 251 -34.85 -20.28 -53.45
CA GLU B 251 -36.11 -19.70 -53.97
C GLU B 251 -37.12 -19.66 -52.83
N ILE B 252 -37.61 -18.48 -52.48
CA ILE B 252 -38.64 -18.30 -51.42
C ILE B 252 -39.99 -18.14 -52.13
N MET B 253 -40.91 -19.08 -51.95
CA MET B 253 -42.28 -18.98 -52.52
C MET B 253 -43.24 -18.58 -51.39
N THR B 254 -43.51 -17.30 -51.22
CA THR B 254 -44.54 -16.79 -50.28
C THR B 254 -45.96 -16.88 -50.90
N ASN B 255 -46.98 -16.82 -50.05
CA ASN B 255 -48.42 -16.93 -50.37
C ASN B 255 -48.68 -18.23 -51.16
N GLU B 256 -47.95 -19.31 -50.86
CA GLU B 256 -48.09 -20.61 -51.53
C GLU B 256 -48.22 -21.74 -50.49
N ASN B 257 -49.05 -22.73 -50.77
CA ASN B 257 -49.32 -23.85 -49.85
C ASN B 257 -49.60 -25.10 -50.68
N PRO B 258 -48.93 -26.24 -50.41
CA PRO B 258 -49.27 -27.52 -51.05
C PRO B 258 -50.75 -27.89 -50.91
N ALA B 259 -51.44 -28.16 -52.02
CA ALA B 259 -52.80 -28.75 -52.05
C ALA B 259 -52.70 -30.29 -52.09
N LYS B 260 -51.74 -30.83 -52.83
CA LYS B 260 -51.55 -32.30 -52.91
C LYS B 260 -50.13 -32.63 -53.35
N VAL B 261 -49.73 -33.87 -53.07
CA VAL B 261 -48.44 -34.45 -53.52
C VAL B 261 -48.72 -35.83 -54.13
N SER B 262 -48.14 -36.11 -55.30
CA SER B 262 -48.22 -37.43 -55.95
C SER B 262 -46.82 -37.93 -56.31
N LEU B 263 -46.72 -39.22 -56.57
CA LEU B 263 -45.46 -39.97 -56.81
C LEU B 263 -45.20 -39.88 -58.32
N ASN B 264 -43.98 -39.50 -58.71
CA ASN B 264 -43.60 -39.57 -60.15
C ASN B 264 -42.95 -40.95 -60.39
N THR B 265 -42.99 -41.40 -61.63
CA THR B 265 -42.44 -42.71 -62.07
C THR B 265 -40.98 -42.82 -61.70
N ASP B 266 -40.21 -41.72 -61.63
CA ASP B 266 -38.78 -41.78 -61.21
C ASP B 266 -38.64 -41.80 -59.69
N GLY B 267 -39.73 -41.74 -58.91
CA GLY B 267 -39.63 -41.75 -57.44
C GLY B 267 -39.51 -40.37 -56.83
N SER B 268 -39.40 -39.33 -57.66
CA SER B 268 -39.58 -37.91 -57.25
C SER B 268 -41.06 -37.60 -56.95
N LYS B 269 -41.31 -36.42 -56.38
CA LYS B 269 -42.63 -35.95 -55.91
C LYS B 269 -43.15 -34.81 -56.80
N HIS B 270 -44.43 -34.83 -57.10
CA HIS B 270 -45.12 -33.77 -57.90
C HIS B 270 -46.01 -33.00 -56.95
N VAL B 271 -45.63 -31.77 -56.63
CA VAL B 271 -46.40 -30.90 -55.69
C VAL B 271 -47.33 -30.00 -56.49
N THR B 272 -48.62 -29.98 -56.14
CA THR B 272 -49.57 -28.96 -56.66
C THR B 272 -49.92 -28.05 -55.49
N PHE B 273 -49.83 -26.75 -55.71
CA PHE B 273 -50.12 -25.69 -54.71
C PHE B 273 -51.60 -25.34 -54.81
N GLU B 274 -52.15 -24.66 -53.81
CA GLU B 274 -53.56 -24.20 -53.82
C GLU B 274 -53.80 -23.27 -55.01
N SER B 275 -52.75 -22.61 -55.50
CA SER B 275 -52.77 -21.62 -56.60
C SER B 275 -52.84 -22.30 -57.96
N GLY B 276 -52.53 -23.60 -58.07
CA GLY B 276 -52.45 -24.30 -59.37
C GLY B 276 -51.02 -24.45 -59.88
N LYS B 277 -50.06 -23.75 -59.29
CA LYS B 277 -48.61 -23.92 -59.62
CA LYS B 277 -48.61 -23.92 -59.63
C LYS B 277 -48.18 -25.35 -59.29
N THR B 278 -47.16 -25.84 -59.98
CA THR B 278 -46.64 -27.21 -59.74
C THR B 278 -45.13 -27.11 -59.56
N LEU B 279 -44.52 -28.11 -58.91
CA LEU B 279 -43.07 -28.24 -58.76
C LEU B 279 -42.72 -29.71 -58.55
N ASP B 280 -41.71 -30.22 -59.24
CA ASP B 280 -41.15 -31.59 -59.04
C ASP B 280 -39.92 -31.48 -58.15
N VAL B 281 -39.86 -32.29 -57.09
CA VAL B 281 -38.77 -32.25 -56.09
C VAL B 281 -38.48 -33.69 -55.70
N ASP B 282 -37.28 -33.96 -55.20
CA ASP B 282 -36.89 -35.30 -54.74
C ASP B 282 -37.51 -35.52 -53.35
N VAL B 283 -37.66 -34.46 -52.56
CA VAL B 283 -38.08 -34.51 -51.15
C VAL B 283 -38.94 -33.27 -50.85
N VAL B 284 -40.04 -33.50 -50.15
CA VAL B 284 -40.96 -32.47 -49.58
C VAL B 284 -40.86 -32.62 -48.06
N MET B 285 -40.18 -31.67 -47.40
CA MET B 285 -40.08 -31.67 -45.94
C MET B 285 -41.14 -30.72 -45.38
N MET B 286 -42.15 -31.28 -44.72
CA MET B 286 -43.18 -30.48 -44.02
C MET B 286 -42.61 -29.99 -42.68
N ALA B 287 -42.68 -28.69 -42.41
CA ALA B 287 -42.20 -28.05 -41.17
C ALA B 287 -43.14 -26.90 -40.84
N ILE B 288 -44.43 -27.16 -40.85
CA ILE B 288 -45.51 -26.13 -40.70
C ILE B 288 -45.81 -25.93 -39.21
N GLY B 289 -45.31 -26.80 -38.33
CA GLY B 289 -45.47 -26.63 -36.88
C GLY B 289 -45.22 -27.94 -36.15
N ARG B 290 -45.33 -27.89 -34.83
CA ARG B 290 -45.18 -29.07 -33.93
C ARG B 290 -46.34 -29.02 -32.94
N ILE B 291 -46.94 -30.17 -32.66
CA ILE B 291 -48.12 -30.30 -31.77
C ILE B 291 -47.76 -31.18 -30.59
N PRO B 292 -48.35 -30.90 -29.40
CA PRO B 292 -48.08 -31.66 -28.18
C PRO B 292 -48.31 -33.16 -28.37
N ARG B 293 -47.44 -33.96 -27.75
CA ARG B 293 -47.46 -35.44 -27.88
C ARG B 293 -48.27 -36.01 -26.71
N THR B 294 -49.60 -35.96 -26.81
CA THR B 294 -50.58 -36.30 -25.75
C THR B 294 -51.37 -37.58 -26.03
N ASN B 295 -51.44 -38.06 -27.28
CA ASN B 295 -52.38 -39.13 -27.70
C ASN B 295 -52.07 -40.46 -27.01
N ASP B 296 -50.80 -40.82 -26.85
CA ASP B 296 -50.38 -42.14 -26.33
C ASP B 296 -50.50 -42.20 -24.79
N LEU B 297 -50.75 -41.09 -24.10
CA LEU B 297 -50.72 -40.99 -22.61
C LEU B 297 -52.02 -41.51 -21.93
N GLN B 298 -53.10 -41.75 -22.69
CA GLN B 298 -54.44 -42.15 -22.17
CA GLN B 298 -54.41 -42.19 -22.12
C GLN B 298 -54.87 -41.19 -21.05
N LEU B 299 -54.85 -39.88 -21.34
CA LEU B 299 -55.16 -38.80 -20.35
C LEU B 299 -56.63 -38.84 -19.92
N GLY B 300 -57.50 -39.50 -20.70
CA GLY B 300 -58.92 -39.74 -20.36
C GLY B 300 -59.09 -40.67 -19.16
N ASN B 301 -58.09 -41.50 -18.86
CA ASN B 301 -58.15 -42.46 -17.71
C ASN B 301 -58.20 -41.70 -16.38
N VAL B 302 -57.65 -40.49 -16.32
CA VAL B 302 -57.51 -39.71 -15.06
C VAL B 302 -58.18 -38.34 -15.19
N GLY B 303 -58.57 -37.93 -16.41
CA GLY B 303 -59.25 -36.66 -16.71
C GLY B 303 -58.32 -35.45 -16.74
N VAL B 304 -57.06 -35.61 -17.15
CA VAL B 304 -56.13 -34.45 -17.35
C VAL B 304 -56.73 -33.53 -18.43
N LYS B 305 -56.99 -32.27 -18.11
CA LYS B 305 -57.62 -31.30 -19.02
C LYS B 305 -56.61 -30.83 -20.08
N LEU B 306 -57.01 -30.75 -21.36
CA LEU B 306 -56.24 -30.15 -22.49
C LEU B 306 -56.77 -28.74 -22.83
N THR B 307 -55.92 -27.83 -23.34
CA THR B 307 -56.36 -26.51 -23.89
C THR B 307 -57.07 -26.77 -25.22
N PRO B 308 -57.82 -25.79 -25.78
CA PRO B 308 -58.42 -25.99 -27.10
C PRO B 308 -57.37 -26.35 -28.18
N LYS B 309 -56.12 -25.88 -28.03
CA LYS B 309 -55.03 -26.02 -29.05
CA LYS B 309 -55.02 -26.01 -29.03
C LYS B 309 -54.40 -27.42 -28.97
N GLY B 310 -54.59 -28.14 -27.87
CA GLY B 310 -54.13 -29.55 -27.72
C GLY B 310 -53.06 -29.72 -26.64
N GLY B 311 -52.55 -28.62 -26.07
CA GLY B 311 -51.58 -28.68 -24.95
C GLY B 311 -52.22 -29.20 -23.66
N VAL B 312 -51.42 -29.82 -22.79
CA VAL B 312 -51.87 -30.14 -21.39
C VAL B 312 -51.97 -28.81 -20.63
N GLN B 313 -53.18 -28.46 -20.17
CA GLN B 313 -53.42 -27.20 -19.44
C GLN B 313 -52.65 -27.27 -18.12
N VAL B 314 -51.99 -26.19 -17.75
CA VAL B 314 -51.15 -26.09 -16.52
C VAL B 314 -51.34 -24.70 -15.93
N ASP B 315 -51.23 -24.59 -14.61
CA ASP B 315 -51.08 -23.27 -13.96
C ASP B 315 -49.59 -22.84 -14.06
N GLU B 316 -49.29 -21.66 -13.51
CA GLU B 316 -47.94 -21.05 -13.55
C GLU B 316 -46.92 -21.99 -12.92
N PHE B 317 -47.34 -22.95 -12.06
CA PHE B 317 -46.40 -23.87 -11.36
C PHE B 317 -46.39 -25.25 -12.06
N SER B 318 -46.93 -25.34 -13.27
CA SER B 318 -46.88 -26.56 -14.13
C SER B 318 -47.78 -27.66 -13.53
N ARG B 319 -48.84 -27.30 -12.81
CA ARG B 319 -49.82 -28.29 -12.25
C ARG B 319 -50.99 -28.46 -13.22
N THR B 320 -51.37 -29.70 -13.52
CA THR B 320 -52.63 -30.03 -14.24
C THR B 320 -53.81 -29.81 -13.29
N ASN B 321 -55.03 -30.06 -13.74
CA ASN B 321 -56.27 -29.97 -12.92
C ASN B 321 -56.25 -31.12 -11.89
N VAL B 322 -55.55 -32.21 -12.22
CA VAL B 322 -55.46 -33.43 -11.37
C VAL B 322 -54.29 -33.27 -10.39
N PRO B 323 -54.55 -33.19 -9.07
CA PRO B 323 -53.48 -33.11 -8.08
C PRO B 323 -52.39 -34.20 -8.23
N ASN B 324 -51.13 -33.82 -8.03
CA ASN B 324 -49.92 -34.68 -8.06
CA ASN B 324 -49.99 -34.79 -8.05
C ASN B 324 -49.57 -35.10 -9.50
N ILE B 325 -50.23 -34.50 -10.51
CA ILE B 325 -49.87 -34.67 -11.96
C ILE B 325 -49.51 -33.31 -12.56
N TYR B 326 -48.30 -33.22 -13.14
CA TYR B 326 -47.70 -32.00 -13.71
C TYR B 326 -47.36 -32.22 -15.19
N ALA B 327 -47.19 -31.13 -15.94
CA ALA B 327 -46.68 -31.16 -17.33
C ALA B 327 -45.74 -29.98 -17.56
N ILE B 328 -44.60 -30.24 -18.20
CA ILE B 328 -43.58 -29.23 -18.58
C ILE B 328 -43.17 -29.46 -20.02
N GLY B 329 -42.50 -28.45 -20.63
CA GLY B 329 -41.87 -28.53 -21.96
C GLY B 329 -42.93 -28.46 -23.06
N ASP B 330 -42.63 -29.01 -24.23
CA ASP B 330 -43.43 -28.82 -25.47
C ASP B 330 -44.86 -29.32 -25.28
N ILE B 331 -45.12 -30.28 -24.38
CA ILE B 331 -46.48 -30.87 -24.21
C ILE B 331 -47.44 -29.76 -23.74
N THR B 332 -46.94 -28.67 -23.12
CA THR B 332 -47.80 -27.55 -22.64
C THR B 332 -48.04 -26.52 -23.74
N ASP B 333 -47.41 -26.67 -24.91
CA ASP B 333 -47.70 -25.83 -26.12
C ASP B 333 -47.54 -24.33 -25.84
N ARG B 334 -46.55 -23.92 -25.03
CA ARG B 334 -46.18 -22.51 -24.75
CA ARG B 334 -46.21 -22.49 -24.78
C ARG B 334 -44.93 -22.15 -25.59
N LEU B 335 -43.77 -21.94 -24.95
CA LEU B 335 -42.47 -21.70 -25.64
C LEU B 335 -41.80 -23.06 -25.84
N MET B 336 -41.56 -23.45 -27.09
CA MET B 336 -40.97 -24.77 -27.43
C MET B 336 -39.46 -24.57 -27.63
N LEU B 337 -38.76 -24.39 -26.51
CA LEU B 337 -37.27 -24.21 -26.44
C LEU B 337 -36.77 -25.12 -25.34
N THR B 338 -35.63 -25.78 -25.56
CA THR B 338 -35.00 -26.69 -24.59
C THR B 338 -34.78 -25.97 -23.26
N PRO B 339 -34.13 -24.79 -23.23
CA PRO B 339 -33.83 -24.13 -21.95
C PRO B 339 -35.05 -23.80 -21.11
N VAL B 340 -36.17 -23.57 -21.77
CA VAL B 340 -37.46 -23.25 -21.11
C VAL B 340 -37.97 -24.55 -20.49
N ALA B 341 -37.88 -25.67 -21.21
CA ALA B 341 -38.32 -26.98 -20.67
C ALA B 341 -37.47 -27.30 -19.42
N ILE B 342 -36.16 -27.06 -19.50
CA ILE B 342 -35.19 -27.37 -18.40
C ILE B 342 -35.55 -26.51 -17.17
N ASN B 343 -35.76 -25.21 -17.40
CA ASN B 343 -36.09 -24.25 -16.32
C ASN B 343 -37.39 -24.71 -15.63
N GLU B 344 -38.43 -25.09 -16.39
CA GLU B 344 -39.75 -25.56 -15.87
C GLU B 344 -39.55 -26.80 -15.00
N GLY B 345 -38.71 -27.74 -15.46
CA GLY B 345 -38.41 -28.99 -14.73
C GLY B 345 -37.80 -28.68 -13.39
N ALA B 346 -36.78 -27.81 -13.37
CA ALA B 346 -36.06 -27.38 -12.16
C ALA B 346 -37.06 -26.74 -11.20
N ALA B 347 -37.80 -25.75 -11.69
CA ALA B 347 -38.84 -24.99 -10.97
C ALA B 347 -39.84 -25.94 -10.33
N LEU B 348 -40.34 -26.92 -11.11
CA LEU B 348 -41.37 -27.88 -10.64
C LEU B 348 -40.84 -28.67 -9.42
N VAL B 349 -39.64 -29.23 -9.53
CA VAL B 349 -39.01 -30.09 -8.49
C VAL B 349 -38.71 -29.25 -7.23
N ASP B 350 -38.20 -28.03 -7.41
CA ASP B 350 -37.99 -27.05 -6.30
C ASP B 350 -39.31 -26.78 -5.57
N THR B 351 -40.42 -26.71 -6.29
CA THR B 351 -41.77 -26.38 -5.74
C THR B 351 -42.32 -27.59 -4.99
N VAL B 352 -42.26 -28.75 -5.62
CA VAL B 352 -42.97 -29.97 -5.15
C VAL B 352 -42.21 -30.61 -3.98
N PHE B 353 -40.86 -30.61 -4.02
CA PHE B 353 -39.99 -31.44 -3.13
C PHE B 353 -38.97 -30.59 -2.35
N GLY B 354 -38.76 -29.31 -2.70
CA GLY B 354 -38.15 -28.31 -1.81
C GLY B 354 -39.25 -27.56 -1.08
N ASN B 355 -38.92 -26.65 -0.16
CA ASN B 355 -39.87 -25.60 0.25
C ASN B 355 -39.42 -24.32 -0.45
N LYS B 356 -39.39 -24.37 -1.78
CA LYS B 356 -38.84 -23.30 -2.65
C LYS B 356 -39.80 -23.08 -3.83
N PRO B 357 -41.06 -22.67 -3.61
CA PRO B 357 -42.00 -22.53 -4.72
C PRO B 357 -41.37 -21.57 -5.75
N ARG B 358 -41.23 -22.02 -7.00
CA ARG B 358 -40.61 -21.26 -8.12
C ARG B 358 -41.46 -21.46 -9.38
N LYS B 359 -41.68 -20.37 -10.13
CA LYS B 359 -42.35 -20.40 -11.44
C LYS B 359 -41.37 -19.89 -12.50
N THR B 360 -41.42 -20.48 -13.69
CA THR B 360 -40.59 -20.08 -14.84
C THR B 360 -41.13 -18.76 -15.40
N ASP B 361 -40.26 -17.80 -15.62
CA ASP B 361 -40.61 -16.54 -16.29
C ASP B 361 -40.52 -16.87 -17.79
N HIS B 362 -41.62 -16.76 -18.56
CA HIS B 362 -41.63 -17.01 -20.03
C HIS B 362 -41.48 -15.69 -20.82
N THR B 363 -41.20 -14.57 -20.16
CA THR B 363 -40.86 -13.29 -20.83
C THR B 363 -39.35 -13.18 -20.94
N ARG B 364 -38.88 -12.40 -21.93
CA ARG B 364 -37.48 -12.00 -22.07
C ARG B 364 -36.60 -13.24 -22.16
N VAL B 365 -37.10 -14.29 -22.80
CA VAL B 365 -36.27 -15.49 -23.11
C VAL B 365 -35.52 -15.23 -24.42
N ALA B 366 -34.19 -15.29 -24.38
CA ALA B 366 -33.34 -15.20 -25.59
C ALA B 366 -33.46 -16.49 -26.40
N SER B 367 -33.50 -16.35 -27.73
CA SER B 367 -33.62 -17.49 -28.68
C SER B 367 -32.85 -17.14 -29.95
N ALA B 368 -32.65 -18.13 -30.82
CA ALA B 368 -31.81 -18.00 -32.03
C ALA B 368 -32.46 -18.75 -33.18
N VAL B 369 -32.18 -18.31 -34.39
CA VAL B 369 -32.40 -19.09 -35.62
C VAL B 369 -31.03 -19.29 -36.24
N PHE B 370 -30.62 -20.53 -36.46
CA PHE B 370 -29.35 -20.87 -37.15
C PHE B 370 -29.55 -20.89 -38.66
N SER B 371 -30.19 -19.84 -39.14
CA SER B 371 -30.16 -19.39 -40.54
C SER B 371 -28.71 -19.03 -40.86
N ILE B 372 -28.40 -18.93 -42.15
CA ILE B 372 -27.12 -18.38 -42.62
C ILE B 372 -27.47 -17.08 -43.34
N PRO B 373 -27.08 -15.91 -42.74
CA PRO B 373 -26.52 -15.86 -41.38
C PRO B 373 -27.60 -15.88 -40.28
N PRO B 374 -27.20 -16.04 -39.01
CA PRO B 374 -28.16 -16.32 -37.94
C PRO B 374 -28.83 -15.12 -37.27
N ILE B 375 -29.93 -15.41 -36.57
CA ILE B 375 -30.75 -14.48 -35.76
C ILE B 375 -30.49 -14.77 -34.29
N GLY B 376 -30.38 -13.72 -33.48
CA GLY B 376 -30.42 -13.80 -32.01
C GLY B 376 -31.37 -12.74 -31.53
N THR B 377 -32.28 -13.09 -30.63
CA THR B 377 -33.37 -12.19 -30.23
C THR B 377 -33.71 -12.41 -28.76
N CYS B 378 -34.12 -11.34 -28.08
CA CYS B 378 -34.62 -11.40 -26.71
C CYS B 378 -35.70 -10.33 -26.52
N GLY B 379 -36.87 -10.71 -26.05
CA GLY B 379 -37.91 -9.75 -25.62
C GLY B 379 -38.75 -9.32 -26.81
N LEU B 380 -39.44 -8.18 -26.69
CA LEU B 380 -40.60 -7.84 -27.55
C LEU B 380 -40.14 -7.30 -28.90
N ILE B 381 -40.78 -7.74 -29.97
CA ILE B 381 -40.75 -6.98 -31.27
C ILE B 381 -41.59 -5.70 -31.14
N GLU B 382 -41.25 -4.67 -31.90
CA GLU B 382 -41.90 -3.32 -31.79
C GLU B 382 -43.43 -3.37 -31.95
N GLU B 383 -44.03 -4.25 -32.77
CA GLU B 383 -45.51 -4.24 -32.98
C GLU B 383 -46.22 -4.77 -31.72
N VAL B 384 -45.61 -5.72 -30.98
CA VAL B 384 -46.16 -6.21 -29.69
C VAL B 384 -45.93 -5.14 -28.61
N ALA B 385 -44.74 -4.53 -28.57
CA ALA B 385 -44.42 -3.47 -27.59
C ALA B 385 -45.42 -2.33 -27.75
N ALA B 386 -45.73 -1.95 -28.99
CA ALA B 386 -46.56 -0.76 -29.31
C ALA B 386 -48.03 -0.98 -28.96
N LYS B 387 -48.46 -2.19 -28.60
CA LYS B 387 -49.84 -2.45 -28.11
C LYS B 387 -49.87 -2.51 -26.58
N GLU B 388 -48.71 -2.54 -25.92
CA GLU B 388 -48.62 -2.67 -24.44
CA GLU B 388 -48.57 -2.68 -24.44
C GLU B 388 -48.13 -1.33 -23.84
N PHE B 389 -47.60 -0.41 -24.66
CA PHE B 389 -46.95 0.84 -24.19
C PHE B 389 -47.32 2.03 -25.07
N GLU B 390 -47.54 3.20 -24.47
CA GLU B 390 -48.01 4.42 -25.16
C GLU B 390 -46.92 4.92 -26.11
N LYS B 391 -45.67 4.95 -25.65
CA LYS B 391 -44.53 5.50 -26.42
C LYS B 391 -43.39 4.46 -26.49
N VAL B 392 -43.15 3.94 -27.69
CA VAL B 392 -42.08 2.97 -28.04
C VAL B 392 -41.10 3.65 -28.98
N ALA B 393 -39.81 3.65 -28.66
CA ALA B 393 -38.71 4.06 -29.55
C ALA B 393 -38.06 2.79 -30.11
N VAL B 394 -37.65 2.88 -31.37
CA VAL B 394 -36.87 1.84 -32.10
C VAL B 394 -35.55 2.48 -32.52
N TYR B 395 -34.46 1.92 -32.01
CA TYR B 395 -33.05 2.22 -32.40
C TYR B 395 -32.63 1.12 -33.38
N MET B 396 -32.11 1.50 -34.54
CA MET B 396 -31.84 0.58 -35.67
C MET B 396 -30.49 0.93 -36.30
N SER B 397 -29.69 -0.10 -36.51
CA SER B 397 -28.35 -0.06 -37.15
C SER B 397 -28.32 -1.20 -38.17
N SER B 398 -27.98 -0.90 -39.43
CA SER B 398 -28.01 -1.84 -40.57
C SER B 398 -26.89 -1.51 -41.56
N PHE B 399 -25.92 -2.40 -41.74
CA PHE B 399 -24.73 -2.18 -42.59
C PHE B 399 -24.12 -3.53 -42.99
N THR B 400 -23.44 -3.55 -44.13
CA THR B 400 -22.53 -4.65 -44.48
C THR B 400 -21.26 -4.51 -43.65
N PRO B 401 -20.95 -5.50 -42.79
CA PRO B 401 -19.65 -5.54 -42.11
C PRO B 401 -18.50 -5.49 -43.12
N LEU B 402 -17.44 -4.78 -42.77
CA LEU B 402 -16.29 -4.53 -43.67
C LEU B 402 -15.71 -5.86 -44.18
N MET B 403 -15.63 -6.91 -43.36
CA MET B 403 -15.07 -8.20 -43.84
C MET B 403 -15.92 -8.78 -45.00
N HIS B 404 -17.23 -8.48 -45.08
CA HIS B 404 -18.11 -8.97 -46.16
C HIS B 404 -17.98 -8.09 -47.41
N ASN B 405 -17.45 -6.88 -47.31
CA ASN B 405 -17.02 -6.11 -48.51
C ASN B 405 -15.77 -6.76 -49.12
N ILE B 406 -14.92 -7.39 -48.30
CA ILE B 406 -13.67 -8.03 -48.78
C ILE B 406 -14.00 -9.47 -49.26
N SER B 407 -14.82 -10.20 -48.51
CA SER B 407 -15.22 -11.60 -48.80
C SER B 407 -16.00 -11.68 -50.12
N GLY B 408 -16.76 -10.63 -50.46
CA GLY B 408 -17.63 -10.58 -51.64
C GLY B 408 -19.07 -10.94 -51.32
N SER B 409 -19.40 -11.30 -50.09
CA SER B 409 -20.81 -11.51 -49.67
C SER B 409 -21.42 -10.18 -49.25
N LYS B 410 -21.50 -9.21 -50.17
CA LYS B 410 -21.92 -7.81 -49.89
C LYS B 410 -23.36 -7.79 -49.39
N TYR B 411 -24.14 -8.83 -49.70
CA TYR B 411 -25.56 -8.97 -49.28
C TYR B 411 -25.68 -9.20 -47.75
N LYS B 412 -24.60 -9.56 -47.05
CA LYS B 412 -24.66 -9.94 -45.61
C LYS B 412 -24.72 -8.70 -44.71
N LYS B 413 -25.87 -8.05 -44.71
CA LYS B 413 -26.16 -6.91 -43.83
C LYS B 413 -26.35 -7.45 -42.41
N PHE B 414 -25.57 -6.94 -41.46
CA PHE B 414 -25.81 -7.07 -40.00
C PHE B 414 -26.96 -6.13 -39.64
N VAL B 415 -27.96 -6.62 -38.91
CA VAL B 415 -29.05 -5.77 -38.37
C VAL B 415 -29.04 -5.87 -36.84
N ALA B 416 -29.04 -4.71 -36.17
CA ALA B 416 -29.24 -4.57 -34.70
C ALA B 416 -30.37 -3.59 -34.42
N LYS B 417 -31.35 -4.02 -33.61
CA LYS B 417 -32.52 -3.20 -33.23
C LYS B 417 -32.76 -3.35 -31.73
N ILE B 418 -32.90 -2.21 -31.05
CA ILE B 418 -33.33 -2.09 -29.65
C ILE B 418 -34.72 -1.44 -29.63
N VAL B 419 -35.65 -2.04 -28.92
CA VAL B 419 -37.03 -1.50 -28.75
C VAL B 419 -37.14 -1.06 -27.30
N THR B 420 -37.51 0.20 -27.07
CA THR B 420 -37.63 0.75 -25.69
C THR B 420 -39.03 1.24 -25.38
N ASN B 421 -39.35 1.23 -24.10
CA ASN B 421 -40.41 2.09 -23.54
C ASN B 421 -39.81 3.49 -23.52
N HIS B 422 -40.25 4.38 -24.41
CA HIS B 422 -39.59 5.70 -24.57
C HIS B 422 -39.88 6.59 -23.36
N SER B 423 -40.97 6.32 -22.64
CA SER B 423 -41.39 7.10 -21.44
CA SER B 423 -41.38 7.12 -21.44
C SER B 423 -40.30 7.01 -20.35
N ASP B 424 -39.58 5.88 -20.25
CA ASP B 424 -38.55 5.70 -19.18
C ASP B 424 -37.27 4.99 -19.66
N GLY B 425 -37.09 4.79 -20.98
CA GLY B 425 -35.83 4.26 -21.55
C GLY B 425 -35.64 2.75 -21.38
N THR B 426 -36.60 2.03 -20.80
CA THR B 426 -36.46 0.59 -20.48
C THR B 426 -36.32 -0.22 -21.78
N VAL B 427 -35.27 -1.02 -21.91
CA VAL B 427 -35.12 -1.93 -23.07
C VAL B 427 -36.18 -3.02 -22.95
N LEU B 428 -37.03 -3.12 -23.96
CA LEU B 428 -38.13 -4.11 -24.06
C LEU B 428 -37.70 -5.32 -24.89
N GLY B 429 -36.83 -5.12 -25.88
CA GLY B 429 -36.46 -6.15 -26.87
C GLY B 429 -35.19 -5.77 -27.63
N VAL B 430 -34.37 -6.79 -27.90
CA VAL B 430 -33.14 -6.68 -28.73
C VAL B 430 -33.15 -7.77 -29.80
N HIS B 431 -32.94 -7.37 -31.06
CA HIS B 431 -33.10 -8.23 -32.27
C HIS B 431 -31.89 -8.07 -33.16
N LEU B 432 -31.19 -9.17 -33.44
CA LEU B 432 -29.88 -9.18 -34.12
C LEU B 432 -29.97 -10.13 -35.30
N LEU B 433 -29.45 -9.72 -36.45
CA LEU B 433 -29.21 -10.61 -37.61
C LEU B 433 -27.75 -10.41 -38.03
N GLY B 434 -26.97 -11.48 -38.12
CA GLY B 434 -25.53 -11.40 -38.41
C GLY B 434 -24.70 -12.50 -37.75
N ASP B 435 -23.49 -12.71 -38.25
CA ASP B 435 -22.51 -13.65 -37.66
C ASP B 435 -22.36 -13.25 -36.19
N GLY B 436 -22.49 -14.24 -35.28
CA GLY B 436 -22.33 -14.05 -33.82
C GLY B 436 -23.62 -13.72 -33.09
N ALA B 437 -24.70 -13.39 -33.78
CA ALA B 437 -25.96 -12.91 -33.12
C ALA B 437 -26.41 -13.86 -32.01
N PRO B 438 -26.44 -15.20 -32.18
CA PRO B 438 -26.82 -16.10 -31.09
C PRO B 438 -25.94 -16.00 -29.83
N GLU B 439 -24.64 -15.73 -30.02
CA GLU B 439 -23.66 -15.57 -28.92
C GLU B 439 -23.80 -14.17 -28.29
N ILE B 440 -23.95 -13.12 -29.09
CA ILE B 440 -24.09 -11.72 -28.61
C ILE B 440 -25.30 -11.63 -27.68
N ILE B 441 -26.40 -12.33 -28.00
CA ILE B 441 -27.73 -12.11 -27.35
C ILE B 441 -27.78 -12.76 -25.96
N GLN B 442 -26.98 -13.77 -25.62
CA GLN B 442 -27.17 -14.48 -24.33
C GLN B 442 -27.15 -13.47 -23.18
N ALA B 443 -26.10 -12.65 -23.08
CA ALA B 443 -25.89 -11.73 -21.94
C ALA B 443 -26.89 -10.58 -22.03
N VAL B 444 -27.47 -10.35 -23.20
CA VAL B 444 -28.57 -9.36 -23.36
C VAL B 444 -29.76 -9.87 -22.53
N GLY B 445 -29.99 -11.18 -22.54
CA GLY B 445 -30.98 -11.85 -21.69
C GLY B 445 -30.82 -11.44 -20.24
N VAL B 446 -29.59 -11.46 -19.75
CA VAL B 446 -29.23 -11.08 -18.35
C VAL B 446 -29.51 -9.58 -18.16
N CYS B 447 -29.17 -8.72 -19.13
CA CYS B 447 -29.40 -7.24 -19.09
C CYS B 447 -30.89 -6.91 -18.87
N LEU B 448 -31.79 -7.58 -19.56
CA LEU B 448 -33.25 -7.36 -19.44
C LEU B 448 -33.78 -7.82 -18.07
N ARG B 449 -33.00 -8.52 -17.24
CA ARG B 449 -33.39 -8.88 -15.85
C ARG B 449 -32.76 -7.90 -14.85
N LEU B 450 -31.93 -6.96 -15.32
CA LEU B 450 -31.34 -5.87 -14.49
C LEU B 450 -31.97 -4.55 -14.93
N ASN B 451 -33.20 -4.64 -15.45
CA ASN B 451 -33.95 -3.59 -16.19
CA ASN B 451 -33.95 -3.56 -16.15
C ASN B 451 -32.97 -2.53 -16.73
N ALA B 452 -32.16 -2.96 -17.68
CA ALA B 452 -31.27 -2.11 -18.49
C ALA B 452 -32.12 -1.06 -19.22
N LYS B 453 -31.58 0.14 -19.29
CA LYS B 453 -32.14 1.23 -20.10
C LYS B 453 -31.23 1.40 -21.30
N ILE B 454 -31.73 2.00 -22.38
CA ILE B 454 -30.91 2.28 -23.59
C ILE B 454 -29.61 2.96 -23.14
N SER B 455 -29.67 3.89 -22.17
CA SER B 455 -28.49 4.64 -21.62
C SER B 455 -27.52 3.70 -20.92
N ASP B 456 -27.98 2.62 -20.31
CA ASP B 456 -27.07 1.61 -19.74
C ASP B 456 -26.27 0.94 -20.89
N PHE B 457 -26.86 0.75 -22.07
CA PHE B 457 -26.16 0.21 -23.26
C PHE B 457 -25.17 1.27 -23.79
N TYR B 458 -25.62 2.51 -24.05
CA TYR B 458 -24.78 3.52 -24.73
C TYR B 458 -23.77 4.12 -23.75
N ASN B 459 -23.95 3.97 -22.43
CA ASN B 459 -22.92 4.43 -21.45
C ASN B 459 -21.89 3.32 -21.24
N THR B 460 -22.13 2.10 -21.72
CA THR B 460 -21.13 0.99 -21.58
C THR B 460 -20.05 1.14 -22.66
N ILE B 461 -18.80 0.94 -22.26
CA ILE B 461 -17.65 1.08 -23.19
C ILE B 461 -17.57 -0.15 -24.11
N GLY B 462 -17.45 0.11 -25.43
CA GLY B 462 -17.48 -0.91 -26.48
C GLY B 462 -16.28 -1.84 -26.42
N VAL B 463 -16.43 -3.06 -26.91
CA VAL B 463 -15.33 -3.96 -27.30
C VAL B 463 -15.15 -3.77 -28.80
N HIS B 464 -13.96 -3.35 -29.22
CA HIS B 464 -13.67 -2.95 -30.62
C HIS B 464 -12.51 -3.80 -31.15
N PRO B 465 -12.58 -4.27 -32.40
CA PRO B 465 -13.79 -4.17 -33.24
C PRO B 465 -14.68 -5.42 -33.19
N THR B 466 -15.97 -5.21 -32.93
CA THR B 466 -17.01 -6.27 -32.93
C THR B 466 -18.29 -5.77 -33.55
N SER B 467 -19.15 -6.70 -33.95
CA SER B 467 -20.56 -6.45 -34.32
C SER B 467 -21.34 -6.02 -33.07
N ALA B 468 -21.07 -6.69 -31.93
CA ALA B 468 -21.76 -6.49 -30.63
C ALA B 468 -21.71 -5.02 -30.17
N GLU B 469 -20.59 -4.30 -30.37
CA GLU B 469 -20.39 -2.89 -29.89
C GLU B 469 -21.43 -1.96 -30.50
N GLU B 470 -22.04 -2.36 -31.62
CA GLU B 470 -23.20 -1.66 -32.22
C GLU B 470 -24.30 -1.44 -31.17
N LEU B 471 -24.48 -2.38 -30.22
CA LEU B 471 -25.53 -2.31 -29.19
C LEU B 471 -25.23 -1.15 -28.22
N CYS B 472 -23.98 -0.70 -28.13
CA CYS B 472 -23.55 0.37 -27.19
C CYS B 472 -23.31 1.71 -27.90
N SER B 473 -23.76 1.83 -29.15
CA SER B 473 -23.45 2.96 -30.07
C SER B 473 -24.74 3.61 -30.59
N MET B 474 -25.93 3.21 -30.12
CA MET B 474 -27.21 3.77 -30.60
C MET B 474 -27.80 4.68 -29.51
N ARG B 475 -27.88 5.99 -29.81
CA ARG B 475 -28.28 7.04 -28.85
C ARG B 475 -29.62 7.66 -29.28
N THR B 476 -29.93 7.66 -30.58
CA THR B 476 -31.08 8.42 -31.16
C THR B 476 -32.04 7.45 -31.84
N PRO B 477 -33.33 7.43 -31.40
CA PRO B 477 -34.35 6.65 -32.09
C PRO B 477 -34.33 6.88 -33.60
N SER B 478 -34.55 5.84 -34.40
CA SER B 478 -34.79 5.93 -35.85
C SER B 478 -36.25 6.32 -36.07
N TYR B 479 -37.17 5.79 -35.26
CA TYR B 479 -38.63 6.07 -35.33
C TYR B 479 -39.32 5.62 -34.05
N TYR B 480 -40.65 5.81 -34.01
CA TYR B 480 -41.48 5.57 -32.80
C TYR B 480 -42.83 4.95 -33.16
N TYR B 481 -43.47 4.37 -32.15
CA TYR B 481 -44.91 4.08 -32.15
C TYR B 481 -45.53 4.85 -30.99
N VAL B 482 -46.57 5.62 -31.32
CA VAL B 482 -47.43 6.41 -30.37
C VAL B 482 -48.85 5.82 -30.40
N LYS B 483 -49.29 5.26 -29.29
CA LYS B 483 -50.62 4.60 -29.16
C LYS B 483 -50.82 3.65 -30.35
N GLY B 484 -49.79 2.88 -30.70
CA GLY B 484 -49.86 1.76 -31.66
C GLY B 484 -49.54 2.16 -33.09
N GLU B 485 -49.28 3.44 -33.37
CA GLU B 485 -49.12 3.96 -34.75
C GLU B 485 -47.68 4.46 -34.97
N LYS B 486 -47.05 3.97 -36.04
CA LYS B 486 -45.64 4.18 -36.44
C LYS B 486 -45.51 5.59 -37.02
N MET B 487 -44.46 6.33 -36.62
CA MET B 487 -44.17 7.71 -37.12
C MET B 487 -42.69 8.02 -36.85
N GLU B 488 -42.04 8.76 -37.72
CA GLU B 488 -40.57 9.01 -37.67
C GLU B 488 -40.26 10.00 -36.55
N LYS B 489 -41.26 10.76 -36.08
CA LYS B 489 -41.04 11.84 -35.08
C LYS B 489 -42.13 11.83 -34.01
N LEU B 490 -41.78 12.33 -32.81
CA LEU B 490 -42.76 12.50 -31.71
C LEU B 490 -43.74 13.60 -32.10
N PRO B 491 -45.08 13.42 -31.88
CA PRO B 491 -46.10 14.38 -32.29
C PRO B 491 -46.37 15.49 -31.26
N LYS C 6 55.93 35.17 4.82
CA LYS C 6 54.90 35.28 3.74
C LYS C 6 53.87 36.38 4.09
N ALA C 7 52.82 36.51 3.26
CA ALA C 7 51.62 37.36 3.45
C ALA C 7 50.37 36.46 3.45
N PHE C 8 49.30 36.89 4.12
CA PHE C 8 48.07 36.07 4.38
C PHE C 8 46.83 36.98 4.39
N ASP C 9 45.68 36.41 4.00
CA ASP C 9 44.35 37.10 3.99
C ASP C 9 43.93 37.38 5.43
N LEU C 10 44.26 36.47 6.36
CA LEU C 10 43.88 36.48 7.79
C LEU C 10 45.06 36.00 8.65
N VAL C 11 45.47 36.81 9.63
CA VAL C 11 46.37 36.37 10.74
C VAL C 11 45.59 36.42 12.06
N VAL C 12 45.59 35.28 12.76
CA VAL C 12 44.91 35.07 14.07
C VAL C 12 45.98 34.97 15.14
N ILE C 13 45.93 35.87 16.14
CA ILE C 13 46.80 35.73 17.35
C ILE C 13 46.00 34.93 18.40
N GLY C 14 46.40 33.66 18.58
CA GLY C 14 45.82 32.66 19.49
C GLY C 14 45.19 31.46 18.76
N ALA C 15 45.82 30.28 18.85
CA ALA C 15 45.32 28.99 18.33
C ALA C 15 44.34 28.34 19.31
N GLY C 16 43.33 29.09 19.76
CA GLY C 16 42.38 28.70 20.82
C GLY C 16 41.01 28.31 20.29
N SER C 17 40.01 28.21 21.16
CA SER C 17 38.62 27.85 20.81
C SER C 17 38.16 28.73 19.63
N GLY C 18 38.16 30.05 19.83
CA GLY C 18 37.74 31.06 18.83
C GLY C 18 38.71 31.10 17.67
N GLY C 19 40.01 31.13 17.96
CA GLY C 19 41.10 31.24 16.98
C GLY C 19 41.03 30.18 15.90
N LEU C 20 41.04 28.90 16.27
CA LEU C 20 41.04 27.76 15.32
C LEU C 20 39.71 27.67 14.57
N GLU C 21 38.60 28.13 15.15
CA GLU C 21 37.25 28.09 14.50
C GLU C 21 37.18 29.20 13.44
N ALA C 22 37.86 30.31 13.67
CA ALA C 22 38.01 31.43 12.71
C ALA C 22 38.92 30.95 11.57
N GLY C 23 40.14 30.53 11.93
CA GLY C 23 41.20 30.14 10.99
C GLY C 23 40.71 29.08 10.04
N TRP C 24 40.38 27.89 10.57
CA TRP C 24 39.92 26.71 9.78
C TRP C 24 38.76 27.10 8.87
N ASN C 25 37.76 27.83 9.38
CA ASN C 25 36.60 28.29 8.57
C ASN C 25 37.10 29.16 7.41
N ALA C 26 37.99 30.12 7.67
CA ALA C 26 38.56 31.02 6.64
C ALA C 26 39.22 30.19 5.52
N ALA C 27 40.00 29.17 5.89
CA ALA C 27 40.79 28.33 4.97
C ALA C 27 39.90 27.35 4.18
N THR C 28 39.02 26.61 4.84
CA THR C 28 38.35 25.42 4.26
C THR C 28 36.95 25.75 3.74
N LEU C 29 36.44 26.97 3.99
CA LEU C 29 35.10 27.40 3.50
C LEU C 29 35.22 28.63 2.61
N TYR C 30 36.43 29.16 2.41
CA TYR C 30 36.68 30.35 1.54
C TYR C 30 38.12 30.34 0.97
N GLY C 31 38.76 29.16 0.93
CA GLY C 31 40.08 28.90 0.32
C GLY C 31 41.12 29.98 0.62
N LYS C 32 40.95 30.74 1.71
CA LYS C 32 41.83 31.89 2.08
C LYS C 32 43.18 31.34 2.56
N ARG C 33 44.20 32.19 2.51
CA ARG C 33 45.53 31.95 3.15
C ARG C 33 45.46 32.47 4.59
N VAL C 34 45.63 31.57 5.56
CA VAL C 34 45.43 31.83 7.01
C VAL C 34 46.71 31.47 7.77
N ALA C 35 47.19 32.39 8.60
CA ALA C 35 48.24 32.16 9.62
C ALA C 35 47.59 32.14 11.01
N VAL C 36 48.07 31.23 11.88
CA VAL C 36 47.66 31.17 13.32
C VAL C 36 48.92 31.10 14.19
N VAL C 37 48.99 31.98 15.20
CA VAL C 37 50.13 32.08 16.16
C VAL C 37 49.70 31.50 17.51
N ASP C 38 50.52 30.60 18.08
CA ASP C 38 50.44 30.24 19.52
C ASP C 38 51.84 30.00 20.08
N VAL C 39 51.96 30.10 21.41
CA VAL C 39 53.25 30.14 22.16
C VAL C 39 53.79 28.74 22.42
N GLN C 40 53.00 27.69 22.18
CA GLN C 40 53.38 26.29 22.54
C GLN C 40 52.59 25.31 21.65
N THR C 41 53.14 24.12 21.44
CA THR C 41 52.58 23.08 20.54
C THR C 41 51.76 22.06 21.35
N SER C 42 52.11 21.88 22.63
CA SER C 42 51.47 20.90 23.53
C SER C 42 51.24 21.55 24.89
N HIS C 43 50.42 20.91 25.73
CA HIS C 43 49.91 21.46 27.03
C HIS C 43 51.07 21.62 28.01
N GLY C 44 50.92 22.53 28.96
CA GLY C 44 51.61 22.42 30.25
C GLY C 44 52.60 23.56 30.47
N PRO C 45 53.39 23.50 31.56
CA PRO C 45 54.40 24.53 31.80
C PRO C 45 55.35 24.58 30.60
N PRO C 46 55.96 25.75 30.29
CA PRO C 46 55.78 26.97 31.08
C PRO C 46 54.59 27.87 30.71
N PHE C 47 53.98 27.71 29.54
CA PHE C 47 52.95 28.68 29.06
C PHE C 47 51.53 28.11 29.23
N TYR C 48 51.38 26.84 29.67
CA TYR C 48 50.11 26.19 30.12
C TYR C 48 49.13 26.05 28.94
N ALA C 49 48.45 27.14 28.55
CA ALA C 49 47.67 27.19 27.29
C ALA C 49 48.63 27.00 26.13
N ALA C 50 48.10 26.60 24.99
CA ALA C 50 48.87 26.15 23.81
C ALA C 50 47.88 25.94 22.68
N LEU C 51 48.33 25.25 21.64
CA LEU C 51 47.55 24.92 20.42
C LEU C 51 46.33 24.11 20.84
N GLY C 52 45.13 24.60 20.56
CA GLY C 52 43.87 24.10 21.15
C GLY C 52 43.22 25.16 22.03
N GLY C 53 44.06 25.90 22.77
CA GLY C 53 43.63 27.01 23.63
C GLY C 53 43.47 26.56 25.08
N THR C 54 42.85 27.41 25.89
CA THR C 54 42.68 27.24 27.35
C THR C 54 41.80 26.01 27.62
N CYS C 55 40.76 25.84 26.82
CA CYS C 55 39.74 24.76 26.96
C CYS C 55 40.39 23.39 26.82
N VAL C 56 41.16 23.16 25.77
CA VAL C 56 41.82 21.85 25.48
C VAL C 56 42.90 21.58 26.52
N ASN C 57 43.65 22.60 26.91
CA ASN C 57 44.94 22.37 27.63
C ASN C 57 44.75 22.44 29.14
N VAL C 58 44.03 23.45 29.64
CA VAL C 58 43.97 23.76 31.10
C VAL C 58 42.61 24.36 31.42
N GLY C 59 41.55 23.73 30.91
CA GLY C 59 40.18 24.19 31.12
C GLY C 59 39.18 23.05 30.98
N CYS C 60 38.15 23.29 30.18
CA CYS C 60 36.91 22.48 30.05
C CYS C 60 37.32 21.00 29.99
N VAL C 61 38.25 20.63 29.13
CA VAL C 61 38.53 19.21 28.78
C VAL C 61 39.20 18.52 29.97
N PRO C 62 40.40 18.93 30.44
CA PRO C 62 41.01 18.26 31.58
C PRO C 62 40.15 18.36 32.85
N LYS C 63 39.49 19.49 33.11
CA LYS C 63 38.75 19.62 34.39
C LYS C 63 37.61 18.58 34.39
N LYS C 64 36.98 18.33 33.24
CA LYS C 64 35.83 17.39 33.10
C LYS C 64 36.33 15.98 33.33
N LEU C 65 37.48 15.64 32.77
CA LEU C 65 38.08 14.30 33.01
C LEU C 65 38.37 14.14 34.50
N MET C 66 38.81 15.21 35.15
CA MET C 66 39.17 15.15 36.58
C MET C 66 37.90 15.17 37.44
N VAL C 67 36.86 15.88 37.02
CA VAL C 67 35.56 15.80 37.77
C VAL C 67 35.01 14.38 37.62
N THR C 68 35.10 13.80 36.43
CA THR C 68 34.65 12.40 36.22
C THR C 68 35.40 11.49 37.19
N GLY C 69 36.71 11.69 37.34
CA GLY C 69 37.53 10.91 38.29
C GLY C 69 37.02 11.09 39.69
N ALA C 70 36.73 12.33 40.07
CA ALA C 70 36.25 12.71 41.42
C ALA C 70 34.91 12.04 41.74
N GLN C 71 34.05 11.86 40.74
CA GLN C 71 32.68 11.31 40.92
C GLN C 71 32.77 9.83 41.40
N TYR C 72 33.84 9.09 41.10
CA TYR C 72 33.98 7.68 41.56
C TYR C 72 34.01 7.65 43.08
N MET C 73 34.43 8.71 43.79
CA MET C 73 34.33 8.69 45.27
C MET C 73 32.85 8.44 45.64
N ASP C 74 31.93 9.16 45.02
CA ASP C 74 30.48 9.03 45.32
C ASP C 74 30.01 7.65 44.81
N HIS C 75 30.38 7.24 43.60
CA HIS C 75 29.88 5.98 43.00
C HIS C 75 30.28 4.78 43.86
N LEU C 76 31.54 4.71 44.31
CA LEU C 76 32.03 3.58 45.15
C LEU C 76 31.19 3.50 46.43
N ARG C 77 30.92 4.63 47.09
CA ARG C 77 30.16 4.64 48.37
C ARG C 77 28.70 4.27 48.08
N GLU C 78 28.09 4.91 47.09
CA GLU C 78 26.66 4.78 46.72
C GLU C 78 26.35 3.33 46.28
N SER C 79 27.35 2.60 45.78
CA SER C 79 27.16 1.22 45.23
C SER C 79 26.64 0.29 46.33
N ALA C 80 27.01 0.51 47.60
CA ALA C 80 26.64 -0.38 48.73
C ALA C 80 25.11 -0.54 48.83
N GLY C 81 24.37 0.57 48.71
CA GLY C 81 22.90 0.58 48.81
C GLY C 81 22.24 -0.33 47.77
N PHE C 82 22.92 -0.59 46.66
CA PHE C 82 22.39 -1.38 45.53
C PHE C 82 22.95 -2.79 45.57
N GLY C 83 23.63 -3.15 46.65
CA GLY C 83 24.06 -4.52 46.96
C GLY C 83 25.51 -4.80 46.64
N TRP C 84 26.31 -3.79 46.30
CA TRP C 84 27.74 -4.05 45.94
C TRP C 84 28.52 -4.09 47.23
N GLU C 85 29.28 -5.17 47.40
CA GLU C 85 30.11 -5.44 48.60
C GLU C 85 31.55 -5.56 48.12
N PHE C 86 32.46 -4.83 48.75
CA PHE C 86 33.93 -4.95 48.56
C PHE C 86 34.62 -4.33 49.79
N ASP C 87 35.93 -4.54 49.88
CA ASP C 87 36.79 -4.06 50.99
C ASP C 87 36.88 -2.52 50.93
N GLY C 88 36.01 -1.82 51.66
CA GLY C 88 36.03 -0.36 51.82
C GLY C 88 37.40 0.18 52.21
N SER C 89 38.11 -0.48 53.12
CA SER C 89 39.44 -0.04 53.64
C SER C 89 40.54 -0.15 52.57
N SER C 90 40.32 -0.84 51.45
CA SER C 90 41.31 -1.01 50.36
C SER C 90 41.25 0.15 49.35
N VAL C 91 40.26 1.05 49.49
CA VAL C 91 40.02 2.14 48.50
C VAL C 91 41.11 3.21 48.66
N LYS C 92 41.79 3.51 47.56
CA LYS C 92 42.77 4.62 47.46
C LYS C 92 42.51 5.37 46.14
N ALA C 93 42.53 6.69 46.20
CA ALA C 93 42.51 7.58 45.03
C ALA C 93 43.95 7.94 44.64
N ASN C 94 44.40 7.50 43.47
CA ASN C 94 45.78 7.73 42.94
C ASN C 94 45.74 8.90 41.96
N TRP C 95 46.07 10.08 42.45
CA TRP C 95 46.14 11.38 41.73
C TRP C 95 47.14 11.31 40.58
N LYS C 96 48.29 10.68 40.79
CA LYS C 96 49.35 10.59 39.74
C LYS C 96 48.80 9.88 38.51
N LYS C 97 48.07 8.79 38.68
CA LYS C 97 47.46 8.06 37.52
CA LYS C 97 47.42 8.05 37.57
C LYS C 97 46.46 8.99 36.82
N LEU C 98 45.63 9.73 37.58
CA LEU C 98 44.63 10.64 36.96
C LEU C 98 45.34 11.67 36.08
N ILE C 99 46.39 12.29 36.63
CA ILE C 99 47.08 13.42 35.93
C ILE C 99 47.78 12.83 34.70
N ALA C 100 48.41 11.65 34.81
CA ALA C 100 49.02 10.91 33.68
C ALA C 100 47.96 10.65 32.59
N ALA C 101 46.79 10.12 32.96
CA ALA C 101 45.68 9.84 32.00
C ALA C 101 45.21 11.13 31.35
N LYS C 102 44.97 12.19 32.13
CA LYS C 102 44.56 13.52 31.59
C LYS C 102 45.65 14.05 30.63
N ASN C 103 46.92 14.05 31.04
CA ASN C 103 48.10 14.43 30.20
C ASN C 103 48.11 13.67 28.87
N GLU C 104 47.94 12.34 28.87
CA GLU C 104 47.99 11.58 27.59
CA GLU C 104 47.92 11.49 27.63
C GLU C 104 46.78 11.98 26.72
N ALA C 105 45.58 12.17 27.29
CA ALA C 105 44.38 12.58 26.53
C ALA C 105 44.59 13.95 25.89
N VAL C 106 45.06 14.90 26.69
CA VAL C 106 45.25 16.30 26.19
C VAL C 106 46.38 16.31 25.15
N LEU C 107 47.45 15.53 25.37
CA LEU C 107 48.58 15.48 24.41
C LEU C 107 48.11 14.90 23.06
N ASP C 108 47.13 14.00 23.03
CA ASP C 108 46.55 13.48 21.76
C ASP C 108 45.79 14.61 21.04
N ILE C 109 45.02 15.44 21.75
CA ILE C 109 44.27 16.55 21.09
C ILE C 109 45.28 17.56 20.51
N ASN C 110 46.35 17.91 21.23
CA ASN C 110 47.41 18.83 20.73
C ASN C 110 47.97 18.26 19.41
N LYS C 111 48.35 16.98 19.38
CA LYS C 111 48.99 16.29 18.23
C LYS C 111 48.02 16.18 17.04
N SER C 112 46.75 15.85 17.29
CA SER C 112 45.70 15.82 16.24
C SER C 112 45.39 17.24 15.76
N TYR C 113 45.78 18.28 16.51
CA TYR C 113 45.72 19.69 16.03
C TYR C 113 46.97 20.02 15.20
N GLU C 114 48.13 19.42 15.50
CA GLU C 114 49.37 19.61 14.69
C GLU C 114 49.15 19.04 13.28
N GLY C 115 48.72 17.78 13.17
CA GLY C 115 48.35 17.11 11.91
C GLY C 115 47.31 17.88 11.10
N MET C 116 46.38 18.59 11.76
CA MET C 116 45.31 19.38 11.12
C MET C 116 45.91 20.47 10.23
N PHE C 117 47.01 21.11 10.67
CA PHE C 117 47.70 22.21 9.95
C PHE C 117 48.49 21.62 8.76
N ASN C 118 48.96 20.38 8.89
CA ASN C 118 49.78 19.69 7.85
C ASN C 118 48.87 19.26 6.69
N ASP C 119 47.83 18.47 6.98
CA ASP C 119 46.92 17.84 5.97
C ASP C 119 45.95 18.88 5.38
N THR C 120 45.95 20.13 5.85
CA THR C 120 45.03 21.21 5.37
C THR C 120 45.82 22.26 4.56
N GLU C 121 45.14 22.78 3.53
CA GLU C 121 45.69 23.63 2.44
C GLU C 121 45.48 25.10 2.79
N GLY C 122 46.58 25.88 2.85
CA GLY C 122 46.55 27.34 3.02
C GLY C 122 46.29 27.76 4.47
N LEU C 123 46.60 26.86 5.42
CA LEU C 123 46.45 27.09 6.89
C LEU C 123 47.77 26.69 7.56
N ASP C 124 48.54 27.68 8.04
CA ASP C 124 49.92 27.45 8.57
C ASP C 124 50.03 27.99 10.01
N PHE C 125 50.57 27.15 10.89
CA PHE C 125 50.79 27.43 12.34
C PHE C 125 52.18 28.05 12.50
N PHE C 126 52.33 29.04 13.39
CA PHE C 126 53.64 29.68 13.70
C PHE C 126 53.85 29.76 15.21
N LEU C 127 54.88 29.04 15.69
CA LEU C 127 55.29 28.94 17.12
C LEU C 127 55.95 30.24 17.57
N GLY C 128 55.31 30.98 18.50
CA GLY C 128 55.89 32.14 19.21
C GLY C 128 54.85 33.18 19.59
N TRP C 129 55.32 34.39 19.92
CA TRP C 129 54.56 35.47 20.59
C TRP C 129 54.17 36.55 19.58
N GLY C 130 52.88 36.60 19.26
CA GLY C 130 52.29 37.58 18.32
C GLY C 130 52.07 38.92 18.98
N SER C 131 52.41 39.98 18.27
CA SER C 131 52.14 41.40 18.63
C SER C 131 51.91 42.20 17.36
N LEU C 132 51.23 43.34 17.47
CA LEU C 132 50.94 44.27 16.35
C LEU C 132 52.10 45.26 16.22
N GLU C 133 52.90 45.16 15.15
CA GLU C 133 53.97 46.12 14.76
C GLU C 133 53.33 47.31 14.02
N SER C 134 52.45 47.03 13.06
CA SER C 134 51.71 48.06 12.29
C SER C 134 50.30 47.55 11.96
N LYS C 135 49.46 48.45 11.43
CA LYS C 135 48.02 48.24 11.13
C LYS C 135 47.80 46.99 10.27
N ASN C 136 48.83 46.49 9.58
CA ASN C 136 48.70 45.37 8.61
C ASN C 136 49.86 44.38 8.73
N VAL C 137 50.63 44.40 9.81
CA VAL C 137 51.76 43.44 10.03
C VAL C 137 51.71 42.89 11.46
N VAL C 138 51.96 41.58 11.60
CA VAL C 138 52.06 40.83 12.89
C VAL C 138 53.50 40.31 13.05
N VAL C 139 54.18 40.70 14.13
CA VAL C 139 55.51 40.16 14.50
C VAL C 139 55.34 38.98 15.45
N VAL C 140 55.90 37.83 15.07
CA VAL C 140 56.20 36.67 15.94
C VAL C 140 57.59 36.91 16.53
N ARG C 141 57.70 36.97 17.85
CA ARG C 141 59.00 37.03 18.59
C ARG C 141 59.18 35.73 19.40
N GLU C 142 60.40 35.50 19.91
CA GLU C 142 60.78 34.26 20.62
C GLU C 142 60.01 34.20 21.94
N THR C 143 59.85 35.35 22.62
CA THR C 143 59.21 35.48 23.96
C THR C 143 58.24 36.67 23.94
N ALA C 144 57.45 36.80 25.01
CA ALA C 144 56.50 37.91 25.27
C ALA C 144 57.25 39.23 25.48
N ASP C 145 58.54 39.17 25.87
CA ASP C 145 59.47 40.35 25.93
C ASP C 145 59.46 41.01 24.56
N PRO C 146 58.92 42.24 24.42
CA PRO C 146 58.78 42.86 23.10
C PRO C 146 60.13 43.20 22.44
N LYS C 147 61.22 43.23 23.22
CA LYS C 147 62.61 43.48 22.74
C LYS C 147 63.35 42.14 22.65
N SER C 148 62.63 41.08 22.30
CA SER C 148 63.19 39.72 22.03
C SER C 148 63.29 39.52 20.51
N ALA C 149 64.10 38.53 20.09
CA ALA C 149 64.42 38.23 18.68
C ALA C 149 63.13 38.03 17.89
N VAL C 150 63.09 38.51 16.63
CA VAL C 150 61.94 38.33 15.71
C VAL C 150 62.10 36.98 15.00
N LYS C 151 61.02 36.18 14.93
CA LYS C 151 61.01 34.82 14.32
C LYS C 151 60.42 34.92 12.91
N GLU C 152 59.32 35.67 12.78
CA GLU C 152 58.58 35.91 11.51
C GLU C 152 57.97 37.31 11.54
N ARG C 153 57.88 37.95 10.36
CA ARG C 153 56.95 39.05 10.06
C ARG C 153 55.89 38.49 9.10
N LEU C 154 54.62 38.66 9.43
CA LEU C 154 53.48 38.25 8.57
C LEU C 154 52.70 39.52 8.20
N GLN C 155 52.46 39.73 6.90
CA GLN C 155 51.59 40.82 6.40
C GLN C 155 50.15 40.28 6.37
N ALA C 156 49.17 41.12 6.71
CA ALA C 156 47.78 40.69 7.00
C ALA C 156 46.80 41.71 6.45
N ASP C 157 45.85 41.26 5.61
CA ASP C 157 44.63 42.06 5.27
C ASP C 157 43.85 42.26 6.56
N HIS C 158 43.67 41.15 7.30
CA HIS C 158 42.74 41.01 8.45
C HIS C 158 43.48 40.37 9.64
N ILE C 159 43.36 40.98 10.82
CA ILE C 159 44.00 40.50 12.09
C ILE C 159 42.89 40.11 13.07
N LEU C 160 42.89 38.86 13.52
CA LEU C 160 42.03 38.37 14.63
C LEU C 160 42.85 38.34 15.92
N LEU C 161 42.44 39.15 16.89
CA LEU C 161 42.90 39.05 18.30
C LEU C 161 42.06 37.97 19.02
N ALA C 162 42.70 36.84 19.37
CA ALA C 162 42.03 35.70 20.07
C ALA C 162 42.99 35.07 21.12
N THR C 163 43.56 35.89 22.01
CA THR C 163 44.62 35.48 22.98
C THR C 163 44.01 35.03 24.32
N GLY C 164 42.67 35.07 24.46
CA GLY C 164 41.97 34.52 25.63
C GLY C 164 42.16 35.36 26.89
N SER C 165 42.10 34.71 28.06
CA SER C 165 42.20 35.36 29.39
C SER C 165 43.29 34.66 30.22
N TRP C 166 43.47 35.09 31.47
CA TRP C 166 44.57 34.64 32.35
C TRP C 166 44.10 34.78 33.78
N PRO C 167 44.55 33.91 34.71
CA PRO C 167 44.10 34.01 36.09
C PRO C 167 44.41 35.40 36.65
N GLN C 168 43.47 35.96 37.40
CA GLN C 168 43.69 37.24 38.11
C GLN C 168 44.29 36.89 39.47
N MET C 169 45.41 37.53 39.81
CA MET C 169 46.11 37.30 41.07
C MET C 169 46.07 38.61 41.84
N PRO C 170 45.38 38.66 42.99
CA PRO C 170 45.25 39.90 43.75
C PRO C 170 46.64 40.29 44.28
N ALA C 171 46.94 41.59 44.28
CA ALA C 171 48.18 42.19 44.82
C ALA C 171 48.08 42.18 46.35
N ILE C 172 48.28 41.00 46.95
CA ILE C 172 48.42 40.84 48.42
C ILE C 172 49.85 40.39 48.71
N PRO C 173 50.37 40.70 49.91
CA PRO C 173 51.64 40.16 50.35
C PRO C 173 51.61 38.62 50.31
N GLY C 174 52.58 38.05 49.57
CA GLY C 174 52.80 36.60 49.46
C GLY C 174 51.93 35.96 48.39
N ILE C 175 51.33 36.75 47.50
CA ILE C 175 50.61 36.22 46.30
C ILE C 175 51.50 35.20 45.55
N GLU C 176 52.83 35.37 45.59
CA GLU C 176 53.82 34.50 44.89
C GLU C 176 53.80 33.06 45.47
N HIS C 177 53.27 32.84 46.68
CA HIS C 177 53.21 31.49 47.28
C HIS C 177 51.94 30.77 46.82
N CYS C 178 51.07 31.45 46.07
CA CYS C 178 49.75 30.91 45.69
C CYS C 178 49.83 30.38 44.27
N ILE C 179 48.89 29.54 43.87
CA ILE C 179 48.83 29.07 42.47
C ILE C 179 47.49 29.49 41.87
N SER C 180 47.32 29.17 40.60
CA SER C 180 46.08 29.36 39.83
C SER C 180 45.66 27.97 39.31
N SER C 181 44.55 27.89 38.58
CA SER C 181 44.07 26.62 37.99
C SER C 181 45.17 26.04 37.09
N ASN C 182 45.98 26.88 36.46
CA ASN C 182 47.05 26.40 35.54
C ASN C 182 47.93 25.39 36.27
N GLU C 183 48.44 25.77 37.46
CA GLU C 183 49.42 24.92 38.21
C GLU C 183 48.66 23.75 38.84
N ALA C 184 47.39 23.96 39.22
CA ALA C 184 46.50 22.92 39.81
C ALA C 184 46.49 21.66 38.92
N PHE C 185 46.52 21.81 37.60
CA PHE C 185 46.44 20.71 36.62
C PHE C 185 47.72 19.86 36.64
N TYR C 186 48.82 20.33 37.27
CA TYR C 186 50.13 19.64 37.20
C TYR C 186 50.67 19.33 38.60
N LEU C 187 49.88 19.54 39.65
CA LEU C 187 50.38 19.24 41.01
C LEU C 187 50.91 17.80 40.99
N PRO C 188 52.15 17.57 41.45
CA PRO C 188 52.70 16.21 41.53
C PRO C 188 51.90 15.30 42.48
N GLU C 189 51.51 15.84 43.64
CA GLU C 189 50.79 15.17 44.75
C GLU C 189 49.45 15.89 44.98
N PRO C 190 48.41 15.18 45.45
CA PRO C 190 47.16 15.85 45.79
C PRO C 190 47.35 16.55 47.12
N PRO C 191 46.96 17.83 47.27
CA PRO C 191 47.16 18.52 48.55
C PRO C 191 46.32 17.87 49.65
N ARG C 192 46.86 17.83 50.88
CA ARG C 192 46.17 17.30 52.07
C ARG C 192 45.24 18.39 52.59
N ARG C 193 45.71 19.62 52.57
CA ARG C 193 44.93 20.81 52.93
C ARG C 193 45.02 21.76 51.74
N VAL C 194 43.88 22.16 51.19
CA VAL C 194 43.83 23.18 50.11
C VAL C 194 42.79 24.24 50.44
N LEU C 195 43.13 25.51 50.19
CA LEU C 195 42.23 26.67 50.12
C LEU C 195 42.02 27.03 48.65
N THR C 196 40.79 26.93 48.14
CA THR C 196 40.36 27.50 46.85
C THR C 196 39.73 28.87 47.15
N VAL C 197 40.29 29.92 46.58
CA VAL C 197 39.86 31.32 46.85
C VAL C 197 38.98 31.76 45.68
N GLY C 198 37.69 31.95 45.92
CA GLY C 198 36.74 32.34 44.86
C GLY C 198 35.41 31.62 45.03
N GLY C 199 34.31 32.30 44.70
CA GLY C 199 32.94 31.74 44.75
C GLY C 199 32.44 31.24 43.40
N GLY C 200 33.22 31.42 42.32
CA GLY C 200 32.84 31.08 40.94
C GLY C 200 33.07 29.62 40.60
N PHE C 201 32.76 29.24 39.35
CA PHE C 201 32.69 27.83 38.91
C PHE C 201 34.06 27.14 39.08
N ILE C 202 35.16 27.84 38.78
CA ILE C 202 36.52 27.23 38.78
C ILE C 202 36.86 26.82 40.21
N SER C 203 36.65 27.69 41.19
CA SER C 203 36.89 27.42 42.63
C SER C 203 36.05 26.23 43.08
N VAL C 204 34.76 26.21 42.72
CA VAL C 204 33.79 25.17 43.18
C VAL C 204 34.15 23.81 42.55
N GLU C 205 34.53 23.80 41.28
CA GLU C 205 34.81 22.56 40.55
C GLU C 205 36.09 21.93 41.12
N PHE C 206 37.14 22.72 41.33
CA PHE C 206 38.42 22.25 41.94
C PHE C 206 38.20 21.80 43.37
N ALA C 207 37.40 22.51 44.16
CA ALA C 207 37.06 22.07 45.53
C ALA C 207 36.61 20.59 45.48
N GLY C 208 35.73 20.23 44.53
CA GLY C 208 35.18 18.87 44.46
C GLY C 208 36.25 17.88 44.00
N ILE C 209 37.08 18.28 43.03
CA ILE C 209 38.21 17.43 42.55
C ILE C 209 39.17 17.15 43.71
N PHE C 210 39.61 18.18 44.44
CA PHE C 210 40.62 17.99 45.52
C PHE C 210 40.01 17.15 46.64
N ASN C 211 38.70 17.34 46.86
CA ASN C 211 37.99 16.64 47.96
C ASN C 211 38.01 15.12 47.69
N ALA C 212 37.98 14.71 46.44
CA ALA C 212 37.87 13.27 46.14
C ALA C 212 39.27 12.62 46.18
N TYR C 213 40.32 13.37 45.88
CA TYR C 213 41.70 12.80 45.71
C TYR C 213 42.54 13.13 46.94
N LYS C 214 42.00 13.81 47.94
CA LYS C 214 42.81 14.23 49.10
C LYS C 214 43.28 12.99 49.82
N PRO C 215 44.52 12.99 50.35
CA PRO C 215 44.99 11.95 51.27
C PRO C 215 44.12 11.86 52.51
N PRO C 216 44.23 10.72 53.25
CA PRO C 216 43.41 10.41 54.42
C PRO C 216 43.01 11.48 55.43
N GLY C 217 43.94 12.25 55.99
CA GLY C 217 43.56 13.27 56.99
C GLY C 217 42.98 14.55 56.37
N GLY C 218 42.79 14.61 55.05
CA GLY C 218 42.75 15.87 54.29
C GLY C 218 41.47 16.69 54.51
N LYS C 219 41.52 17.95 54.11
CA LYS C 219 40.43 18.94 54.23
C LYS C 219 40.53 19.94 53.07
N VAL C 220 39.44 20.09 52.31
CA VAL C 220 39.23 21.20 51.33
C VAL C 220 38.43 22.33 51.98
N THR C 221 38.99 23.55 51.92
CA THR C 221 38.30 24.80 52.35
C THR C 221 38.18 25.69 51.12
N LEU C 222 36.97 26.18 50.86
CA LEU C 222 36.70 27.18 49.81
C LEU C 222 36.36 28.50 50.52
N CYS C 223 36.97 29.60 50.15
CA CYS C 223 36.58 30.91 50.74
C CYS C 223 36.05 31.82 49.64
N TYR C 224 35.08 32.64 50.04
CA TYR C 224 34.43 33.66 49.21
C TYR C 224 34.19 34.91 50.08
N ARG C 225 34.49 36.05 49.49
CA ARG C 225 34.49 37.39 50.12
C ARG C 225 33.06 37.83 50.46
N ASN C 226 32.03 37.32 49.77
CA ASN C 226 30.61 37.67 50.08
C ASN C 226 29.92 36.48 50.76
N ASN C 227 28.59 36.56 50.91
CA ASN C 227 27.82 35.71 51.86
CA ASN C 227 27.80 35.73 51.85
C ASN C 227 27.41 34.38 51.20
N LEU C 228 27.47 34.29 49.87
CA LEU C 228 26.90 33.14 49.09
C LEU C 228 27.65 32.97 47.77
N ILE C 229 28.14 31.76 47.51
CA ILE C 229 28.99 31.43 46.34
C ILE C 229 28.12 31.44 45.08
N LEU C 230 28.78 31.45 43.91
CA LEU C 230 28.14 31.30 42.59
C LEU C 230 27.14 32.44 42.32
N ARG C 231 27.52 33.70 42.62
CA ARG C 231 26.78 34.91 42.16
CA ARG C 231 26.77 34.90 42.16
C ARG C 231 26.53 34.78 40.65
N GLY C 232 25.37 35.20 40.18
CA GLY C 232 24.96 35.06 38.77
C GLY C 232 24.07 33.83 38.56
N PHE C 233 24.15 32.83 39.44
CA PHE C 233 23.34 31.60 39.33
C PHE C 233 22.09 31.77 40.18
N ASP C 234 21.07 30.93 39.97
CA ASP C 234 19.79 30.91 40.74
C ASP C 234 20.08 30.80 42.24
N GLU C 235 19.32 31.51 43.07
CA GLU C 235 19.64 31.67 44.52
C GLU C 235 19.33 30.37 45.24
N THR C 236 18.25 29.66 44.87
CA THR C 236 17.93 28.33 45.45
C THR C 236 19.10 27.36 45.21
N ILE C 237 19.66 27.36 43.99
CA ILE C 237 20.79 26.48 43.59
C ILE C 237 22.09 26.91 44.31
N ARG C 238 22.42 28.19 44.33
CA ARG C 238 23.57 28.70 45.13
C ARG C 238 23.49 28.13 46.55
N GLU C 239 22.32 28.20 47.17
CA GLU C 239 22.13 27.77 48.59
C GLU C 239 22.22 26.24 48.66
N GLU C 240 21.60 25.53 47.72
CA GLU C 240 21.60 24.05 47.74
C GLU C 240 23.00 23.48 47.50
N VAL C 241 23.73 24.04 46.53
CA VAL C 241 25.08 23.52 46.18
C VAL C 241 25.99 23.77 47.38
N THR C 242 25.82 24.88 48.10
CA THR C 242 26.53 25.16 49.40
C THR C 242 26.28 24.03 50.41
N LYS C 243 25.03 23.60 50.63
CA LYS C 243 24.72 22.50 51.58
C LYS C 243 25.34 21.17 51.08
N GLN C 244 25.27 20.89 49.78
CA GLN C 244 25.71 19.58 49.21
C GLN C 244 27.26 19.53 49.19
N LEU C 245 27.95 20.66 49.04
CA LEU C 245 29.43 20.69 49.16
C LEU C 245 29.80 20.42 50.63
N THR C 246 29.11 21.09 51.54
CA THR C 246 29.28 20.91 53.00
C THR C 246 29.03 19.43 53.34
N ALA C 247 28.02 18.80 52.74
CA ALA C 247 27.64 17.41 53.09
C ALA C 247 28.72 16.43 52.61
N ASN C 248 29.47 16.80 51.57
CA ASN C 248 30.56 15.93 51.04
C ASN C 248 31.91 16.33 51.66
N GLY C 249 31.91 17.13 52.74
CA GLY C 249 33.07 17.34 53.64
C GLY C 249 33.89 18.59 53.33
N ILE C 250 33.44 19.44 52.40
CA ILE C 250 34.14 20.69 52.01
C ILE C 250 33.72 21.80 52.98
N GLU C 251 34.67 22.57 53.49
CA GLU C 251 34.42 23.72 54.40
C GLU C 251 34.24 24.97 53.52
N ILE C 252 33.08 25.60 53.62
CA ILE C 252 32.74 26.84 52.88
C ILE C 252 32.86 28.03 53.85
N MET C 253 33.87 28.89 53.65
CA MET C 253 34.12 30.09 54.48
C MET C 253 33.59 31.28 53.68
N THR C 254 32.38 31.74 53.96
CA THR C 254 31.78 32.96 53.34
C THR C 254 32.24 34.18 54.14
N ASN C 255 32.20 35.35 53.50
CA ASN C 255 32.53 36.67 54.10
C ASN C 255 33.99 36.65 54.58
N GLU C 256 34.90 36.10 53.78
CA GLU C 256 36.33 35.94 54.18
C GLU C 256 37.16 36.12 52.92
N ASN C 257 38.24 36.87 53.03
CA ASN C 257 39.14 37.12 51.88
C ASN C 257 40.57 37.17 52.40
N PRO C 258 41.50 36.39 51.79
CA PRO C 258 42.91 36.45 52.17
C PRO C 258 43.48 37.88 52.05
N ALA C 259 44.17 38.34 53.09
CA ALA C 259 44.90 39.63 53.07
C ALA C 259 46.40 39.37 52.94
N LYS C 260 46.90 38.20 53.36
CA LYS C 260 48.34 37.88 53.18
C LYS C 260 48.58 36.36 53.27
N VAL C 261 49.60 35.90 52.55
CA VAL C 261 50.06 34.49 52.59
C VAL C 261 51.54 34.51 52.92
N SER C 262 51.98 33.75 53.91
CA SER C 262 53.42 33.53 54.16
C SER C 262 53.74 32.03 54.05
N LEU C 263 54.99 31.76 53.63
CA LEU C 263 55.61 30.42 53.43
C LEU C 263 56.11 29.92 54.78
N ASN C 264 55.63 28.77 55.22
CA ASN C 264 56.20 28.09 56.40
C ASN C 264 57.49 27.40 55.95
N THR C 265 58.43 27.21 56.87
CA THR C 265 59.68 26.46 56.61
C THR C 265 59.35 25.12 55.95
N ASP C 266 58.31 24.46 56.41
CA ASP C 266 57.93 23.10 55.97
C ASP C 266 57.23 23.13 54.60
N GLY C 267 57.02 24.31 54.01
CA GLY C 267 56.50 24.43 52.62
C GLY C 267 54.99 24.67 52.57
N SER C 268 54.31 24.49 53.69
CA SER C 268 52.90 24.88 53.83
C SER C 268 52.76 26.43 53.83
N LYS C 269 51.54 26.91 53.62
CA LYS C 269 51.18 28.34 53.59
C LYS C 269 50.31 28.71 54.78
N HIS C 270 50.64 29.84 55.40
CA HIS C 270 49.89 30.48 56.50
C HIS C 270 49.11 31.62 55.85
N VAL C 271 47.79 31.48 55.78
CA VAL C 271 46.89 32.51 55.19
C VAL C 271 46.34 33.33 56.34
N THR C 272 46.42 34.65 56.23
CA THR C 272 45.73 35.60 57.14
C THR C 272 44.60 36.24 56.32
N PHE C 273 43.38 36.15 56.84
CA PHE C 273 42.15 36.74 56.23
C PHE C 273 42.01 38.18 56.71
N GLU C 274 41.16 38.98 56.05
CA GLU C 274 40.88 40.40 56.41
C GLU C 274 40.27 40.45 57.82
N SER C 275 39.54 39.43 58.23
CA SER C 275 38.96 39.28 59.59
C SER C 275 40.07 39.08 60.65
N GLY C 276 41.33 38.88 60.26
CA GLY C 276 42.40 38.42 61.17
C GLY C 276 42.27 36.93 61.51
N LYS C 277 41.38 36.18 60.87
CA LYS C 277 41.35 34.71 61.02
C LYS C 277 42.56 34.15 60.24
N THR C 278 43.11 33.02 60.69
CA THR C 278 44.24 32.37 59.98
C THR C 278 43.88 30.91 59.69
N LEU C 279 44.46 30.37 58.61
CA LEU C 279 44.37 28.94 58.21
C LEU C 279 45.72 28.49 57.64
N ASP C 280 46.17 27.28 57.96
CA ASP C 280 47.39 26.68 57.37
C ASP C 280 46.94 25.67 56.32
N VAL C 281 47.48 25.71 55.09
CA VAL C 281 47.16 24.73 54.02
C VAL C 281 48.45 24.40 53.25
N ASP C 282 48.42 23.35 52.43
CA ASP C 282 49.55 22.95 51.55
C ASP C 282 49.50 23.77 50.25
N VAL C 283 48.33 24.12 49.78
CA VAL C 283 48.12 24.82 48.49
C VAL C 283 47.01 25.86 48.69
N VAL C 284 47.27 27.07 48.24
CA VAL C 284 46.28 28.18 48.07
C VAL C 284 46.05 28.37 46.58
N MET C 285 44.87 27.98 46.07
CA MET C 285 44.56 28.12 44.63
C MET C 285 43.70 29.37 44.46
N MET C 286 44.23 30.41 43.84
CA MET C 286 43.46 31.66 43.61
C MET C 286 42.57 31.44 42.39
N ALA C 287 41.26 31.62 42.53
CA ALA C 287 40.31 31.50 41.40
C ALA C 287 39.25 32.59 41.56
N ILE C 288 39.67 33.86 41.73
CA ILE C 288 38.79 35.04 42.00
C ILE C 288 38.34 35.70 40.68
N GLY C 289 38.90 35.30 39.55
CA GLY C 289 38.57 35.90 38.24
C GLY C 289 39.60 35.60 37.18
N ARG C 290 39.30 35.97 35.95
CA ARG C 290 40.19 35.86 34.78
C ARG C 290 40.11 37.19 34.04
N ILE C 291 41.25 37.67 33.55
CA ILE C 291 41.40 39.00 32.89
C ILE C 291 41.81 38.80 31.45
N PRO C 292 41.31 39.66 30.54
CA PRO C 292 41.71 39.65 29.13
C PRO C 292 43.23 39.67 29.00
N ARG C 293 43.77 38.86 28.08
CA ARG C 293 45.23 38.71 27.88
C ARG C 293 45.69 39.64 26.74
N THR C 294 45.79 40.93 27.02
CA THR C 294 46.11 42.00 26.04
C THR C 294 47.57 42.49 26.18
N ASN C 295 48.23 42.27 27.32
CA ASN C 295 49.46 42.99 27.74
C ASN C 295 50.63 42.75 26.78
N ASP C 296 50.64 41.65 26.02
CA ASP C 296 51.81 41.22 25.20
C ASP C 296 51.59 41.56 23.72
N LEU C 297 50.40 42.07 23.36
CA LEU C 297 50.00 42.32 21.95
C LEU C 297 50.57 43.65 21.44
N GLN C 298 50.99 44.56 22.33
CA GLN C 298 51.56 45.89 21.96
C GLN C 298 50.48 46.68 21.21
N LEU C 299 49.28 46.74 21.77
CA LEU C 299 48.10 47.35 21.10
C LEU C 299 48.31 48.86 20.94
N GLY C 300 49.24 49.46 21.71
CA GLY C 300 49.56 50.90 21.66
C GLY C 300 50.14 51.32 20.32
N ASN C 301 50.88 50.41 19.68
CA ASN C 301 51.47 50.55 18.32
C ASN C 301 50.40 50.87 17.25
N VAL C 302 49.12 50.52 17.48
CA VAL C 302 48.05 50.76 16.48
C VAL C 302 46.79 51.37 17.13
N GLY C 303 46.77 51.60 18.45
CA GLY C 303 45.68 52.28 19.19
C GLY C 303 44.36 51.51 19.23
N VAL C 304 44.40 50.17 19.22
CA VAL C 304 43.22 49.31 19.51
C VAL C 304 42.75 49.67 20.92
N LYS C 305 41.56 50.24 21.05
CA LYS C 305 41.07 50.75 22.36
CA LYS C 305 41.02 50.74 22.35
C LYS C 305 40.69 49.55 23.25
N LEU C 306 40.86 49.73 24.57
CA LEU C 306 40.42 48.82 25.65
C LEU C 306 39.31 49.51 26.45
N THR C 307 38.34 48.73 26.94
CA THR C 307 37.31 49.14 27.95
C THR C 307 38.01 49.43 29.27
N PRO C 308 37.33 50.08 30.25
CA PRO C 308 37.92 50.32 31.57
C PRO C 308 38.23 49.02 32.33
N LYS C 309 37.55 47.91 31.98
CA LYS C 309 37.77 46.56 32.56
C LYS C 309 39.07 45.93 32.00
N GLY C 310 39.58 46.40 30.85
CA GLY C 310 40.87 45.96 30.28
C GLY C 310 40.70 45.09 29.03
N GLY C 311 39.47 44.69 28.70
CA GLY C 311 39.16 43.89 27.50
C GLY C 311 39.15 44.75 26.24
N VAL C 312 39.49 44.18 25.10
CA VAL C 312 39.36 44.87 23.77
C VAL C 312 37.88 45.23 23.53
N GLN C 313 37.61 46.52 23.35
CA GLN C 313 36.27 47.07 22.99
C GLN C 313 35.92 46.63 21.57
N VAL C 314 34.73 46.06 21.41
CA VAL C 314 34.19 45.58 20.11
C VAL C 314 32.71 45.97 20.01
N ASP C 315 32.21 46.05 18.77
CA ASP C 315 30.77 46.15 18.43
C ASP C 315 30.18 44.73 18.36
N GLU C 316 28.91 44.62 17.98
CA GLU C 316 28.15 43.35 17.81
C GLU C 316 28.80 42.43 16.77
N PHE C 317 29.73 42.93 15.93
CA PHE C 317 30.33 42.18 14.80
C PHE C 317 31.83 41.92 15.05
N SER C 318 32.28 42.14 16.29
CA SER C 318 33.63 41.77 16.78
C SER C 318 34.69 42.77 16.26
N ARG C 319 34.28 43.98 15.88
CA ARG C 319 35.21 44.93 15.21
C ARG C 319 35.75 45.91 16.25
N THR C 320 37.07 46.12 16.25
CA THR C 320 37.76 47.16 17.06
C THR C 320 37.58 48.51 16.36
N ASN C 321 37.98 49.60 17.03
CA ASN C 321 38.04 50.97 16.46
C ASN C 321 39.03 51.06 15.29
N VAL C 322 39.92 50.07 15.10
CA VAL C 322 40.87 49.98 13.94
C VAL C 322 40.21 49.14 12.86
N PRO C 323 40.10 49.64 11.60
CA PRO C 323 39.12 49.12 10.65
C PRO C 323 39.17 47.60 10.38
N ASN C 324 40.38 47.03 10.26
CA ASN C 324 40.63 45.62 9.83
C ASN C 324 41.21 44.77 10.99
N ILE C 325 41.01 45.16 12.25
CA ILE C 325 41.43 44.33 13.43
C ILE C 325 40.19 43.92 14.23
N TYR C 326 40.10 42.62 14.53
CA TYR C 326 38.96 41.99 15.24
C TYR C 326 39.46 41.30 16.51
N ALA C 327 38.55 41.20 17.48
CA ALA C 327 38.74 40.54 18.79
C ALA C 327 37.48 39.72 19.13
N ILE C 328 37.67 38.42 19.32
CA ILE C 328 36.63 37.45 19.79
C ILE C 328 37.13 36.76 21.06
N GLY C 329 36.18 36.20 21.81
CA GLY C 329 36.41 35.28 22.94
C GLY C 329 36.69 36.03 24.23
N ASP C 330 37.47 35.39 25.10
CA ASP C 330 37.71 35.89 26.49
C ASP C 330 38.39 37.27 26.43
N ILE C 331 39.17 37.57 25.38
CA ILE C 331 39.90 38.87 25.23
C ILE C 331 38.87 40.01 25.17
N THR C 332 37.63 39.75 24.77
CA THR C 332 36.57 40.80 24.77
C THR C 332 35.89 40.93 26.14
N ASP C 333 36.06 39.94 27.03
CA ASP C 333 35.62 40.06 28.45
C ASP C 333 34.08 40.21 28.55
N ARG C 334 33.31 39.52 27.69
CA ARG C 334 31.83 39.36 27.82
CA ARG C 334 31.84 39.36 27.84
C ARG C 334 31.58 37.99 28.50
N LEU C 335 31.06 37.02 27.74
CA LEU C 335 30.77 35.65 28.25
C LEU C 335 32.01 34.79 27.99
N MET C 336 32.66 34.33 29.05
CA MET C 336 33.92 33.54 28.96
C MET C 336 33.57 32.06 28.84
N LEU C 337 33.08 31.64 27.66
CA LEU C 337 32.66 30.24 27.36
C LEU C 337 33.26 29.83 26.01
N THR C 338 33.77 28.61 25.89
CA THR C 338 34.37 28.05 24.66
C THR C 338 33.38 28.17 23.50
N PRO C 339 32.12 27.70 23.64
CA PRO C 339 31.19 27.68 22.50
C PRO C 339 30.81 29.10 22.06
N VAL C 340 30.83 30.07 22.97
CA VAL C 340 30.52 31.50 22.64
C VAL C 340 31.67 32.06 21.79
N ALA C 341 32.91 31.69 22.08
CA ALA C 341 34.11 32.09 21.32
C ALA C 341 34.06 31.46 19.92
N ILE C 342 33.64 30.20 19.85
CA ILE C 342 33.51 29.43 18.58
C ILE C 342 32.44 30.10 17.70
N ASN C 343 31.30 30.43 18.29
CA ASN C 343 30.18 31.14 17.59
C ASN C 343 30.66 32.50 17.06
N GLU C 344 31.35 33.30 17.88
CA GLU C 344 31.86 34.64 17.49
C GLU C 344 32.84 34.51 16.32
N GLY C 345 33.59 33.41 16.26
CA GLY C 345 34.62 33.16 15.23
C GLY C 345 34.00 32.74 13.91
N ALA C 346 32.91 31.98 13.96
CA ALA C 346 32.13 31.57 12.77
C ALA C 346 31.47 32.82 12.18
N ALA C 347 30.84 33.62 13.03
CA ALA C 347 30.04 34.81 12.66
C ALA C 347 30.97 35.86 12.04
N LEU C 348 32.13 36.10 12.63
CA LEU C 348 33.12 37.10 12.12
C LEU C 348 33.56 36.70 10.72
N VAL C 349 33.91 35.42 10.51
CA VAL C 349 34.52 34.93 9.24
C VAL C 349 33.44 34.95 8.15
N ASP C 350 32.22 34.51 8.47
CA ASP C 350 31.05 34.56 7.54
C ASP C 350 30.71 36.03 7.22
N THR C 351 30.86 36.98 8.16
CA THR C 351 30.68 38.43 7.90
C THR C 351 31.75 38.95 6.94
N VAL C 352 33.02 38.54 7.13
CA VAL C 352 34.22 39.21 6.53
C VAL C 352 34.59 38.54 5.19
N PHE C 353 34.47 37.21 5.08
CA PHE C 353 34.79 36.46 3.84
C PHE C 353 33.58 35.65 3.36
N GLY C 354 32.35 36.13 3.64
CA GLY C 354 31.10 35.45 3.25
C GLY C 354 30.04 36.41 2.69
N ASN C 355 30.18 37.72 2.93
CA ASN C 355 29.31 38.79 2.35
C ASN C 355 27.89 38.72 2.91
N LYS C 356 27.65 38.05 4.05
CA LYS C 356 26.34 37.98 4.74
C LYS C 356 26.53 38.22 6.24
N PRO C 357 26.40 39.49 6.71
CA PRO C 357 26.58 39.82 8.12
C PRO C 357 25.84 38.84 9.06
N ARG C 358 26.49 38.54 10.20
CA ARG C 358 25.98 37.63 11.26
C ARG C 358 26.59 38.06 12.60
N LYS C 359 25.74 38.49 13.53
CA LYS C 359 26.14 38.85 14.91
C LYS C 359 25.86 37.65 15.83
N THR C 360 26.66 37.52 16.90
CA THR C 360 26.48 36.49 17.96
C THR C 360 25.40 36.95 18.93
N ASP C 361 24.49 36.04 19.29
CA ASP C 361 23.45 36.27 20.35
C ASP C 361 24.08 35.87 21.69
N HIS C 362 24.24 36.84 22.60
CA HIS C 362 24.89 36.67 23.94
C HIS C 362 23.84 36.37 25.02
N THR C 363 22.56 36.31 24.66
CA THR C 363 21.43 36.00 25.56
C THR C 363 21.11 34.50 25.49
N ARG C 364 20.43 33.97 26.50
CA ARG C 364 19.89 32.59 26.50
C ARG C 364 20.99 31.59 26.10
N VAL C 365 22.23 31.84 26.54
CA VAL C 365 23.34 30.86 26.35
C VAL C 365 23.26 29.87 27.51
N ALA C 366 23.15 28.60 27.17
CA ALA C 366 23.14 27.47 28.12
C ALA C 366 24.57 27.25 28.62
N SER C 367 24.74 27.12 29.94
CA SER C 367 26.05 26.90 30.61
C SER C 367 25.88 25.84 31.70
N ALA C 368 27.01 25.38 32.26
CA ALA C 368 27.08 24.30 33.28
C ALA C 368 28.15 24.64 34.33
N VAL C 369 27.96 24.16 35.56
CA VAL C 369 29.04 24.06 36.58
C VAL C 369 29.18 22.57 36.86
N PHE C 370 30.37 22.01 36.69
CA PHE C 370 30.66 20.58 36.97
C PHE C 370 31.06 20.43 38.43
N SER C 371 30.28 21.09 39.28
CA SER C 371 30.13 20.77 40.72
C SER C 371 29.64 19.34 40.83
N ILE C 372 29.80 18.77 42.02
CA ILE C 372 29.22 17.46 42.38
C ILE C 372 28.21 17.73 43.50
N PRO C 373 26.89 17.66 43.18
CA PRO C 373 26.39 17.34 41.83
C PRO C 373 26.39 18.57 40.91
N PRO C 374 26.18 18.40 39.60
CA PRO C 374 26.37 19.50 38.65
C PRO C 374 25.17 20.45 38.51
N ILE C 375 25.44 21.65 37.98
CA ILE C 375 24.44 22.71 37.63
C ILE C 375 24.31 22.83 36.12
N GLY C 376 23.09 23.03 35.64
CA GLY C 376 22.77 23.39 34.25
C GLY C 376 21.80 24.54 34.27
N THR C 377 22.06 25.58 33.46
CA THR C 377 21.21 26.81 33.47
C THR C 377 21.17 27.39 32.06
N CYS C 378 20.06 28.08 31.73
CA CYS C 378 19.88 28.85 30.49
C CYS C 378 18.95 30.06 30.72
N GLY C 379 19.41 31.26 30.37
CA GLY C 379 18.62 32.50 30.48
C GLY C 379 18.57 33.07 31.89
N LEU C 380 17.49 33.79 32.22
CA LEU C 380 17.43 34.75 33.35
C LEU C 380 17.12 34.04 34.66
N ILE C 381 17.85 34.39 35.71
CA ILE C 381 17.47 34.16 37.13
C ILE C 381 16.35 35.15 37.48
N GLU C 382 15.54 34.78 38.46
CA GLU C 382 14.26 35.45 38.76
C GLU C 382 14.48 36.92 39.15
N GLU C 383 15.58 37.25 39.84
CA GLU C 383 15.77 38.63 40.40
C GLU C 383 16.07 39.58 39.24
N VAL C 384 16.72 39.09 38.18
CA VAL C 384 16.99 39.88 36.93
C VAL C 384 15.68 40.00 36.15
N ALA C 385 14.91 38.91 36.05
CA ALA C 385 13.63 38.91 35.30
C ALA C 385 12.64 39.88 35.97
N ALA C 386 12.50 39.84 37.31
CA ALA C 386 11.59 40.68 38.11
C ALA C 386 11.82 42.19 37.87
N LYS C 387 13.05 42.59 37.52
CA LYS C 387 13.51 43.98 37.21
C LYS C 387 13.20 44.35 35.74
N GLU C 388 13.04 43.39 34.83
CA GLU C 388 12.82 43.63 33.38
C GLU C 388 11.35 43.38 32.98
N PHE C 389 10.54 42.77 33.85
CA PHE C 389 9.15 42.34 33.51
C PHE C 389 8.28 42.60 34.73
N GLU C 390 7.02 42.97 34.51
CA GLU C 390 6.08 43.44 35.57
C GLU C 390 5.57 42.25 36.40
N LYS C 391 5.22 41.15 35.74
CA LYS C 391 4.75 39.90 36.37
C LYS C 391 5.72 38.76 35.98
N VAL C 392 6.36 38.16 36.98
CA VAL C 392 7.23 36.98 36.78
C VAL C 392 6.71 35.85 37.64
N ALA C 393 6.49 34.68 37.06
CA ALA C 393 6.14 33.46 37.80
C ALA C 393 7.38 32.54 37.91
N VAL C 394 7.52 31.88 39.06
CA VAL C 394 8.61 30.91 39.29
C VAL C 394 7.99 29.54 39.55
N TYR C 395 8.36 28.53 38.76
CA TYR C 395 7.95 27.12 38.97
C TYR C 395 9.16 26.38 39.55
N MET C 396 8.94 25.60 40.60
CA MET C 396 10.01 25.04 41.46
C MET C 396 9.63 23.63 41.88
N SER C 397 10.45 22.65 41.47
CA SER C 397 10.51 21.27 42.00
C SER C 397 11.86 21.04 42.71
N SER C 398 11.81 20.54 43.93
CA SER C 398 13.00 20.20 44.77
C SER C 398 12.70 18.92 45.57
N PHE C 399 13.51 17.88 45.41
CA PHE C 399 13.28 16.54 46.01
C PHE C 399 14.58 15.72 45.87
N THR C 400 14.83 14.85 46.84
CA THR C 400 15.85 13.77 46.82
C THR C 400 15.37 12.67 45.89
N PRO C 401 16.02 12.45 44.72
CA PRO C 401 15.63 11.35 43.85
C PRO C 401 15.68 10.05 44.67
N LEU C 402 14.78 9.13 44.33
CA LEU C 402 14.60 7.79 44.94
C LEU C 402 15.94 7.03 44.96
N MET C 403 16.71 7.06 43.88
CA MET C 403 17.99 6.31 43.82
C MET C 403 18.91 6.79 44.95
N HIS C 404 18.77 8.04 45.42
CA HIS C 404 19.67 8.60 46.46
C HIS C 404 19.13 8.28 47.85
N ASN C 405 17.86 7.92 47.98
CA ASN C 405 17.35 7.35 49.26
C ASN C 405 18.02 5.99 49.47
N ILE C 406 18.22 5.23 48.40
CA ILE C 406 18.79 3.85 48.51
C ILE C 406 20.32 3.96 48.65
N SER C 407 20.95 4.89 47.91
CA SER C 407 22.43 5.08 47.89
C SER C 407 22.95 5.57 49.25
N GLY C 408 22.09 6.21 50.05
CA GLY C 408 22.50 6.84 51.32
C GLY C 408 22.87 8.31 51.17
N SER C 409 22.89 8.85 49.93
CA SER C 409 23.19 10.28 49.65
C SER C 409 21.92 11.14 49.72
N LYS C 410 21.26 11.17 50.87
CA LYS C 410 19.92 11.80 51.03
C LYS C 410 20.02 13.33 50.85
N TYR C 411 21.22 13.91 51.01
CA TYR C 411 21.48 15.37 50.86
C TYR C 411 21.39 15.77 49.38
N LYS C 412 21.33 14.81 48.46
CA LYS C 412 21.43 15.11 47.01
C LYS C 412 20.06 15.52 46.43
N LYS C 413 19.51 16.64 46.88
CA LYS C 413 18.26 17.21 46.32
C LYS C 413 18.48 17.61 44.85
N PHE C 414 17.62 17.13 43.95
CA PHE C 414 17.46 17.68 42.57
C PHE C 414 16.65 18.99 42.67
N VAL C 415 17.04 20.01 41.91
CA VAL C 415 16.27 21.29 41.89
C VAL C 415 16.00 21.63 40.43
N ALA C 416 14.73 21.85 40.10
CA ALA C 416 14.33 22.35 38.76
C ALA C 416 13.55 23.65 38.95
N LYS C 417 13.96 24.72 38.27
CA LYS C 417 13.25 26.02 38.37
C LYS C 417 13.03 26.56 36.97
N ILE C 418 11.81 26.98 36.68
CA ILE C 418 11.44 27.67 35.40
C ILE C 418 10.96 29.08 35.74
N VAL C 419 11.53 30.09 35.08
CA VAL C 419 11.16 31.51 35.29
C VAL C 419 10.43 31.99 34.03
N THR C 420 9.20 32.49 34.21
CA THR C 420 8.33 32.95 33.11
C THR C 420 7.98 34.43 33.28
N ASN C 421 7.75 35.07 32.15
CA ASN C 421 6.90 36.28 32.02
C ASN C 421 5.46 35.78 32.17
N HIS C 422 4.84 35.92 33.35
CA HIS C 422 3.48 35.39 33.63
C HIS C 422 2.40 36.10 32.77
N SER C 423 2.70 37.25 32.14
CA SER C 423 1.75 37.98 31.25
C SER C 423 1.41 37.12 30.01
N ASP C 424 2.41 36.55 29.34
CA ASP C 424 2.26 35.75 28.09
C ASP C 424 2.73 34.29 28.27
N GLY C 425 3.51 33.98 29.32
CA GLY C 425 3.96 32.61 29.65
C GLY C 425 5.29 32.21 29.01
N THR C 426 5.98 33.14 28.32
CA THR C 426 7.33 32.95 27.74
C THR C 426 8.31 32.51 28.85
N VAL C 427 9.10 31.48 28.56
CA VAL C 427 10.11 30.96 29.54
C VAL C 427 11.33 31.87 29.46
N LEU C 428 11.65 32.52 30.57
CA LEU C 428 12.76 33.51 30.60
C LEU C 428 14.04 32.78 31.03
N GLY C 429 13.93 31.78 31.91
CA GLY C 429 15.08 31.01 32.43
C GLY C 429 14.70 29.63 32.93
N VAL C 430 15.64 28.68 32.81
CA VAL C 430 15.57 27.31 33.38
C VAL C 430 16.87 27.08 34.17
N HIS C 431 16.77 26.62 35.41
CA HIS C 431 17.94 26.37 36.29
C HIS C 431 17.79 25.01 36.97
N LEU C 432 18.80 24.15 36.81
CA LEU C 432 18.78 22.73 37.26
C LEU C 432 20.01 22.46 38.11
N LEU C 433 19.83 21.74 39.22
CA LEU C 433 20.92 21.18 40.04
C LEU C 433 20.60 19.70 40.26
N GLY C 434 21.53 18.81 39.93
CA GLY C 434 21.31 17.36 40.04
C GLY C 434 22.05 16.62 38.95
N ASP C 435 22.25 15.31 39.11
CA ASP C 435 22.94 14.47 38.09
C ASP C 435 22.20 14.68 36.77
N GLY C 436 22.93 14.83 35.66
CA GLY C 436 22.36 15.01 34.31
C GLY C 436 22.14 16.47 33.93
N ALA C 437 22.17 17.41 34.88
CA ALA C 437 21.77 18.82 34.68
C ALA C 437 22.47 19.43 33.45
N PRO C 438 23.79 19.28 33.23
CA PRO C 438 24.42 19.84 32.03
C PRO C 438 23.92 19.23 30.70
N GLU C 439 23.59 17.94 30.71
CA GLU C 439 23.06 17.21 29.52
C GLU C 439 21.60 17.66 29.26
N ILE C 440 20.78 17.77 30.32
CA ILE C 440 19.35 18.19 30.25
C ILE C 440 19.23 19.58 29.61
N ILE C 441 20.13 20.51 29.94
CA ILE C 441 19.92 21.96 29.67
C ILE C 441 20.20 22.26 28.19
N GLN C 442 20.93 21.42 27.45
CA GLN C 442 21.37 21.79 26.07
C GLN C 442 20.15 22.09 25.19
N ALA C 443 19.24 21.13 25.11
CA ALA C 443 18.04 21.25 24.26
C ALA C 443 17.14 22.36 24.81
N VAL C 444 17.24 22.69 26.09
CA VAL C 444 16.45 23.81 26.69
C VAL C 444 16.89 25.11 26.04
N GLY C 445 18.19 25.25 25.76
CA GLY C 445 18.71 26.38 24.97
C GLY C 445 17.92 26.57 23.67
N VAL C 446 17.65 25.45 22.97
CA VAL C 446 16.93 25.47 21.67
C VAL C 446 15.50 25.91 21.95
N CYS C 447 14.84 25.34 22.96
CA CYS C 447 13.46 25.73 23.37
C CYS C 447 13.37 27.25 23.53
N LEU C 448 14.34 27.89 24.18
CA LEU C 448 14.28 29.35 24.47
C LEU C 448 14.53 30.12 23.17
N ARG C 449 15.29 29.57 22.22
CA ARG C 449 15.49 30.20 20.89
C ARG C 449 14.15 30.17 20.13
N LEU C 450 13.26 29.21 20.42
CA LEU C 450 11.92 29.09 19.79
C LEU C 450 10.84 29.75 20.64
N ASN C 451 11.22 30.64 21.58
CA ASN C 451 10.31 31.43 22.45
C ASN C 451 9.28 30.50 23.12
N ALA C 452 9.72 29.33 23.55
CA ALA C 452 8.90 28.35 24.28
C ALA C 452 8.14 29.03 25.43
N LYS C 453 6.93 28.54 25.71
CA LYS C 453 6.07 29.01 26.81
C LYS C 453 6.01 27.89 27.84
N ILE C 454 5.74 28.23 29.11
CA ILE C 454 5.56 27.18 30.15
C ILE C 454 4.63 26.08 29.60
N SER C 455 3.54 26.41 28.90
CA SER C 455 2.54 25.39 28.44
C SER C 455 3.19 24.42 27.43
N ASP C 456 4.13 24.91 26.62
CA ASP C 456 4.92 24.08 25.65
C ASP C 456 5.70 23.03 26.44
N PHE C 457 6.20 23.38 27.63
CA PHE C 457 6.87 22.41 28.53
C PHE C 457 5.83 21.42 29.04
N TYR C 458 4.76 21.86 29.70
CA TYR C 458 3.87 20.92 30.44
C TYR C 458 2.93 20.17 29.48
N ASN C 459 2.80 20.57 28.22
CA ASN C 459 1.98 19.81 27.22
C ASN C 459 2.88 18.84 26.45
N THR C 460 4.21 18.86 26.67
CA THR C 460 5.14 17.83 26.15
C THR C 460 5.01 16.60 27.05
N ILE C 461 4.85 15.45 26.43
CA ILE C 461 4.79 14.12 27.09
C ILE C 461 6.19 13.77 27.63
N GLY C 462 6.26 13.35 28.89
CA GLY C 462 7.51 13.06 29.59
C GLY C 462 8.19 11.80 29.07
N VAL C 463 9.48 11.68 29.37
CA VAL C 463 10.25 10.41 29.34
C VAL C 463 10.34 9.97 30.80
N HIS C 464 9.86 8.78 31.11
CA HIS C 464 9.81 8.24 32.49
C HIS C 464 10.61 6.94 32.54
N PRO C 465 11.41 6.69 33.60
CA PRO C 465 11.70 7.66 34.65
C PRO C 465 13.01 8.44 34.42
N THR C 466 12.95 9.77 34.50
CA THR C 466 14.11 10.69 34.39
C THR C 466 13.94 11.87 35.36
N SER C 467 15.01 12.64 35.54
CA SER C 467 14.99 13.95 36.26
C SER C 467 14.37 14.99 35.33
N ALA C 468 14.75 14.95 34.06
CA ALA C 468 14.35 15.92 33.01
C ALA C 468 12.82 16.04 32.95
N GLU C 469 12.09 14.94 33.10
CA GLU C 469 10.61 14.95 32.95
C GLU C 469 10.01 15.98 33.91
N GLU C 470 10.74 16.36 34.97
CA GLU C 470 10.28 17.34 35.99
C GLU C 470 10.00 18.69 35.32
N LEU C 471 10.72 19.02 34.25
CA LEU C 471 10.54 20.27 33.49
C LEU C 471 9.17 20.29 32.80
N CYS C 472 8.53 19.12 32.57
CA CYS C 472 7.25 18.97 31.81
C CYS C 472 6.09 18.67 32.77
N SER C 473 6.30 18.76 34.08
CA SER C 473 5.31 18.39 35.13
C SER C 473 4.96 19.60 36.00
N MET C 474 5.30 20.81 35.55
CA MET C 474 5.15 22.05 36.36
C MET C 474 4.20 23.02 35.62
N ARG C 475 3.00 23.20 36.18
CA ARG C 475 1.91 23.98 35.54
C ARG C 475 1.40 25.08 36.49
N THR C 476 1.62 24.98 37.80
CA THR C 476 1.16 25.99 38.81
C THR C 476 2.38 26.66 39.43
N PRO C 477 2.56 28.00 39.32
CA PRO C 477 3.68 28.68 39.96
C PRO C 477 3.77 28.41 41.47
N SER C 478 4.99 28.37 42.02
CA SER C 478 5.26 28.35 43.48
C SER C 478 5.08 29.77 44.02
N TYR C 479 5.48 30.77 43.23
CA TYR C 479 5.40 32.18 43.63
C TYR C 479 5.65 33.09 42.42
N TYR C 480 5.44 34.38 42.63
CA TYR C 480 5.49 35.42 41.59
C TYR C 480 6.35 36.59 42.09
N TYR C 481 6.91 37.35 41.16
CA TYR C 481 7.40 38.74 41.40
C TYR C 481 6.41 39.68 40.71
N VAL C 482 5.80 40.61 41.46
CA VAL C 482 4.90 41.68 40.92
C VAL C 482 5.59 43.03 41.13
N LYS C 483 5.98 43.71 40.04
CA LYS C 483 6.69 45.02 40.10
C LYS C 483 7.94 44.86 40.98
N GLY C 484 8.63 43.72 40.87
CA GLY C 484 9.82 43.40 41.67
C GLY C 484 9.50 42.81 43.04
N GLU C 485 8.23 42.85 43.48
CA GLU C 485 7.81 42.37 44.82
C GLU C 485 7.51 40.87 44.72
N LYS C 486 8.34 40.04 45.38
CA LYS C 486 8.10 38.59 45.57
C LYS C 486 6.80 38.41 46.37
N MET C 487 5.82 37.71 45.82
CA MET C 487 4.61 37.28 46.57
C MET C 487 4.22 35.85 46.17
N GLU C 488 3.62 35.12 47.11
CA GLU C 488 3.10 33.74 46.97
C GLU C 488 1.92 33.75 45.99
N LYS C 489 0.92 34.62 46.23
CA LYS C 489 -0.27 34.81 45.35
C LYS C 489 -0.11 36.07 44.51
N LEU C 490 -0.84 36.14 43.40
CA LEU C 490 -1.13 37.40 42.65
C LEU C 490 -2.15 38.20 43.46
N PRO C 491 -2.09 39.56 43.47
CA PRO C 491 -2.94 40.37 44.35
C PRO C 491 -4.43 40.35 43.99
N SER D 2 -34.07 -3.65 50.69
CA SER D 2 -33.15 -3.00 49.64
C SER D 2 -32.63 -1.64 50.11
N HIS D 3 -31.39 -1.31 49.71
CA HIS D 3 -30.62 -0.09 50.05
C HIS D 3 -29.68 0.28 48.89
N MET D 4 -29.24 1.52 48.83
CA MET D 4 -28.67 2.16 47.62
C MET D 4 -27.20 1.76 47.48
N SER D 5 -26.78 1.48 46.26
CA SER D 5 -25.35 1.26 45.96
C SER D 5 -24.62 2.60 46.07
N LYS D 6 -23.34 2.55 46.43
CA LYS D 6 -22.39 3.68 46.29
C LYS D 6 -22.43 4.15 44.83
N ALA D 7 -22.58 5.47 44.60
CA ALA D 7 -22.82 6.13 43.30
C ALA D 7 -21.65 7.09 43.00
N PHE D 8 -21.18 7.11 41.77
CA PHE D 8 -19.98 7.85 41.31
C PHE D 8 -20.25 8.53 39.98
N ASP D 9 -19.67 9.74 39.79
CA ASP D 9 -19.53 10.38 38.47
C ASP D 9 -18.63 9.49 37.61
N LEU D 10 -17.54 8.93 38.17
CA LEU D 10 -16.56 8.17 37.37
C LEU D 10 -16.14 6.93 38.14
N VAL D 11 -16.23 5.79 37.51
CA VAL D 11 -15.57 4.56 38.02
C VAL D 11 -14.42 4.22 37.07
N VAL D 12 -13.22 4.09 37.63
CA VAL D 12 -11.97 3.74 36.91
C VAL D 12 -11.65 2.29 37.26
N ILE D 13 -11.54 1.43 36.26
CA ILE D 13 -11.04 0.05 36.51
C ILE D 13 -9.57 0.06 36.14
N GLY D 14 -8.71 0.00 37.16
CA GLY D 14 -7.23 -0.01 37.08
C GLY D 14 -6.65 1.25 37.69
N ALA D 15 -5.97 1.10 38.82
CA ALA D 15 -5.39 2.20 39.61
C ALA D 15 -3.93 2.33 39.22
N GLY D 16 -3.72 2.45 37.91
CA GLY D 16 -2.39 2.55 37.28
C GLY D 16 -2.10 3.94 36.75
N SER D 17 -1.14 4.01 35.82
CA SER D 17 -0.59 5.30 35.37
C SER D 17 -1.74 6.18 34.88
N GLY D 18 -2.50 5.71 33.91
CA GLY D 18 -3.63 6.48 33.35
C GLY D 18 -4.81 6.59 34.32
N GLY D 19 -5.18 5.47 34.95
CA GLY D 19 -6.33 5.44 35.87
C GLY D 19 -6.18 6.42 37.02
N LEU D 20 -5.00 6.47 37.63
CA LEU D 20 -4.77 7.36 38.80
C LEU D 20 -4.76 8.81 38.35
N GLU D 21 -4.20 9.13 37.18
CA GLU D 21 -4.18 10.52 36.69
C GLU D 21 -5.64 10.97 36.43
N ALA D 22 -6.40 10.14 35.75
CA ALA D 22 -7.82 10.40 35.44
C ALA D 22 -8.59 10.57 36.74
N GLY D 23 -8.41 9.65 37.70
CA GLY D 23 -9.15 9.66 38.96
C GLY D 23 -8.83 10.88 39.80
N TRP D 24 -7.54 11.16 39.98
CA TRP D 24 -7.05 12.30 40.80
C TRP D 24 -7.56 13.62 40.22
N ASN D 25 -7.40 13.83 38.91
CA ASN D 25 -7.80 15.08 38.21
C ASN D 25 -9.31 15.27 38.31
N ALA D 26 -10.11 14.20 38.18
CA ALA D 26 -11.59 14.33 38.14
C ALA D 26 -12.07 14.78 39.52
N ALA D 27 -11.51 14.20 40.58
CA ALA D 27 -11.89 14.44 41.98
C ALA D 27 -11.41 15.83 42.41
N THR D 28 -10.15 16.19 42.16
CA THR D 28 -9.47 17.36 42.77
C THR D 28 -9.59 18.62 41.89
N LEU D 29 -9.66 18.52 40.57
CA LEU D 29 -9.77 19.70 39.67
C LEU D 29 -11.24 19.97 39.33
N TYR D 30 -12.10 18.96 39.25
CA TYR D 30 -13.48 19.12 38.75
C TYR D 30 -14.52 18.71 39.80
N GLY D 31 -14.08 18.30 41.00
CA GLY D 31 -14.96 18.07 42.17
C GLY D 31 -15.89 16.88 41.97
N LYS D 32 -15.50 15.91 41.15
CA LYS D 32 -16.34 14.71 40.86
C LYS D 32 -16.16 13.67 41.95
N ARG D 33 -17.14 12.79 42.08
CA ARG D 33 -17.11 11.61 42.96
C ARG D 33 -16.54 10.46 42.11
N VAL D 34 -15.40 9.93 42.53
CA VAL D 34 -14.58 8.96 41.75
C VAL D 34 -14.32 7.72 42.58
N ALA D 35 -14.51 6.56 41.97
CA ALA D 35 -14.10 5.26 42.49
C ALA D 35 -12.97 4.77 41.59
N VAL D 36 -11.93 4.22 42.18
CA VAL D 36 -10.84 3.51 41.45
C VAL D 36 -10.71 2.11 42.04
N VAL D 37 -10.70 1.09 41.18
CA VAL D 37 -10.65 -0.37 41.52
C VAL D 37 -9.28 -0.93 41.16
N ASP D 38 -8.66 -1.68 42.05
CA ASP D 38 -7.46 -2.45 41.67
C ASP D 38 -7.49 -3.74 42.48
N VAL D 39 -6.72 -4.73 42.06
CA VAL D 39 -6.74 -6.11 42.64
C VAL D 39 -5.82 -6.23 43.86
N GLN D 40 -4.93 -5.27 44.12
CA GLN D 40 -3.99 -5.33 45.28
C GLN D 40 -3.63 -3.93 45.74
N THR D 41 -3.34 -3.76 47.03
CA THR D 41 -2.97 -2.45 47.62
C THR D 41 -1.45 -2.29 47.58
N SER D 42 -0.70 -3.37 47.44
CA SER D 42 0.78 -3.28 47.38
C SER D 42 1.36 -4.32 46.41
N HIS D 43 2.60 -4.09 45.97
CA HIS D 43 3.27 -4.85 44.88
C HIS D 43 3.42 -6.32 45.25
N GLY D 44 3.59 -7.19 44.26
CA GLY D 44 4.16 -8.52 44.44
C GLY D 44 3.17 -9.62 44.10
N PRO D 45 3.62 -10.88 44.22
CA PRO D 45 2.73 -12.03 44.06
C PRO D 45 1.53 -11.88 45.00
N PRO D 46 0.32 -12.39 44.67
CA PRO D 46 0.06 -13.07 43.40
C PRO D 46 -0.22 -12.22 42.13
N PHE D 47 -0.63 -10.95 42.23
CA PHE D 47 -1.16 -10.25 41.03
C PHE D 47 -0.12 -9.27 40.45
N TYR D 48 1.01 -9.04 41.15
CA TYR D 48 2.21 -8.29 40.69
C TYR D 48 1.95 -6.79 40.56
N ALA D 49 1.13 -6.38 39.60
CA ALA D 49 0.65 -4.99 39.58
C ALA D 49 -0.35 -4.81 40.72
N ALA D 50 -0.60 -3.56 41.06
CA ALA D 50 -1.34 -3.15 42.27
C ALA D 50 -1.57 -1.65 42.17
N LEU D 51 -2.20 -1.08 43.19
CA LEU D 51 -2.24 0.37 43.42
C LEU D 51 -0.94 0.99 42.95
N GLY D 52 -1.03 1.90 41.99
CA GLY D 52 0.10 2.61 41.37
C GLY D 52 0.32 2.17 39.93
N GLY D 53 -0.04 0.93 39.61
CA GLY D 53 0.05 0.37 38.27
C GLY D 53 1.30 -0.48 38.04
N THR D 54 1.49 -0.85 36.79
CA THR D 54 2.61 -1.69 36.33
C THR D 54 3.90 -0.91 36.47
N CYS D 55 3.86 0.37 36.16
CA CYS D 55 5.02 1.26 36.21
C CYS D 55 5.61 1.29 37.62
N VAL D 56 4.78 1.53 38.63
CA VAL D 56 5.20 1.66 40.05
C VAL D 56 5.65 0.31 40.61
N ASN D 57 4.94 -0.77 40.27
CA ASN D 57 5.06 -2.06 41.00
C ASN D 57 6.08 -2.98 40.29
N VAL D 58 6.01 -3.13 38.97
CA VAL D 58 6.70 -4.19 38.16
C VAL D 58 7.02 -3.61 36.77
N GLY D 59 7.52 -2.39 36.74
CA GLY D 59 7.84 -1.69 35.49
C GLY D 59 8.91 -0.65 35.69
N CYS D 60 8.65 0.54 35.17
CA CYS D 60 9.57 1.67 35.04
C CYS D 60 10.34 1.85 36.36
N VAL D 61 9.67 1.97 37.50
CA VAL D 61 10.31 2.45 38.75
C VAL D 61 11.29 1.39 39.26
N PRO D 62 10.87 0.16 39.62
CA PRO D 62 11.83 -0.85 40.08
C PRO D 62 12.92 -1.21 39.04
N LYS D 63 12.58 -1.30 37.77
CA LYS D 63 13.59 -1.67 36.75
C LYS D 63 14.68 -0.60 36.69
N LYS D 64 14.33 0.68 36.83
CA LYS D 64 15.34 1.74 36.81
C LYS D 64 16.26 1.61 38.03
N LEU D 65 15.72 1.31 39.22
CA LEU D 65 16.54 1.09 40.43
C LEU D 65 17.48 -0.09 40.16
N MET D 66 16.99 -1.13 39.50
CA MET D 66 17.80 -2.34 39.23
C MET D 66 18.84 -2.05 38.14
N VAL D 67 18.52 -1.24 37.14
CA VAL D 67 19.52 -0.87 36.09
C VAL D 67 20.60 0.00 36.74
N THR D 68 20.20 0.94 37.60
CA THR D 68 21.15 1.77 38.37
C THR D 68 22.12 0.85 39.12
N GLY D 69 21.61 -0.16 39.83
CA GLY D 69 22.41 -1.20 40.51
C GLY D 69 23.39 -1.87 39.56
N ALA D 70 22.89 -2.29 38.41
CA ALA D 70 23.69 -2.98 37.39
C ALA D 70 24.79 -2.03 36.90
N GLN D 71 24.50 -0.73 36.74
CA GLN D 71 25.50 0.27 36.24
C GLN D 71 26.77 0.26 37.13
N TYR D 72 26.70 -0.12 38.41
CA TYR D 72 27.89 -0.11 39.31
C TYR D 72 28.95 -1.12 38.83
N MET D 73 28.58 -2.18 38.12
CA MET D 73 29.59 -3.11 37.55
C MET D 73 30.55 -2.31 36.66
N ASP D 74 30.02 -1.47 35.77
CA ASP D 74 30.83 -0.63 34.86
C ASP D 74 31.60 0.41 35.70
N HIS D 75 30.94 1.09 36.63
CA HIS D 75 31.57 2.16 37.45
C HIS D 75 32.78 1.59 38.23
N LEU D 76 32.64 0.45 38.91
CA LEU D 76 33.75 -0.15 39.70
C LEU D 76 34.93 -0.43 38.74
N ARG D 77 34.68 -0.99 37.57
CA ARG D 77 35.73 -1.33 36.59
C ARG D 77 36.34 -0.05 35.99
N GLU D 78 35.50 0.91 35.60
CA GLU D 78 35.94 2.12 34.85
C GLU D 78 36.75 3.04 35.77
N SER D 79 36.55 2.92 37.09
CA SER D 79 37.16 3.81 38.10
C SER D 79 38.70 3.70 38.01
N ALA D 80 39.24 2.54 37.60
CA ALA D 80 40.70 2.21 37.64
C ALA D 80 41.47 3.18 36.75
N GLY D 81 40.96 3.48 35.55
CA GLY D 81 41.59 4.41 34.61
C GLY D 81 41.71 5.81 35.19
N PHE D 82 40.84 6.18 36.15
CA PHE D 82 40.86 7.53 36.77
C PHE D 82 41.61 7.50 38.09
N GLY D 83 42.26 6.36 38.37
CA GLY D 83 43.21 6.24 39.48
C GLY D 83 42.61 5.63 40.73
N TRP D 84 41.40 5.08 40.65
CA TRP D 84 40.82 4.41 41.84
C TRP D 84 41.39 2.99 41.96
N GLU D 85 41.78 2.64 43.17
CA GLU D 85 42.48 1.39 43.51
C GLU D 85 41.70 0.78 44.66
N PHE D 86 41.51 -0.53 44.60
CA PHE D 86 40.84 -1.31 45.66
C PHE D 86 40.99 -2.79 45.34
N ASP D 87 40.63 -3.63 46.31
CA ASP D 87 40.78 -5.10 46.20
C ASP D 87 39.63 -5.60 45.31
N GLY D 88 39.89 -5.69 44.01
CA GLY D 88 38.97 -6.22 42.98
C GLY D 88 38.42 -7.61 43.32
N SER D 89 39.20 -8.42 44.02
CA SER D 89 38.83 -9.80 44.42
C SER D 89 37.77 -9.78 45.53
N SER D 90 37.56 -8.66 46.22
CA SER D 90 36.54 -8.56 47.30
C SER D 90 35.15 -8.21 46.75
N VAL D 91 35.05 -7.85 45.46
CA VAL D 91 33.78 -7.33 44.83
C VAL D 91 32.79 -8.48 44.69
N LYS D 92 31.60 -8.36 45.31
CA LYS D 92 30.44 -9.24 44.96
C LYS D 92 29.16 -8.39 44.91
N ALA D 93 28.30 -8.76 43.98
CA ALA D 93 26.97 -8.20 43.70
C ALA D 93 25.95 -8.98 44.53
N ASN D 94 25.34 -8.33 45.52
CA ASN D 94 24.32 -8.95 46.39
C ASN D 94 22.91 -8.59 45.90
N TRP D 95 22.33 -9.49 45.13
CA TRP D 95 20.97 -9.42 44.55
C TRP D 95 19.92 -9.27 45.65
N LYS D 96 20.06 -10.00 46.76
CA LYS D 96 19.05 -10.06 47.83
C LYS D 96 18.87 -8.65 48.35
N LYS D 97 19.99 -7.95 48.54
CA LYS D 97 20.00 -6.58 49.11
CA LYS D 97 20.00 -6.58 49.11
C LYS D 97 19.34 -5.63 48.11
N LEU D 98 19.70 -5.77 46.83
CA LEU D 98 19.11 -4.94 45.74
C LEU D 98 17.58 -5.08 45.77
N ILE D 99 17.07 -6.32 45.83
CA ILE D 99 15.61 -6.63 45.71
C ILE D 99 14.92 -6.09 46.96
N ALA D 100 15.53 -6.30 48.12
CA ALA D 100 15.03 -5.79 49.41
C ALA D 100 14.90 -4.26 49.37
N ALA D 101 15.87 -3.59 48.74
CA ALA D 101 15.94 -2.12 48.66
C ALA D 101 14.84 -1.68 47.67
N LYS D 102 14.74 -2.36 46.54
CA LYS D 102 13.68 -2.09 45.52
C LYS D 102 12.29 -2.28 46.17
N ASN D 103 12.06 -3.43 46.83
CA ASN D 103 10.75 -3.73 47.47
C ASN D 103 10.34 -2.64 48.46
N GLU D 104 11.27 -2.13 49.28
CA GLU D 104 11.00 -1.05 50.26
C GLU D 104 10.58 0.23 49.52
N ALA D 105 11.31 0.63 48.48
CA ALA D 105 10.99 1.85 47.71
C ALA D 105 9.62 1.71 47.06
N VAL D 106 9.28 0.54 46.52
CA VAL D 106 7.93 0.35 45.88
C VAL D 106 6.85 0.41 46.95
N LEU D 107 7.02 -0.30 48.08
CA LEU D 107 6.01 -0.33 49.19
C LEU D 107 5.72 1.09 49.69
N ASP D 108 6.77 1.88 49.90
CA ASP D 108 6.62 3.31 50.30
C ASP D 108 5.74 4.05 49.26
N ILE D 109 5.87 3.78 47.95
CA ILE D 109 4.99 4.43 46.92
C ILE D 109 3.56 3.88 47.09
N ASN D 110 3.43 2.57 47.28
CA ASN D 110 2.12 1.91 47.53
C ASN D 110 1.40 2.63 48.70
N LYS D 111 2.06 2.72 49.85
CA LYS D 111 1.51 3.31 51.10
C LYS D 111 1.16 4.77 50.88
N SER D 112 1.98 5.47 50.10
CA SER D 112 1.74 6.87 49.70
C SER D 112 0.42 6.99 48.92
N TYR D 113 0.14 6.09 47.99
CA TYR D 113 -1.12 6.16 47.21
C TYR D 113 -2.31 5.89 48.15
N GLU D 114 -2.13 5.02 49.13
CA GLU D 114 -3.22 4.69 50.09
C GLU D 114 -3.55 5.97 50.85
N GLY D 115 -2.52 6.65 51.38
CA GLY D 115 -2.70 7.92 52.12
C GLY D 115 -3.43 8.96 51.30
N MET D 116 -3.15 9.03 50.01
CA MET D 116 -3.80 9.97 49.04
C MET D 116 -5.29 9.66 48.99
N PHE D 117 -5.69 8.38 48.90
CA PHE D 117 -7.12 7.98 48.89
C PHE D 117 -7.74 8.38 50.24
N ASN D 118 -7.08 8.03 51.35
CA ASN D 118 -7.64 8.26 52.70
C ASN D 118 -7.85 9.75 52.93
N ASP D 119 -7.00 10.61 52.38
CA ASP D 119 -6.96 12.07 52.68
C ASP D 119 -7.76 12.88 51.64
N THR D 120 -8.15 12.30 50.48
CA THR D 120 -8.80 13.03 49.36
C THR D 120 -10.31 12.73 49.32
N GLU D 121 -11.10 13.76 49.64
CA GLU D 121 -12.58 13.74 49.60
C GLU D 121 -13.03 13.54 48.15
N GLY D 122 -13.98 12.63 47.95
CA GLY D 122 -14.53 12.31 46.62
C GLY D 122 -13.65 11.34 45.80
N LEU D 123 -12.57 10.78 46.36
CA LEU D 123 -11.71 9.79 45.66
C LEU D 123 -11.61 8.52 46.51
N ASP D 124 -12.22 7.43 46.08
CA ASP D 124 -12.41 6.19 46.88
C ASP D 124 -11.72 5.04 46.14
N PHE D 125 -11.05 4.19 46.89
CA PHE D 125 -10.35 3.02 46.35
C PHE D 125 -11.21 1.81 46.69
N PHE D 126 -11.36 0.89 45.74
CA PHE D 126 -12.03 -0.43 45.93
C PHE D 126 -11.05 -1.54 45.56
N LEU D 127 -10.81 -2.45 46.51
CA LEU D 127 -9.93 -3.61 46.31
C LEU D 127 -10.75 -4.72 45.66
N GLY D 128 -10.31 -5.24 44.54
CA GLY D 128 -10.95 -6.42 43.92
C GLY D 128 -10.87 -6.33 42.42
N TRP D 129 -11.62 -7.20 41.75
CA TRP D 129 -11.66 -7.35 40.28
C TRP D 129 -12.91 -6.64 39.77
N GLY D 130 -12.68 -5.62 38.93
CA GLY D 130 -13.74 -4.82 38.29
C GLY D 130 -14.19 -5.45 36.98
N SER D 131 -15.50 -5.46 36.76
CA SER D 131 -16.09 -5.85 35.46
C SER D 131 -17.38 -5.09 35.24
N LEU D 132 -17.81 -5.07 33.98
CA LEU D 132 -18.97 -4.30 33.50
C LEU D 132 -20.15 -5.24 33.62
N GLU D 133 -21.06 -4.94 34.54
CA GLU D 133 -22.29 -5.72 34.64
C GLU D 133 -23.28 -5.18 33.61
N SER D 134 -23.40 -3.86 33.51
CA SER D 134 -24.19 -3.14 32.46
C SER D 134 -23.58 -1.75 32.25
N LYS D 135 -24.15 -1.00 31.33
CA LYS D 135 -23.60 0.27 30.78
C LYS D 135 -23.16 1.22 31.92
N ASN D 136 -23.82 1.15 33.08
CA ASN D 136 -23.62 2.12 34.18
C ASN D 136 -23.48 1.40 35.52
N VAL D 137 -23.12 0.10 35.49
CA VAL D 137 -22.90 -0.72 36.71
C VAL D 137 -21.53 -1.40 36.57
N VAL D 138 -20.63 -1.07 37.47
CA VAL D 138 -19.37 -1.81 37.66
C VAL D 138 -19.56 -2.67 38.90
N VAL D 139 -19.20 -3.93 38.78
CA VAL D 139 -19.22 -4.93 39.87
C VAL D 139 -17.77 -5.17 40.27
N VAL D 140 -17.48 -5.23 41.56
CA VAL D 140 -16.14 -5.58 42.10
C VAL D 140 -16.26 -6.95 42.75
N ARG D 141 -15.48 -7.91 42.28
CA ARG D 141 -15.58 -9.33 42.70
C ARG D 141 -14.32 -9.72 43.47
N GLU D 142 -14.43 -10.80 44.22
CA GLU D 142 -13.36 -11.36 45.06
C GLU D 142 -12.20 -11.80 44.15
N THR D 143 -12.46 -12.39 42.99
CA THR D 143 -11.40 -12.90 42.07
C THR D 143 -11.74 -12.55 40.62
N ALA D 144 -10.82 -12.85 39.71
CA ALA D 144 -10.97 -12.65 38.25
C ALA D 144 -12.07 -13.59 37.70
N ASP D 145 -12.40 -14.63 38.44
CA ASP D 145 -13.53 -15.55 38.12
C ASP D 145 -14.84 -14.79 38.15
N PRO D 146 -15.58 -14.64 37.02
CA PRO D 146 -16.84 -13.89 37.02
C PRO D 146 -17.95 -14.47 37.91
N LYS D 147 -17.69 -15.59 38.57
CA LYS D 147 -18.67 -16.29 39.45
C LYS D 147 -18.23 -16.15 40.91
N SER D 148 -17.10 -15.48 41.19
CA SER D 148 -16.64 -15.21 42.58
C SER D 148 -17.60 -14.20 43.20
N ALA D 149 -17.66 -14.10 44.53
CA ALA D 149 -18.67 -13.27 45.21
C ALA D 149 -18.50 -11.79 44.82
N VAL D 150 -19.62 -11.10 44.66
CA VAL D 150 -19.69 -9.64 44.44
C VAL D 150 -19.39 -8.94 45.77
N LYS D 151 -18.31 -8.14 45.85
CA LYS D 151 -18.00 -7.32 47.06
C LYS D 151 -18.86 -6.05 47.05
N GLU D 152 -18.96 -5.38 45.91
CA GLU D 152 -19.60 -4.04 45.71
C GLU D 152 -20.15 -3.98 44.29
N ARG D 153 -21.36 -3.46 44.15
CA ARG D 153 -22.00 -3.07 42.88
C ARG D 153 -22.00 -1.55 42.91
N LEU D 154 -21.29 -0.90 41.98
CA LEU D 154 -21.07 0.56 41.90
C LEU D 154 -21.90 1.11 40.74
N GLN D 155 -22.74 2.09 41.05
CA GLN D 155 -23.46 2.93 40.09
C GLN D 155 -22.45 3.92 39.54
N ALA D 156 -22.31 3.96 38.23
CA ALA D 156 -21.34 4.84 37.55
C ALA D 156 -22.03 5.62 36.43
N ASP D 157 -21.89 6.93 36.41
CA ASP D 157 -22.30 7.75 35.23
C ASP D 157 -21.36 7.47 34.06
N HIS D 158 -20.06 7.41 34.35
CA HIS D 158 -18.97 7.21 33.36
C HIS D 158 -18.03 6.11 33.87
N ILE D 159 -17.50 5.31 32.94
CA ILE D 159 -16.62 4.17 33.23
C ILE D 159 -15.35 4.34 32.40
N LEU D 160 -14.21 4.35 33.06
CA LEU D 160 -12.87 4.43 32.43
C LEU D 160 -12.23 3.05 32.55
N LEU D 161 -11.95 2.41 31.41
CA LEU D 161 -11.19 1.14 31.37
C LEU D 161 -9.69 1.49 31.30
N ALA D 162 -8.96 1.14 32.35
CA ALA D 162 -7.53 1.46 32.49
C ALA D 162 -6.81 0.26 33.12
N THR D 163 -7.07 -0.97 32.66
CA THR D 163 -6.49 -2.21 33.25
C THR D 163 -5.10 -2.58 32.70
N GLY D 164 -4.56 -1.81 31.77
CA GLY D 164 -3.18 -2.01 31.29
C GLY D 164 -3.02 -3.23 30.41
N SER D 165 -1.83 -3.82 30.43
CA SER D 165 -1.42 -4.97 29.60
C SER D 165 -0.87 -6.09 30.50
N TRP D 166 -0.50 -7.22 29.91
CA TRP D 166 0.01 -8.39 30.65
C TRP D 166 1.02 -9.10 29.75
N PRO D 167 2.07 -9.76 30.29
CA PRO D 167 3.04 -10.46 29.45
C PRO D 167 2.37 -11.53 28.56
N GLN D 168 2.70 -11.51 27.28
CA GLN D 168 2.26 -12.50 26.27
C GLN D 168 3.14 -13.75 26.39
N MET D 169 2.54 -14.90 26.63
CA MET D 169 3.23 -16.18 26.87
C MET D 169 2.91 -17.10 25.70
N PRO D 170 3.89 -17.39 24.80
CA PRO D 170 3.62 -18.19 23.61
C PRO D 170 3.15 -19.60 23.98
N ALA D 171 2.18 -20.14 23.23
CA ALA D 171 1.63 -21.50 23.42
C ALA D 171 2.63 -22.52 22.87
N ILE D 172 3.68 -22.80 23.63
CA ILE D 172 4.67 -23.87 23.34
C ILE D 172 4.61 -24.87 24.48
N PRO D 173 5.00 -26.14 24.21
CA PRO D 173 5.20 -27.13 25.27
C PRO D 173 6.25 -26.63 26.27
N GLY D 174 5.92 -26.66 27.56
CA GLY D 174 6.83 -26.28 28.66
C GLY D 174 6.77 -24.80 29.01
N ILE D 175 5.79 -24.06 28.50
CA ILE D 175 5.62 -22.61 28.82
C ILE D 175 5.48 -22.45 30.34
N GLU D 176 4.88 -23.43 31.03
CA GLU D 176 4.68 -23.39 32.50
C GLU D 176 6.05 -23.40 33.23
N HIS D 177 7.15 -23.70 32.53
CA HIS D 177 8.53 -23.72 33.08
C HIS D 177 9.21 -22.34 32.91
N CYS D 178 8.52 -21.39 32.28
CA CYS D 178 9.03 -20.04 31.97
C CYS D 178 8.41 -18.99 32.88
N ILE D 179 9.04 -17.81 32.95
CA ILE D 179 8.54 -16.67 33.76
C ILE D 179 8.37 -15.47 32.83
N SER D 180 7.82 -14.38 33.36
CA SER D 180 7.74 -13.06 32.69
C SER D 180 8.55 -12.06 33.49
N SER D 181 8.63 -10.84 33.02
CA SER D 181 9.24 -9.72 33.77
C SER D 181 8.67 -9.71 35.20
N ASN D 182 7.38 -10.02 35.38
CA ASN D 182 6.67 -10.05 36.68
C ASN D 182 7.43 -10.85 37.74
N GLU D 183 7.78 -12.11 37.46
CA GLU D 183 8.47 -13.00 38.44
C GLU D 183 9.95 -12.57 38.57
N ALA D 184 10.53 -12.02 37.52
CA ALA D 184 11.96 -11.62 37.53
C ALA D 184 12.25 -10.67 38.70
N PHE D 185 11.28 -9.83 39.05
CA PHE D 185 11.42 -8.78 40.09
C PHE D 185 11.48 -9.43 41.48
N TYR D 186 11.16 -10.72 41.62
CA TYR D 186 11.01 -11.40 42.94
C TYR D 186 11.88 -12.67 43.04
N LEU D 187 12.71 -12.97 42.04
CA LEU D 187 13.63 -14.14 42.14
C LEU D 187 14.37 -14.05 43.48
N PRO D 188 14.38 -15.13 44.29
CA PRO D 188 15.12 -15.12 45.55
C PRO D 188 16.64 -15.05 45.32
N GLU D 189 17.10 -15.56 44.19
CA GLU D 189 18.54 -15.69 43.85
CA GLU D 189 18.55 -15.62 43.86
C GLU D 189 18.75 -15.19 42.42
N PRO D 190 19.86 -14.48 42.13
CA PRO D 190 20.14 -14.08 40.76
C PRO D 190 20.44 -15.37 39.99
N PRO D 191 19.84 -15.63 38.81
CA PRO D 191 20.09 -16.89 38.10
C PRO D 191 21.51 -16.94 37.54
N ARG D 192 22.16 -18.10 37.61
CA ARG D 192 23.52 -18.36 37.05
C ARG D 192 23.42 -18.22 35.52
N ARG D 193 22.46 -18.91 34.92
CA ARG D 193 22.20 -18.88 33.47
C ARG D 193 20.74 -18.44 33.26
N VAL D 194 20.55 -17.46 32.40
CA VAL D 194 19.20 -16.94 32.06
C VAL D 194 19.15 -16.76 30.55
N LEU D 195 18.02 -17.16 29.95
CA LEU D 195 17.57 -16.76 28.60
C LEU D 195 16.46 -15.69 28.72
N THR D 196 16.68 -14.48 28.18
CA THR D 196 15.61 -13.47 27.97
C THR D 196 15.15 -13.64 26.53
N VAL D 197 13.88 -13.99 26.33
CA VAL D 197 13.26 -14.22 25.00
C VAL D 197 12.56 -12.93 24.53
N GLY D 198 13.09 -12.31 23.48
CA GLY D 198 12.58 -11.08 22.90
C GLY D 198 13.69 -10.13 22.55
N GLY D 199 13.42 -9.26 21.58
CA GLY D 199 14.34 -8.22 21.11
C GLY D 199 13.92 -6.81 21.55
N GLY D 200 12.88 -6.68 22.39
CA GLY D 200 12.32 -5.37 22.78
C GLY D 200 12.99 -4.82 24.03
N PHE D 201 12.58 -3.64 24.52
CA PHE D 201 13.30 -2.93 25.61
C PHE D 201 13.34 -3.80 26.87
N ILE D 202 12.27 -4.53 27.19
CA ILE D 202 12.20 -5.30 28.47
C ILE D 202 13.28 -6.40 28.48
N SER D 203 13.35 -7.22 27.43
CA SER D 203 14.41 -8.25 27.22
C SER D 203 15.81 -7.64 27.40
N VAL D 204 16.05 -6.56 26.67
CA VAL D 204 17.36 -5.86 26.60
C VAL D 204 17.72 -5.32 27.98
N GLU D 205 16.77 -4.70 28.70
CA GLU D 205 17.08 -4.08 30.02
C GLU D 205 17.38 -5.19 31.03
N PHE D 206 16.59 -6.26 31.03
CA PHE D 206 16.74 -7.36 32.00
C PHE D 206 18.05 -8.10 31.70
N ALA D 207 18.42 -8.23 30.42
CA ALA D 207 19.70 -8.86 30.03
C ALA D 207 20.84 -8.13 30.76
N GLY D 208 20.87 -6.80 30.71
CA GLY D 208 21.88 -5.98 31.42
C GLY D 208 21.82 -6.16 32.94
N ILE D 209 20.64 -6.27 33.51
CA ILE D 209 20.45 -6.40 34.99
C ILE D 209 21.01 -7.76 35.40
N PHE D 210 20.54 -8.85 34.77
CA PHE D 210 20.96 -10.23 35.09
C PHE D 210 22.48 -10.35 34.92
N ASN D 211 23.04 -9.65 33.92
CA ASN D 211 24.49 -9.71 33.61
C ASN D 211 25.31 -9.16 34.79
N ALA D 212 24.90 -8.04 35.38
CA ALA D 212 25.66 -7.42 36.49
C ALA D 212 25.60 -8.26 37.76
N TYR D 213 24.49 -8.94 38.03
CA TYR D 213 24.23 -9.59 39.34
C TYR D 213 24.44 -11.11 39.28
N LYS D 214 24.80 -11.64 38.12
CA LYS D 214 24.91 -13.11 37.93
C LYS D 214 26.02 -13.66 38.83
N PRO D 215 25.89 -14.86 39.42
CA PRO D 215 26.96 -15.44 40.23
C PRO D 215 28.14 -15.78 39.31
N PRO D 216 29.31 -16.20 39.85
CA PRO D 216 30.50 -16.40 39.04
C PRO D 216 30.36 -17.57 38.05
N GLY D 217 31.04 -17.43 36.90
CA GLY D 217 30.91 -18.28 35.69
C GLY D 217 29.48 -18.33 35.18
N GLY D 218 28.71 -17.26 35.40
CA GLY D 218 27.32 -17.16 34.94
C GLY D 218 27.30 -16.68 33.50
N LYS D 219 26.16 -16.84 32.82
CA LYS D 219 26.00 -16.47 31.41
C LYS D 219 24.56 -15.99 31.17
N VAL D 220 24.43 -14.80 30.60
CA VAL D 220 23.14 -14.22 30.12
C VAL D 220 23.05 -14.40 28.61
N THR D 221 21.99 -15.04 28.14
CA THR D 221 21.65 -15.16 26.69
C THR D 221 20.32 -14.42 26.41
N LEU D 222 20.30 -13.60 25.36
CA LEU D 222 19.05 -13.00 24.81
C LEU D 222 18.82 -13.60 23.42
N CYS D 223 17.61 -14.05 23.10
CA CYS D 223 17.26 -14.53 21.75
C CYS D 223 16.14 -13.67 21.15
N TYR D 224 16.17 -13.48 19.84
CA TYR D 224 15.12 -12.75 19.08
C TYR D 224 14.86 -13.49 17.78
N ARG D 225 13.60 -13.60 17.39
CA ARG D 225 13.18 -14.45 16.24
C ARG D 225 13.60 -13.81 14.91
N ASN D 226 14.02 -12.54 14.87
CA ASN D 226 14.44 -11.86 13.61
C ASN D 226 15.92 -11.49 13.68
N ASN D 227 16.38 -10.71 12.71
CA ASN D 227 17.84 -10.53 12.43
CA ASN D 227 17.82 -10.46 12.38
C ASN D 227 18.48 -9.54 13.42
N LEU D 228 17.71 -8.61 13.97
CA LEU D 228 18.27 -7.41 14.66
C LEU D 228 17.35 -6.96 15.80
N ILE D 229 17.84 -6.92 17.03
CA ILE D 229 17.02 -6.55 18.22
C ILE D 229 16.47 -5.12 18.03
N LEU D 230 15.48 -4.76 18.84
CA LEU D 230 14.92 -3.40 19.06
C LEU D 230 14.31 -2.80 17.79
N ARG D 231 13.43 -3.52 17.11
CA ARG D 231 12.73 -2.93 15.93
CA ARG D 231 12.62 -3.00 15.96
C ARG D 231 11.89 -1.73 16.43
N GLY D 232 11.81 -0.70 15.58
CA GLY D 232 11.17 0.60 15.87
C GLY D 232 12.18 1.66 16.21
N PHE D 233 13.40 1.24 16.56
CA PHE D 233 14.53 2.12 16.94
C PHE D 233 15.41 2.33 15.71
N ASP D 234 16.21 3.39 15.75
CA ASP D 234 17.19 3.75 14.70
C ASP D 234 18.13 2.57 14.42
N GLU D 235 18.38 2.28 13.13
CA GLU D 235 19.16 1.11 12.67
C GLU D 235 20.60 1.22 13.19
N THR D 236 21.26 2.36 13.05
CA THR D 236 22.64 2.53 13.61
C THR D 236 22.62 2.12 15.10
N ILE D 237 21.61 2.56 15.86
CA ILE D 237 21.55 2.34 17.32
C ILE D 237 21.31 0.86 17.62
N ARG D 238 20.37 0.22 16.92
CA ARG D 238 20.08 -1.23 17.09
C ARG D 238 21.37 -2.05 16.92
N GLU D 239 22.20 -1.67 15.95
CA GLU D 239 23.47 -2.40 15.64
C GLU D 239 24.50 -2.04 16.69
N GLU D 240 24.62 -0.78 17.10
CA GLU D 240 25.59 -0.42 18.17
C GLU D 240 25.19 -1.08 19.51
N VAL D 241 23.90 -1.10 19.87
CA VAL D 241 23.49 -1.68 21.18
CA VAL D 241 23.48 -1.69 21.17
C VAL D 241 23.80 -3.19 21.16
N THR D 242 23.52 -3.87 20.05
CA THR D 242 23.89 -5.30 19.87
C THR D 242 25.40 -5.50 20.19
N LYS D 243 26.27 -4.66 19.63
CA LYS D 243 27.75 -4.79 19.83
C LYS D 243 28.12 -4.44 21.27
N GLN D 244 27.43 -3.47 21.89
CA GLN D 244 27.76 -3.06 23.28
C GLN D 244 27.28 -4.12 24.28
N LEU D 245 26.17 -4.81 24.01
CA LEU D 245 25.74 -5.94 24.87
C LEU D 245 26.76 -7.08 24.74
N THR D 246 27.20 -7.38 23.51
CA THR D 246 28.20 -8.46 23.25
C THR D 246 29.49 -8.09 23.99
N ALA D 247 30.02 -6.89 23.78
CA ALA D 247 31.26 -6.44 24.44
C ALA D 247 31.13 -6.61 25.96
N ASN D 248 29.93 -6.49 26.54
CA ASN D 248 29.74 -6.63 28.02
C ASN D 248 29.45 -8.10 28.38
N GLY D 249 29.54 -9.03 27.42
CA GLY D 249 29.57 -10.48 27.68
C GLY D 249 28.20 -11.14 27.61
N ILE D 250 27.22 -10.49 26.98
CA ILE D 250 25.87 -11.08 26.83
C ILE D 250 25.86 -11.83 25.49
N GLU D 251 25.30 -13.02 25.42
CA GLU D 251 25.23 -13.75 24.13
C GLU D 251 23.93 -13.38 23.41
N ILE D 252 24.04 -12.79 22.21
CA ILE D 252 22.87 -12.42 21.35
C ILE D 252 22.59 -13.55 20.33
N MET D 253 21.47 -14.27 20.47
CA MET D 253 21.02 -15.28 19.48
C MET D 253 19.89 -14.70 18.62
N THR D 254 20.23 -14.02 17.53
CA THR D 254 19.28 -13.52 16.51
C THR D 254 18.82 -14.70 15.64
N ASN D 255 17.66 -14.56 15.00
CA ASN D 255 17.02 -15.58 14.10
C ASN D 255 16.77 -16.89 14.87
N GLU D 256 16.38 -16.81 16.15
CA GLU D 256 16.18 -17.99 17.03
C GLU D 256 14.95 -17.77 17.90
N ASN D 257 14.17 -18.82 18.11
CA ASN D 257 12.87 -18.75 18.83
C ASN D 257 12.61 -20.08 19.53
N PRO D 258 12.40 -20.09 20.87
CA PRO D 258 12.08 -21.33 21.58
C PRO D 258 10.86 -22.04 20.96
N ALA D 259 10.98 -23.34 20.67
CA ALA D 259 9.89 -24.25 20.25
C ALA D 259 9.35 -25.07 21.44
N LYS D 260 10.15 -25.33 22.46
CA LYS D 260 9.67 -26.05 23.68
C LYS D 260 10.70 -25.91 24.80
N VAL D 261 10.27 -26.15 26.03
CA VAL D 261 11.14 -26.12 27.23
C VAL D 261 10.76 -27.34 28.06
N SER D 262 11.74 -28.07 28.59
CA SER D 262 11.54 -29.22 29.51
C SER D 262 12.35 -29.01 30.79
N LEU D 263 11.93 -29.65 31.88
CA LEU D 263 12.66 -29.65 33.18
C LEU D 263 13.72 -30.75 33.13
N ASN D 264 14.99 -30.39 33.20
CA ASN D 264 16.10 -31.32 33.49
C ASN D 264 15.88 -31.92 34.89
N THR D 265 16.54 -33.04 35.18
CA THR D 265 16.44 -33.76 36.48
C THR D 265 17.00 -32.88 37.62
N ASP D 266 17.90 -31.93 37.33
CA ASP D 266 18.44 -30.99 38.35
C ASP D 266 17.57 -29.73 38.50
N GLY D 267 16.42 -29.63 37.82
CA GLY D 267 15.48 -28.49 37.97
C GLY D 267 15.80 -27.34 37.05
N SER D 268 16.95 -27.37 36.35
CA SER D 268 17.27 -26.39 35.28
C SER D 268 16.31 -26.62 34.09
N LYS D 269 16.36 -25.76 33.08
CA LYS D 269 15.41 -25.79 31.95
C LYS D 269 16.22 -26.08 30.70
N HIS D 270 15.71 -26.99 29.86
CA HIS D 270 16.30 -27.40 28.57
C HIS D 270 15.43 -26.75 27.49
N VAL D 271 15.99 -25.78 26.77
CA VAL D 271 15.27 -25.02 25.72
C VAL D 271 15.69 -25.60 24.37
N THR D 272 14.71 -25.98 23.57
CA THR D 272 14.91 -26.38 22.16
C THR D 272 14.37 -25.24 21.29
N PHE D 273 15.20 -24.68 20.40
CA PHE D 273 14.78 -23.63 19.43
C PHE D 273 14.16 -24.30 18.19
N GLU D 274 13.44 -23.53 17.37
CA GLU D 274 12.75 -24.02 16.15
C GLU D 274 13.80 -24.64 15.23
N SER D 275 15.01 -24.07 15.26
CA SER D 275 16.15 -24.40 14.36
C SER D 275 16.80 -25.74 14.74
N GLY D 276 16.44 -26.29 15.90
CA GLY D 276 17.06 -27.52 16.44
C GLY D 276 18.10 -27.25 17.52
N LYS D 277 18.67 -26.04 17.55
CA LYS D 277 19.68 -25.65 18.59
C LYS D 277 19.05 -25.80 19.98
N THR D 278 19.87 -25.99 20.99
CA THR D 278 19.41 -26.25 22.37
C THR D 278 20.28 -25.39 23.31
N LEU D 279 19.80 -25.18 24.54
CA LEU D 279 20.45 -24.34 25.57
C LEU D 279 19.83 -24.69 26.92
N ASP D 280 20.67 -24.81 27.95
CA ASP D 280 20.27 -25.14 29.33
C ASP D 280 20.44 -23.85 30.12
N VAL D 281 19.44 -23.49 30.93
CA VAL D 281 19.41 -22.23 31.72
C VAL D 281 18.69 -22.53 33.03
N ASP D 282 18.91 -21.66 34.00
CA ASP D 282 18.21 -21.71 35.31
C ASP D 282 16.89 -20.97 35.18
N VAL D 283 16.80 -20.00 34.27
CA VAL D 283 15.58 -19.16 34.14
C VAL D 283 15.34 -18.87 32.66
N VAL D 284 14.09 -19.07 32.23
CA VAL D 284 13.63 -18.62 30.91
C VAL D 284 12.67 -17.46 31.14
N MET D 285 13.06 -16.24 30.82
CA MET D 285 12.15 -15.06 30.95
C MET D 285 11.57 -14.71 29.58
N MET D 286 10.27 -14.95 29.41
CA MET D 286 9.58 -14.55 28.15
C MET D 286 9.27 -13.05 28.22
N ALA D 287 9.83 -12.29 27.29
CA ALA D 287 9.58 -10.85 27.09
C ALA D 287 9.26 -10.58 25.62
N ILE D 288 8.35 -11.35 25.01
CA ILE D 288 8.11 -11.29 23.53
C ILE D 288 7.06 -10.23 23.22
N GLY D 289 6.25 -9.85 24.20
CA GLY D 289 5.30 -8.74 24.04
C GLY D 289 4.41 -8.60 25.27
N ARG D 290 3.53 -7.61 25.23
CA ARG D 290 2.50 -7.38 26.25
C ARG D 290 1.17 -7.17 25.52
N ILE D 291 0.11 -7.82 25.99
CA ILE D 291 -1.24 -7.83 25.35
C ILE D 291 -2.25 -7.14 26.25
N PRO D 292 -3.28 -6.47 25.67
CA PRO D 292 -4.24 -5.70 26.44
C PRO D 292 -4.95 -6.64 27.43
N ARG D 293 -5.26 -6.14 28.62
CA ARG D 293 -5.83 -6.97 29.69
C ARG D 293 -7.35 -6.77 29.65
N THR D 294 -8.03 -7.49 28.78
CA THR D 294 -9.47 -7.28 28.47
C THR D 294 -10.35 -8.44 28.94
N ASN D 295 -9.79 -9.61 29.29
CA ASN D 295 -10.55 -10.88 29.49
C ASN D 295 -11.44 -10.79 30.73
N ASP D 296 -11.00 -10.13 31.81
CA ASP D 296 -11.69 -10.18 33.12
C ASP D 296 -12.77 -9.09 33.19
N LEU D 297 -12.84 -8.17 32.23
CA LEU D 297 -13.74 -6.97 32.27
C LEU D 297 -15.15 -7.33 31.80
N GLN D 298 -15.32 -8.47 31.14
CA GLN D 298 -16.63 -9.03 30.68
C GLN D 298 -17.24 -7.98 29.75
N LEU D 299 -16.48 -7.51 28.78
CA LEU D 299 -16.92 -6.39 27.90
C LEU D 299 -18.13 -6.87 27.07
N GLY D 300 -18.30 -8.19 26.93
CA GLY D 300 -19.45 -8.81 26.27
C GLY D 300 -20.76 -8.31 26.85
N ASN D 301 -20.82 -8.08 28.16
CA ASN D 301 -22.04 -7.62 28.88
C ASN D 301 -22.58 -6.31 28.28
N VAL D 302 -21.76 -5.46 27.66
CA VAL D 302 -22.17 -4.11 27.19
C VAL D 302 -21.75 -3.89 25.72
N GLY D 303 -21.06 -4.85 25.10
CA GLY D 303 -20.73 -4.83 23.67
C GLY D 303 -19.63 -3.84 23.34
N VAL D 304 -18.63 -3.69 24.22
CA VAL D 304 -17.46 -2.82 23.93
C VAL D 304 -16.60 -3.54 22.89
N LYS D 305 -16.29 -2.88 21.77
CA LYS D 305 -15.65 -3.50 20.59
C LYS D 305 -14.14 -3.50 20.81
N LEU D 306 -13.53 -4.64 20.55
CA LEU D 306 -12.05 -4.81 20.45
C LEU D 306 -11.60 -4.62 18.99
N THR D 307 -10.37 -4.15 18.78
CA THR D 307 -9.61 -4.28 17.50
C THR D 307 -9.33 -5.76 17.26
N PRO D 308 -8.96 -6.16 16.02
CA PRO D 308 -8.55 -7.56 15.76
C PRO D 308 -7.44 -8.03 16.72
N LYS D 309 -6.51 -7.12 17.08
CA LYS D 309 -5.32 -7.39 17.95
C LYS D 309 -5.73 -7.57 19.43
N GLY D 310 -6.93 -7.15 19.83
CA GLY D 310 -7.49 -7.39 21.18
C GLY D 310 -7.48 -6.14 22.06
N GLY D 311 -7.05 -5.00 21.55
CA GLY D 311 -7.13 -3.70 22.25
C GLY D 311 -8.55 -3.16 22.24
N VAL D 312 -8.93 -2.40 23.26
CA VAL D 312 -10.23 -1.70 23.22
C VAL D 312 -10.12 -0.63 22.13
N GLN D 313 -11.00 -0.70 21.12
CA GLN D 313 -11.04 0.32 20.03
C GLN D 313 -11.50 1.65 20.63
N VAL D 314 -10.80 2.74 20.33
CA VAL D 314 -11.18 4.10 20.81
C VAL D 314 -11.01 5.09 19.68
N ASP D 315 -11.76 6.19 19.73
CA ASP D 315 -11.55 7.38 18.87
C ASP D 315 -10.41 8.19 19.50
N GLU D 316 -10.10 9.34 18.93
CA GLU D 316 -8.96 10.21 19.32
C GLU D 316 -9.22 10.78 20.72
N PHE D 317 -10.45 10.71 21.19
CA PHE D 317 -10.84 11.24 22.53
C PHE D 317 -11.00 10.10 23.51
N SER D 318 -10.52 8.89 23.17
CA SER D 318 -10.49 7.71 24.07
C SER D 318 -11.91 7.18 24.32
N ARG D 319 -12.84 7.45 23.39
CA ARG D 319 -14.23 6.92 23.43
C ARG D 319 -14.33 5.54 22.78
N THR D 320 -14.97 4.59 23.48
CA THR D 320 -15.42 3.29 22.93
C THR D 320 -16.69 3.53 22.09
N ASN D 321 -17.23 2.48 21.48
CA ASN D 321 -18.53 2.53 20.76
C ASN D 321 -19.70 2.75 21.74
N VAL D 322 -19.50 2.51 23.04
CA VAL D 322 -20.57 2.60 24.09
C VAL D 322 -20.46 3.96 24.78
N PRO D 323 -21.54 4.76 24.78
CA PRO D 323 -21.49 6.09 25.39
C PRO D 323 -21.20 5.99 26.90
N ASN D 324 -20.37 6.93 27.35
CA ASN D 324 -19.92 7.04 28.76
C ASN D 324 -18.93 5.92 29.13
N ILE D 325 -18.41 5.16 28.17
CA ILE D 325 -17.33 4.16 28.44
C ILE D 325 -16.10 4.55 27.63
N TYR D 326 -15.02 4.85 28.33
CA TYR D 326 -13.70 5.29 27.79
C TYR D 326 -12.62 4.24 28.07
N ALA D 327 -11.53 4.30 27.32
CA ALA D 327 -10.37 3.39 27.46
C ALA D 327 -9.10 4.19 27.17
N ILE D 328 -8.15 4.13 28.11
CA ILE D 328 -6.80 4.76 28.01
C ILE D 328 -5.70 3.76 28.39
N GLY D 329 -4.46 4.11 28.01
CA GLY D 329 -3.23 3.38 28.35
C GLY D 329 -3.05 2.11 27.55
N ASP D 330 -2.36 1.14 28.13
CA ASP D 330 -1.92 -0.07 27.40
C ASP D 330 -3.12 -0.89 26.89
N ILE D 331 -4.31 -0.75 27.48
CA ILE D 331 -5.48 -1.56 27.04
C ILE D 331 -5.88 -1.16 25.62
N THR D 332 -5.50 0.03 25.14
CA THR D 332 -5.79 0.47 23.75
C THR D 332 -4.76 -0.06 22.75
N ASP D 333 -3.67 -0.71 23.20
CA ASP D 333 -2.69 -1.45 22.35
C ASP D 333 -2.05 -0.53 21.30
N ARG D 334 -1.66 0.66 21.71
CA ARG D 334 -1.05 1.71 20.88
C ARG D 334 0.42 1.89 21.33
N LEU D 335 0.77 3.06 21.85
CA LEU D 335 2.01 3.38 22.61
C LEU D 335 1.87 2.93 24.05
N MET D 336 2.67 1.94 24.43
CA MET D 336 2.67 1.39 25.80
C MET D 336 3.77 2.12 26.58
N LEU D 337 3.49 3.36 26.99
CA LEU D 337 4.39 4.18 27.82
C LEU D 337 3.58 4.85 28.91
N THR D 338 4.18 4.96 30.09
CA THR D 338 3.52 5.54 31.30
C THR D 338 3.07 6.97 30.99
N PRO D 339 3.91 7.86 30.44
CA PRO D 339 3.49 9.26 30.26
C PRO D 339 2.43 9.46 29.16
N VAL D 340 2.26 8.49 28.26
CA VAL D 340 1.15 8.52 27.27
C VAL D 340 -0.16 8.15 27.99
N ALA D 341 -0.16 7.15 28.86
CA ALA D 341 -1.34 6.74 29.64
C ALA D 341 -1.79 7.93 30.48
N ILE D 342 -0.82 8.61 31.10
CA ILE D 342 -1.07 9.78 31.98
C ILE D 342 -1.69 10.88 31.16
N ASN D 343 -1.09 11.18 30.00
CA ASN D 343 -1.54 12.28 29.12
C ASN D 343 -2.95 11.96 28.61
N GLU D 344 -3.20 10.72 28.19
CA GLU D 344 -4.54 10.28 27.73
C GLU D 344 -5.56 10.48 28.87
N GLY D 345 -5.20 10.09 30.10
CA GLY D 345 -6.06 10.17 31.30
C GLY D 345 -6.44 11.61 31.62
N ALA D 346 -5.48 12.51 31.61
CA ALA D 346 -5.71 13.94 31.86
C ALA D 346 -6.52 14.56 30.71
N ALA D 347 -6.28 14.15 29.47
CA ALA D 347 -7.02 14.64 28.28
C ALA D 347 -8.48 14.18 28.37
N LEU D 348 -8.71 12.93 28.74
CA LEU D 348 -10.10 12.40 28.81
C LEU D 348 -10.88 13.17 29.87
N VAL D 349 -10.29 13.40 31.04
CA VAL D 349 -10.99 14.08 32.18
C VAL D 349 -11.22 15.55 31.82
N ASP D 350 -10.26 16.19 31.12
CA ASP D 350 -10.42 17.59 30.64
C ASP D 350 -11.60 17.66 29.66
N THR D 351 -11.80 16.61 28.86
CA THR D 351 -12.82 16.54 27.79
C THR D 351 -14.20 16.32 28.43
N VAL D 352 -14.33 15.29 29.26
CA VAL D 352 -15.60 14.77 29.82
C VAL D 352 -16.10 15.67 30.97
N PHE D 353 -15.22 16.15 31.86
CA PHE D 353 -15.55 16.84 33.14
C PHE D 353 -15.01 18.28 33.19
N GLY D 354 -14.01 18.59 32.37
CA GLY D 354 -13.53 19.96 32.17
C GLY D 354 -14.30 20.58 31.03
N ASN D 355 -13.92 21.76 30.59
CA ASN D 355 -14.65 22.41 29.48
C ASN D 355 -13.59 22.74 28.42
N LYS D 356 -12.52 21.91 28.42
CA LYS D 356 -11.37 21.97 27.49
C LYS D 356 -11.28 20.64 26.75
N PRO D 357 -12.17 20.38 25.75
CA PRO D 357 -11.98 19.22 24.86
C PRO D 357 -10.51 19.17 24.39
N ARG D 358 -9.95 17.95 24.32
CA ARG D 358 -8.49 17.72 24.15
C ARG D 358 -8.23 16.26 23.79
N LYS D 359 -7.34 16.06 22.83
CA LYS D 359 -6.89 14.72 22.42
C LYS D 359 -5.37 14.63 22.60
N THR D 360 -4.91 13.45 22.97
CA THR D 360 -3.47 13.14 23.10
C THR D 360 -2.85 13.14 21.70
N ASP D 361 -1.69 13.79 21.58
CA ASP D 361 -0.81 13.73 20.39
C ASP D 361 0.15 12.56 20.59
N HIS D 362 0.01 11.52 19.76
CA HIS D 362 0.76 10.26 19.84
C HIS D 362 2.03 10.33 18.98
N THR D 363 2.29 11.46 18.32
CA THR D 363 3.51 11.72 17.52
C THR D 363 4.53 12.46 18.41
N ARG D 364 5.79 12.34 18.02
CA ARG D 364 6.93 13.07 18.61
C ARG D 364 6.98 12.83 20.12
N VAL D 365 6.62 11.62 20.59
CA VAL D 365 6.76 11.22 22.02
C VAL D 365 8.20 10.75 22.28
N ALA D 366 8.87 11.38 23.24
CA ALA D 366 10.20 10.99 23.70
C ALA D 366 10.07 9.69 24.50
N SER D 367 11.03 8.77 24.30
CA SER D 367 11.11 7.52 25.07
C SER D 367 12.57 7.11 25.24
N ALA D 368 12.82 6.17 26.13
CA ALA D 368 14.16 5.69 26.49
C ALA D 368 14.17 4.18 26.63
N VAL D 369 15.35 3.62 26.46
CA VAL D 369 15.66 2.21 26.81
C VAL D 369 16.85 2.28 27.76
N PHE D 370 16.73 1.65 28.94
CA PHE D 370 17.80 1.65 29.96
C PHE D 370 18.74 0.45 29.75
N SER D 371 19.20 0.31 28.51
CA SER D 371 20.44 -0.43 28.13
C SER D 371 21.63 0.27 28.81
N ILE D 372 22.79 -0.39 28.89
CA ILE D 372 24.04 0.28 29.36
C ILE D 372 25.03 0.28 28.20
N PRO D 373 25.31 1.42 27.55
CA PRO D 373 24.69 2.71 27.86
C PRO D 373 23.27 2.81 27.27
N PRO D 374 22.46 3.79 27.71
CA PRO D 374 21.05 3.88 27.32
C PRO D 374 20.74 4.57 25.99
N ILE D 375 19.51 4.39 25.50
CA ILE D 375 18.97 5.01 24.27
C ILE D 375 17.98 6.09 24.70
N GLY D 376 18.01 7.23 24.03
CA GLY D 376 16.97 8.27 24.12
C GLY D 376 16.49 8.59 22.73
N THR D 377 15.19 8.62 22.49
CA THR D 377 14.66 8.83 21.13
C THR D 377 13.38 9.68 21.15
N CYS D 378 13.18 10.47 20.10
CA CYS D 378 11.93 11.20 19.87
C CYS D 378 11.70 11.33 18.36
N GLY D 379 10.48 11.02 17.92
CA GLY D 379 10.04 11.18 16.53
C GLY D 379 10.43 10.02 15.63
N LEU D 380 10.64 10.33 14.35
CA LEU D 380 10.65 9.34 13.24
C LEU D 380 12.07 8.83 13.04
N ILE D 381 12.22 7.51 12.86
CA ILE D 381 13.45 6.91 12.31
C ILE D 381 13.44 7.17 10.80
N GLU D 382 14.62 7.20 10.16
CA GLU D 382 14.82 7.68 8.77
C GLU D 382 14.02 6.82 7.78
N GLU D 383 14.02 5.48 7.90
CA GLU D 383 13.28 4.65 6.91
C GLU D 383 11.79 5.01 6.95
N VAL D 384 11.20 5.36 8.11
CA VAL D 384 9.77 5.82 8.15
C VAL D 384 9.67 7.22 7.50
N ALA D 385 10.56 8.15 7.85
CA ALA D 385 10.53 9.53 7.32
C ALA D 385 10.59 9.50 5.79
N ALA D 386 11.39 8.59 5.23
CA ALA D 386 11.64 8.42 3.79
C ALA D 386 10.31 8.15 3.06
N LYS D 387 9.39 7.40 3.67
CA LYS D 387 8.09 7.01 3.07
C LYS D 387 7.07 8.16 3.12
N GLU D 388 7.28 9.18 3.96
CA GLU D 388 6.24 10.22 4.22
C GLU D 388 6.74 11.60 3.75
N PHE D 389 7.96 11.68 3.19
CA PHE D 389 8.62 12.93 2.73
C PHE D 389 9.53 12.65 1.53
N GLU D 390 9.47 13.52 0.52
CA GLU D 390 10.23 13.40 -0.76
C GLU D 390 11.72 13.55 -0.47
N LYS D 391 12.10 14.50 0.38
CA LYS D 391 13.52 14.82 0.69
C LYS D 391 13.72 14.82 2.21
N VAL D 392 14.47 13.81 2.70
CA VAL D 392 14.89 13.61 4.11
C VAL D 392 16.39 13.81 4.21
N ALA D 393 16.87 14.55 5.21
CA ALA D 393 18.31 14.66 5.52
C ALA D 393 18.60 13.92 6.83
N VAL D 394 19.70 13.17 6.87
CA VAL D 394 20.22 12.52 8.12
C VAL D 394 21.57 13.13 8.49
N TYR D 395 21.63 13.75 9.66
CA TYR D 395 22.86 14.28 10.31
C TYR D 395 23.29 13.25 11.36
N MET D 396 24.53 12.79 11.28
CA MET D 396 25.02 11.69 12.14
C MET D 396 26.34 12.10 12.78
N SER D 397 26.45 11.92 14.09
CA SER D 397 27.72 11.92 14.84
C SER D 397 27.86 10.57 15.58
N SER D 398 29.04 9.95 15.54
CA SER D 398 29.35 8.70 16.27
C SER D 398 30.86 8.66 16.60
N PHE D 399 31.20 8.60 17.89
CA PHE D 399 32.58 8.66 18.43
C PHE D 399 32.59 8.00 19.80
N THR D 400 33.72 7.41 20.18
CA THR D 400 34.00 6.95 21.55
C THR D 400 34.28 8.18 22.38
N PRO D 401 33.46 8.53 23.40
CA PRO D 401 33.77 9.68 24.25
C PRO D 401 35.15 9.52 24.89
N LEU D 402 35.81 10.65 25.14
CA LEU D 402 37.18 10.74 25.70
C LEU D 402 37.24 9.98 27.03
N MET D 403 36.24 10.14 27.90
CA MET D 403 36.28 9.54 29.27
C MET D 403 36.35 8.01 29.17
N HIS D 404 35.85 7.42 28.09
CA HIS D 404 35.85 5.95 27.84
C HIS D 404 37.15 5.48 27.17
N ASN D 405 38.00 6.39 26.68
CA ASN D 405 39.38 6.01 26.26
C ASN D 405 40.18 5.80 27.56
N ILE D 406 39.95 6.66 28.55
CA ILE D 406 40.58 6.61 29.90
C ILE D 406 40.00 5.43 30.70
N SER D 407 38.67 5.21 30.66
CA SER D 407 37.98 4.17 31.47
C SER D 407 38.36 2.77 30.99
N GLY D 408 38.63 2.61 29.69
CA GLY D 408 38.93 1.32 29.05
C GLY D 408 37.69 0.72 28.40
N SER D 409 36.55 1.41 28.43
CA SER D 409 35.28 0.94 27.82
C SER D 409 35.18 1.46 26.39
N LYS D 410 36.16 1.14 25.54
CA LYS D 410 36.35 1.75 24.19
C LYS D 410 35.24 1.33 23.24
N TYR D 411 34.57 0.20 23.51
CA TYR D 411 33.37 -0.25 22.76
C TYR D 411 32.20 0.73 22.94
N LYS D 412 32.22 1.59 23.95
CA LYS D 412 31.02 2.43 24.28
C LYS D 412 30.95 3.63 23.33
N LYS D 413 30.49 3.42 22.10
CA LYS D 413 30.30 4.48 21.08
C LYS D 413 29.07 5.31 21.44
N PHE D 414 29.19 6.64 21.46
CA PHE D 414 28.06 7.59 21.49
C PHE D 414 27.57 7.78 20.05
N VAL D 415 26.27 7.67 19.82
CA VAL D 415 25.62 7.94 18.50
C VAL D 415 24.60 9.05 18.71
N ALA D 416 24.62 10.07 17.85
CA ALA D 416 23.61 11.13 17.75
C ALA D 416 23.16 11.25 16.28
N LYS D 417 21.87 11.07 16.01
CA LYS D 417 21.25 11.28 14.68
C LYS D 417 20.04 12.23 14.75
N ILE D 418 20.02 13.22 13.84
CA ILE D 418 18.85 14.10 13.56
C ILE D 418 18.32 13.79 12.16
N VAL D 419 17.05 13.44 12.06
CA VAL D 419 16.31 13.23 10.78
C VAL D 419 15.50 14.50 10.47
N THR D 420 15.73 15.14 9.31
CA THR D 420 14.96 16.34 8.86
C THR D 420 14.15 16.07 7.60
N ASN D 421 13.08 16.82 7.49
CA ASN D 421 12.45 17.16 6.20
C ASN D 421 13.36 18.21 5.54
N HIS D 422 14.17 17.83 4.55
CA HIS D 422 15.20 18.71 3.92
C HIS D 422 14.55 19.93 3.20
N SER D 423 13.31 19.83 2.74
CA SER D 423 12.61 20.94 2.04
C SER D 423 12.41 22.15 2.97
N ASP D 424 12.18 21.97 4.27
CA ASP D 424 12.08 23.16 5.18
C ASP D 424 13.03 23.07 6.37
N GLY D 425 13.73 21.94 6.53
CA GLY D 425 14.66 21.70 7.65
C GLY D 425 13.95 21.27 8.94
N THR D 426 12.65 21.00 8.90
CA THR D 426 11.91 20.59 10.12
C THR D 426 12.53 19.28 10.62
N VAL D 427 12.89 19.25 11.90
CA VAL D 427 13.37 18.02 12.59
C VAL D 427 12.16 17.09 12.76
N LEU D 428 12.28 15.88 12.26
CA LEU D 428 11.26 14.82 12.32
C LEU D 428 11.61 13.81 13.42
N GLY D 429 12.91 13.64 13.70
CA GLY D 429 13.39 12.62 14.66
C GLY D 429 14.79 12.90 15.18
N VAL D 430 15.02 12.62 16.46
CA VAL D 430 16.34 12.67 17.14
C VAL D 430 16.56 11.31 17.82
N HIS D 431 17.75 10.72 17.64
CA HIS D 431 18.07 9.36 18.11
C HIS D 431 19.46 9.38 18.76
N LEU D 432 19.54 8.92 20.01
CA LEU D 432 20.72 9.05 20.88
C LEU D 432 21.00 7.70 21.54
N LEU D 433 22.25 7.30 21.50
CA LEU D 433 22.81 6.20 22.31
C LEU D 433 24.03 6.72 23.05
N GLY D 434 24.05 6.60 24.38
CA GLY D 434 25.20 6.96 25.24
C GLY D 434 24.72 7.50 26.58
N ASP D 435 25.66 7.74 27.50
CA ASP D 435 25.34 8.13 28.89
C ASP D 435 24.53 9.42 28.83
N GLY D 436 23.44 9.51 29.61
CA GLY D 436 22.61 10.72 29.69
C GLY D 436 21.63 10.88 28.53
N ALA D 437 21.54 9.93 27.61
CA ALA D 437 20.64 9.99 26.41
C ALA D 437 19.19 10.20 26.85
N PRO D 438 18.62 9.47 27.83
CA PRO D 438 17.25 9.71 28.29
C PRO D 438 17.03 11.12 28.87
N GLU D 439 18.06 11.64 29.54
CA GLU D 439 18.05 13.00 30.15
C GLU D 439 18.11 14.04 29.01
N ILE D 440 18.99 13.85 28.03
CA ILE D 440 19.15 14.78 26.87
C ILE D 440 17.84 14.88 26.08
N ILE D 441 17.11 13.77 25.87
CA ILE D 441 16.01 13.72 24.87
C ILE D 441 14.74 14.44 25.37
N GLN D 442 14.57 14.68 26.67
CA GLN D 442 13.29 15.24 27.21
C GLN D 442 12.98 16.59 26.57
N ALA D 443 13.93 17.53 26.65
CA ALA D 443 13.71 18.90 26.15
C ALA D 443 13.71 18.89 24.60
N VAL D 444 14.27 17.85 23.97
CA VAL D 444 14.21 17.64 22.51
C VAL D 444 12.74 17.41 22.13
N GLY D 445 12.01 16.63 22.93
CA GLY D 445 10.56 16.44 22.77
C GLY D 445 9.84 17.77 22.67
N VAL D 446 10.22 18.72 23.50
CA VAL D 446 9.63 20.09 23.54
C VAL D 446 9.99 20.80 22.23
N CYS D 447 11.24 20.67 21.80
CA CYS D 447 11.74 21.24 20.52
C CYS D 447 10.86 20.77 19.34
N LEU D 448 10.58 19.49 19.29
CA LEU D 448 9.79 18.93 18.17
C LEU D 448 8.34 19.40 18.31
N ARG D 449 7.79 19.52 19.52
CA ARG D 449 6.39 20.03 19.65
C ARG D 449 6.38 21.49 19.16
N LEU D 450 7.52 22.19 19.16
CA LEU D 450 7.65 23.60 18.69
C LEU D 450 8.06 23.66 17.22
N ASN D 451 8.19 22.52 16.52
CA ASN D 451 8.51 22.48 15.07
C ASN D 451 9.87 23.10 14.82
N ALA D 452 10.84 22.79 15.68
CA ALA D 452 12.24 23.24 15.54
C ALA D 452 12.80 22.70 14.21
N LYS D 453 13.64 23.53 13.60
CA LYS D 453 14.38 23.20 12.35
C LYS D 453 15.83 22.93 12.73
N ILE D 454 16.55 22.16 11.91
CA ILE D 454 17.99 21.85 12.16
C ILE D 454 18.72 23.17 12.47
N SER D 455 18.33 24.27 11.80
CA SER D 455 18.98 25.60 12.00
C SER D 455 18.72 26.12 13.42
N ASP D 456 17.58 25.80 14.04
CA ASP D 456 17.33 26.23 15.45
C ASP D 456 18.32 25.49 16.35
N PHE D 457 18.63 24.22 16.04
CA PHE D 457 19.64 23.42 16.77
C PHE D 457 21.04 24.02 16.56
N TYR D 458 21.55 24.07 15.32
CA TYR D 458 22.97 24.42 15.04
C TYR D 458 23.19 25.92 15.26
N ASN D 459 22.15 26.75 15.32
CA ASN D 459 22.31 28.19 15.69
C ASN D 459 22.18 28.36 17.21
N THR D 460 21.84 27.31 17.97
CA THR D 460 21.92 27.33 19.47
C THR D 460 23.38 27.11 19.90
N ILE D 461 23.86 27.90 20.84
CA ILE D 461 25.25 27.83 21.37
C ILE D 461 25.38 26.58 22.26
N GLY D 462 26.35 25.72 21.96
CA GLY D 462 26.60 24.48 22.71
C GLY D 462 26.93 24.76 24.17
N VAL D 463 26.56 23.81 25.05
CA VAL D 463 27.07 23.67 26.45
C VAL D 463 28.27 22.74 26.34
N HIS D 464 29.46 23.15 26.80
CA HIS D 464 30.73 22.40 26.65
C HIS D 464 31.35 22.17 28.03
N PRO D 465 31.96 21.00 28.30
CA PRO D 465 31.89 19.82 27.43
C PRO D 465 30.74 18.88 27.82
N THR D 466 29.83 18.58 26.88
CA THR D 466 28.70 17.63 27.05
C THR D 466 28.63 16.74 25.80
N SER D 467 28.01 15.57 25.93
CA SER D 467 27.53 14.77 24.76
C SER D 467 26.43 15.51 23.99
N ALA D 468 25.55 16.23 24.70
CA ALA D 468 24.33 16.90 24.17
C ALA D 468 24.68 17.94 23.09
N GLU D 469 25.83 18.62 23.21
CA GLU D 469 26.18 19.74 22.30
C GLU D 469 26.44 19.21 20.88
N GLU D 470 26.59 17.89 20.70
CA GLU D 470 26.68 17.24 19.35
C GLU D 470 25.46 17.60 18.50
N LEU D 471 24.29 17.79 19.14
CA LEU D 471 22.99 18.07 18.49
C LEU D 471 23.01 19.46 17.85
N CYS D 472 23.82 20.38 18.40
CA CYS D 472 23.89 21.82 18.08
C CYS D 472 25.13 22.10 17.21
N SER D 473 25.73 21.04 16.68
CA SER D 473 27.07 21.07 16.02
C SER D 473 27.06 20.40 14.64
N MET D 474 25.90 19.94 14.17
CA MET D 474 25.74 19.21 12.89
C MET D 474 25.02 20.13 11.89
N ARG D 475 25.77 20.64 10.90
CA ARG D 475 25.35 21.70 9.95
C ARG D 475 25.07 21.10 8.56
N THR D 476 25.75 20.00 8.22
CA THR D 476 25.83 19.39 6.88
C THR D 476 25.37 17.93 6.96
N PRO D 477 24.35 17.53 6.18
CA PRO D 477 23.88 16.14 6.25
C PRO D 477 25.01 15.13 6.04
N SER D 478 24.90 13.93 6.60
CA SER D 478 25.78 12.76 6.33
C SER D 478 25.25 12.01 5.10
N TYR D 479 23.93 12.03 4.88
CA TYR D 479 23.27 11.45 3.69
C TYR D 479 21.79 11.90 3.60
N TYR D 480 21.11 11.49 2.52
CA TYR D 480 19.74 11.90 2.19
C TYR D 480 18.90 10.68 1.81
N TYR D 481 17.58 10.85 1.79
CA TYR D 481 16.63 9.96 1.09
C TYR D 481 15.80 10.83 0.15
N VAL D 482 15.76 10.46 -1.14
CA VAL D 482 14.94 11.12 -2.20
C VAL D 482 14.00 10.05 -2.77
N LYS D 483 12.69 10.32 -2.72
CA LYS D 483 11.57 9.40 -3.10
C LYS D 483 11.50 8.24 -2.09
N GLY D 484 12.64 7.63 -1.76
CA GLY D 484 12.76 6.69 -0.62
C GLY D 484 14.04 5.86 -0.67
N GLU D 485 15.08 6.34 -1.34
CA GLU D 485 16.36 5.59 -1.51
C GLU D 485 17.49 6.45 -0.97
N LYS D 486 18.53 5.82 -0.43
CA LYS D 486 19.68 6.48 0.26
C LYS D 486 20.74 6.95 -0.74
N MET D 487 21.32 8.13 -0.53
CA MET D 487 22.47 8.69 -1.31
C MET D 487 23.21 9.74 -0.46
N GLU D 488 24.52 9.90 -0.70
CA GLU D 488 25.48 10.67 0.15
C GLU D 488 25.45 12.17 -0.21
N LYS D 489 25.21 12.48 -1.49
CA LYS D 489 25.03 13.85 -2.05
C LYS D 489 23.67 13.94 -2.75
N LEU D 490 23.16 15.16 -2.98
CA LEU D 490 21.85 15.40 -3.65
C LEU D 490 22.09 15.51 -5.16
N PRO D 491 21.16 14.99 -6.01
CA PRO D 491 21.31 15.02 -7.47
C PRO D 491 22.00 16.26 -8.07
#